data_4R1E
# 
_entry.id   4R1E 
# 
_audit_conform.dict_name       mmcif_pdbx.dic 
_audit_conform.dict_version    5.399 
_audit_conform.dict_location   http://mmcif.pdb.org/dictionaries/ascii/mmcif_pdbx.dic 
# 
loop_
_database_2.database_id 
_database_2.database_code 
_database_2.pdbx_database_accession 
_database_2.pdbx_DOI 
PDB   4R1E         pdb_00004r1e 10.2210/pdb4r1e/pdb 
RCSB  RCSB086777   ?            ?                   
WWPDB D_1000086777 ?            ?                   
# 
loop_
_pdbx_audit_revision_history.ordinal 
_pdbx_audit_revision_history.data_content_type 
_pdbx_audit_revision_history.major_revision 
_pdbx_audit_revision_history.minor_revision 
_pdbx_audit_revision_history.revision_date 
1 'Structure model' 1 0 2014-11-12 
2 'Structure model' 1 1 2015-01-14 
3 'Structure model' 1 2 2017-08-23 
4 'Structure model' 1 3 2017-11-22 
5 'Structure model' 1 4 2023-09-20 
6 'Structure model' 1 5 2024-12-25 
# 
_pdbx_audit_revision_details.ordinal             1 
_pdbx_audit_revision_details.revision_ordinal    1 
_pdbx_audit_revision_details.data_content_type   'Structure model' 
_pdbx_audit_revision_details.provider            repository 
_pdbx_audit_revision_details.type                'Initial release' 
_pdbx_audit_revision_details.description         ? 
_pdbx_audit_revision_details.details             ? 
# 
loop_
_pdbx_audit_revision_group.ordinal 
_pdbx_audit_revision_group.revision_ordinal 
_pdbx_audit_revision_group.data_content_type 
_pdbx_audit_revision_group.group 
1  2 'Structure model' 'Database references'    
2  3 'Structure model' 'Data collection'        
3  4 'Structure model' 'Refinement description' 
4  5 'Structure model' 'Data collection'        
5  5 'Structure model' 'Database references'    
6  5 'Structure model' 'Derived calculations'   
7  5 'Structure model' 'Refinement description' 
8  6 'Structure model' Advisory                 
9  6 'Structure model' 'Derived calculations'   
10 6 'Structure model' 'Structure summary'      
# 
loop_
_pdbx_audit_revision_category.ordinal 
_pdbx_audit_revision_category.revision_ordinal 
_pdbx_audit_revision_category.data_content_type 
_pdbx_audit_revision_category.category 
1  3 'Structure model' diffrn_detector               
2  4 'Structure model' software                      
3  5 'Structure model' chem_comp_atom                
4  5 'Structure model' chem_comp_bond                
5  5 'Structure model' database_2                    
6  5 'Structure model' pdbx_initial_refinement_model 
7  5 'Structure model' struct_conn                   
8  5 'Structure model' struct_ref_seq_dif            
9  5 'Structure model' struct_site                   
10 6 'Structure model' pdbx_entry_details            
11 6 'Structure model' pdbx_validate_close_contact   
12 6 'Structure model' struct_conn                   
# 
loop_
_pdbx_audit_revision_item.ordinal 
_pdbx_audit_revision_item.revision_ordinal 
_pdbx_audit_revision_item.data_content_type 
_pdbx_audit_revision_item.item 
1  3 'Structure model' '_diffrn_detector.detector'                    
2  4 'Structure model' '_software.classification'                     
3  4 'Structure model' '_software.name'                               
4  5 'Structure model' '_database_2.pdbx_DOI'                         
5  5 'Structure model' '_database_2.pdbx_database_accession'          
6  5 'Structure model' '_struct_conn.pdbx_leaving_atom_flag'          
7  5 'Structure model' '_struct_ref_seq_dif.details'                  
8  5 'Structure model' '_struct_site.pdbx_auth_asym_id'               
9  5 'Structure model' '_struct_site.pdbx_auth_comp_id'               
10 5 'Structure model' '_struct_site.pdbx_auth_seq_id'                
11 6 'Structure model' '_pdbx_entry_details.has_protein_modification' 
# 
_pdbx_database_status.status_code                     REL 
_pdbx_database_status.entry_id                        4R1E 
_pdbx_database_status.recvd_initial_deposition_date   2014-08-05 
_pdbx_database_status.deposit_site                    RCSB 
_pdbx_database_status.process_site                    RCSB 
_pdbx_database_status.status_code_sf                  REL 
_pdbx_database_status.status_code_mr                  ? 
_pdbx_database_status.SG_entry                        ? 
_pdbx_database_status.status_code_cs                  ? 
_pdbx_database_status.methods_development_category    ? 
_pdbx_database_status.pdb_format_compatible           Y 
_pdbx_database_status.status_code_nmr_data            ? 
# 
loop_
_pdbx_database_related.db_name 
_pdbx_database_related.db_id 
_pdbx_database_related.details 
_pdbx_database_related.content_type 
PDB 4AOM 'The same protein in complex with the wild-type myoA tail peptide'             unspecified 
PDB 4MZJ 'The same protein in complex with a stapled myoA tail peptide'                 unspecified 
PDB 4MZK 'The same protein in complex with a stapled myoA tail peptide'                 unspecified 
PDB 4MZL 'The same protein in complex with a hydrogen bond surrogate myoA tail peptide' unspecified 
# 
loop_
_audit_author.name 
_audit_author.pdbx_ordinal 
'Douse, C.H.'  1 
'Vrielink, N.' 2 
'Cota, E.'     3 
'Tate, E.W.'   4 
# 
_citation.id                        primary 
_citation.title                     
'Targeting a Dynamic Protein-Protein Interaction: Fragment Screening against the Malaria Myosin A Motor Complex.' 
_citation.journal_abbrev            Chemmedchem 
_citation.journal_volume            10 
_citation.page_first                134 
_citation.page_last                 143 
_citation.year                      2015 
_citation.journal_id_ASTM           ? 
_citation.country                   DE 
_citation.journal_id_ISSN           1860-7179 
_citation.journal_id_CSD            ? 
_citation.book_publisher            ? 
_citation.pdbx_database_id_PubMed   25367834 
_citation.pdbx_database_id_DOI      10.1002/cmdc.201402357 
# 
loop_
_citation_author.citation_id 
_citation_author.name 
_citation_author.ordinal 
_citation_author.identifier_ORCID 
primary 'Douse, C.H.'  1 ? 
primary 'Vrielink, N.' 2 ? 
primary 'Wenlin, Z.'   3 ? 
primary 'Cota, E.'     4 ? 
primary 'Tate, E.W.'   5 ? 
# 
loop_
_entity.id 
_entity.type 
_entity.src_method 
_entity.pdbx_description 
_entity.formula_weight 
_entity.pdbx_number_of_molecules 
_entity.pdbx_ec 
_entity.pdbx_mutation 
_entity.pdbx_fragment 
_entity.details 
1 polymer     man 'Myosin A tail domain interacting protein'               16498.234 1  ? ? 'unp residues 61-204'  ? 
2 polymer     syn Myosin-A                                                 1741.176  1  ? ? 'unp residues 803-816' ? 
3 non-polymer syn '5-{[(2-aminoethyl)sulfanyl]methyl}furan-2-carbaldehyde' 185.243   1  ? ? ?                      ? 
4 water       nat water                                                    18.015    67 ? ? ?                      ? 
# 
_entity_name_com.entity_id   2 
_entity_name_com.name        PfM-A 
# 
loop_
_entity_poly.entity_id 
_entity_poly.type 
_entity_poly.nstd_linkage 
_entity_poly.nstd_monomer 
_entity_poly.pdbx_seq_one_letter_code 
_entity_poly.pdbx_seq_one_letter_code_can 
_entity_poly.pdbx_strand_id 
_entity_poly.pdbx_target_identifier 
1 'polypeptide(L)' no no 
;GSVADIQQLEEKVDESDVRIYFNEKSSGGKISIDNASYNARKLGLAPSSIDEKKIKELYGDNLTYEQYLEYLSICVHDKD
NVEELIKMFAHFDNNCTGYLTKSQMKNILTTWGDALTDQEAIDALNAFSSEDNIDYKLFCEDILQ
;
;GSVADIQQLEEKVDESDVRIYFNEKSSGGKISIDNASYNARKLGLAPSSIDEKKIKELYGDNLTYEQYLEYLSICVHDKD
NVEELIKMFAHFDNNCTGYLTKSQMKNILTTWGDALTDQEAIDALNAFSSEDNIDYKLFCEDILQ
;
A ? 
2 'polypeptide(L)' no no GSLLRVQAHIRKKMV GSLLRVQAHIRKKMV B ? 
# 
loop_
_pdbx_entity_nonpoly.entity_id 
_pdbx_entity_nonpoly.name 
_pdbx_entity_nonpoly.comp_id 
3 '5-{[(2-aminoethyl)sulfanyl]methyl}furan-2-carbaldehyde' 3EC 
4 water                                                    HOH 
# 
loop_
_entity_poly_seq.entity_id 
_entity_poly_seq.num 
_entity_poly_seq.mon_id 
_entity_poly_seq.hetero 
1 1   GLY n 
1 2   SER n 
1 3   VAL n 
1 4   ALA n 
1 5   ASP n 
1 6   ILE n 
1 7   GLN n 
1 8   GLN n 
1 9   LEU n 
1 10  GLU n 
1 11  GLU n 
1 12  LYS n 
1 13  VAL n 
1 14  ASP n 
1 15  GLU n 
1 16  SER n 
1 17  ASP n 
1 18  VAL n 
1 19  ARG n 
1 20  ILE n 
1 21  TYR n 
1 22  PHE n 
1 23  ASN n 
1 24  GLU n 
1 25  LYS n 
1 26  SER n 
1 27  SER n 
1 28  GLY n 
1 29  GLY n 
1 30  LYS n 
1 31  ILE n 
1 32  SER n 
1 33  ILE n 
1 34  ASP n 
1 35  ASN n 
1 36  ALA n 
1 37  SER n 
1 38  TYR n 
1 39  ASN n 
1 40  ALA n 
1 41  ARG n 
1 42  LYS n 
1 43  LEU n 
1 44  GLY n 
1 45  LEU n 
1 46  ALA n 
1 47  PRO n 
1 48  SER n 
1 49  SER n 
1 50  ILE n 
1 51  ASP n 
1 52  GLU n 
1 53  LYS n 
1 54  LYS n 
1 55  ILE n 
1 56  LYS n 
1 57  GLU n 
1 58  LEU n 
1 59  TYR n 
1 60  GLY n 
1 61  ASP n 
1 62  ASN n 
1 63  LEU n 
1 64  THR n 
1 65  TYR n 
1 66  GLU n 
1 67  GLN n 
1 68  TYR n 
1 69  LEU n 
1 70  GLU n 
1 71  TYR n 
1 72  LEU n 
1 73  SER n 
1 74  ILE n 
1 75  CYS n 
1 76  VAL n 
1 77  HIS n 
1 78  ASP n 
1 79  LYS n 
1 80  ASP n 
1 81  ASN n 
1 82  VAL n 
1 83  GLU n 
1 84  GLU n 
1 85  LEU n 
1 86  ILE n 
1 87  LYS n 
1 88  MET n 
1 89  PHE n 
1 90  ALA n 
1 91  HIS n 
1 92  PHE n 
1 93  ASP n 
1 94  ASN n 
1 95  ASN n 
1 96  CYS n 
1 97  THR n 
1 98  GLY n 
1 99  TYR n 
1 100 LEU n 
1 101 THR n 
1 102 LYS n 
1 103 SER n 
1 104 GLN n 
1 105 MET n 
1 106 LYS n 
1 107 ASN n 
1 108 ILE n 
1 109 LEU n 
1 110 THR n 
1 111 THR n 
1 112 TRP n 
1 113 GLY n 
1 114 ASP n 
1 115 ALA n 
1 116 LEU n 
1 117 THR n 
1 118 ASP n 
1 119 GLN n 
1 120 GLU n 
1 121 ALA n 
1 122 ILE n 
1 123 ASP n 
1 124 ALA n 
1 125 LEU n 
1 126 ASN n 
1 127 ALA n 
1 128 PHE n 
1 129 SER n 
1 130 SER n 
1 131 GLU n 
1 132 ASP n 
1 133 ASN n 
1 134 ILE n 
1 135 ASP n 
1 136 TYR n 
1 137 LYS n 
1 138 LEU n 
1 139 PHE n 
1 140 CYS n 
1 141 GLU n 
1 142 ASP n 
1 143 ILE n 
1 144 LEU n 
1 145 GLN n 
2 1   GLY n 
2 2   SER n 
2 3   LEU n 
2 4   LEU n 
2 5   ARG n 
2 6   VAL n 
2 7   GLN n 
2 8   ALA n 
2 9   HIS n 
2 10  ILE n 
2 11  ARG n 
2 12  LYS n 
2 13  LYS n 
2 14  MET n 
2 15  VAL n 
# 
_entity_src_gen.entity_id                          1 
_entity_src_gen.pdbx_src_id                        1 
_entity_src_gen.pdbx_alt_source_flag               sample 
_entity_src_gen.pdbx_seq_type                      ? 
_entity_src_gen.pdbx_beg_seq_num                   ? 
_entity_src_gen.pdbx_end_seq_num                   ? 
_entity_src_gen.gene_src_common_name               ? 
_entity_src_gen.gene_src_genus                     ? 
_entity_src_gen.pdbx_gene_src_gene                 'MTIP, PFL2225w' 
_entity_src_gen.gene_src_species                   ? 
_entity_src_gen.gene_src_strain                    'Isolate 3D7' 
_entity_src_gen.gene_src_tissue                    ? 
_entity_src_gen.gene_src_tissue_fraction           ? 
_entity_src_gen.gene_src_details                   ? 
_entity_src_gen.pdbx_gene_src_fragment             ? 
_entity_src_gen.pdbx_gene_src_scientific_name      'Plasmodium falciparum' 
_entity_src_gen.pdbx_gene_src_ncbi_taxonomy_id     36329 
_entity_src_gen.pdbx_gene_src_variant              ? 
_entity_src_gen.pdbx_gene_src_cell_line            ? 
_entity_src_gen.pdbx_gene_src_atcc                 ? 
_entity_src_gen.pdbx_gene_src_organ                ? 
_entity_src_gen.pdbx_gene_src_organelle            ? 
_entity_src_gen.pdbx_gene_src_cell                 ? 
_entity_src_gen.pdbx_gene_src_cellular_location    ? 
_entity_src_gen.host_org_common_name               ? 
_entity_src_gen.pdbx_host_org_scientific_name      'Escherichia coli' 
_entity_src_gen.pdbx_host_org_ncbi_taxonomy_id     469008 
_entity_src_gen.host_org_genus                     ? 
_entity_src_gen.pdbx_host_org_gene                 ? 
_entity_src_gen.pdbx_host_org_organ                ? 
_entity_src_gen.host_org_species                   ? 
_entity_src_gen.pdbx_host_org_tissue               ? 
_entity_src_gen.pdbx_host_org_tissue_fraction      ? 
_entity_src_gen.pdbx_host_org_strain               'BL21 (DE3)' 
_entity_src_gen.pdbx_host_org_variant              ? 
_entity_src_gen.pdbx_host_org_cell_line            ? 
_entity_src_gen.pdbx_host_org_atcc                 ? 
_entity_src_gen.pdbx_host_org_culture_collection   ? 
_entity_src_gen.pdbx_host_org_cell                 ? 
_entity_src_gen.pdbx_host_org_organelle            ? 
_entity_src_gen.pdbx_host_org_cellular_location    ? 
_entity_src_gen.pdbx_host_org_vector_type          Plasmid 
_entity_src_gen.pdbx_host_org_vector               ? 
_entity_src_gen.host_org_details                   ? 
_entity_src_gen.expression_system_id               ? 
_entity_src_gen.plasmid_name                       pRSETA 
_entity_src_gen.plasmid_details                    ? 
_entity_src_gen.pdbx_description                   ? 
# 
_pdbx_entity_src_syn.entity_id              2 
_pdbx_entity_src_syn.pdbx_src_id            1 
_pdbx_entity_src_syn.pdbx_alt_source_flag   sample 
_pdbx_entity_src_syn.pdbx_beg_seq_num       ? 
_pdbx_entity_src_syn.pdbx_end_seq_num       ? 
_pdbx_entity_src_syn.organism_scientific    'Plasmodium falciparum Isolate 3D7' 
_pdbx_entity_src_syn.organism_common_name   ? 
_pdbx_entity_src_syn.ncbi_taxonomy_id       36329 
_pdbx_entity_src_syn.details                ? 
# 
loop_
_chem_comp.id 
_chem_comp.type 
_chem_comp.mon_nstd_flag 
_chem_comp.name 
_chem_comp.pdbx_synonyms 
_chem_comp.formula 
_chem_comp.formula_weight 
3EC non-polymer         . '5-{[(2-aminoethyl)sulfanyl]methyl}furan-2-carbaldehyde' ? 'C8 H11 N O2 S'  185.243 
ALA 'L-peptide linking' y ALANINE                                                  ? 'C3 H7 N O2'     89.093  
ARG 'L-peptide linking' y ARGININE                                                 ? 'C6 H15 N4 O2 1' 175.209 
ASN 'L-peptide linking' y ASPARAGINE                                               ? 'C4 H8 N2 O3'    132.118 
ASP 'L-peptide linking' y 'ASPARTIC ACID'                                          ? 'C4 H7 N O4'     133.103 
CYS 'L-peptide linking' y CYSTEINE                                                 ? 'C3 H7 N O2 S'   121.158 
GLN 'L-peptide linking' y GLUTAMINE                                                ? 'C5 H10 N2 O3'   146.144 
GLU 'L-peptide linking' y 'GLUTAMIC ACID'                                          ? 'C5 H9 N O4'     147.129 
GLY 'peptide linking'   y GLYCINE                                                  ? 'C2 H5 N O2'     75.067  
HIS 'L-peptide linking' y HISTIDINE                                                ? 'C6 H10 N3 O2 1' 156.162 
HOH non-polymer         . WATER                                                    ? 'H2 O'           18.015  
ILE 'L-peptide linking' y ISOLEUCINE                                               ? 'C6 H13 N O2'    131.173 
LEU 'L-peptide linking' y LEUCINE                                                  ? 'C6 H13 N O2'    131.173 
LYS 'L-peptide linking' y LYSINE                                                   ? 'C6 H15 N2 O2 1' 147.195 
MET 'L-peptide linking' y METHIONINE                                               ? 'C5 H11 N O2 S'  149.211 
PHE 'L-peptide linking' y PHENYLALANINE                                            ? 'C9 H11 N O2'    165.189 
PRO 'L-peptide linking' y PROLINE                                                  ? 'C5 H9 N O2'     115.130 
SER 'L-peptide linking' y SERINE                                                   ? 'C3 H7 N O3'     105.093 
THR 'L-peptide linking' y THREONINE                                                ? 'C4 H9 N O3'     119.119 
TRP 'L-peptide linking' y TRYPTOPHAN                                               ? 'C11 H12 N2 O2'  204.225 
TYR 'L-peptide linking' y TYROSINE                                                 ? 'C9 H11 N O3'    181.189 
VAL 'L-peptide linking' y VALINE                                                   ? 'C5 H11 N O2'    117.146 
# 
loop_
_pdbx_poly_seq_scheme.asym_id 
_pdbx_poly_seq_scheme.entity_id 
_pdbx_poly_seq_scheme.seq_id 
_pdbx_poly_seq_scheme.mon_id 
_pdbx_poly_seq_scheme.ndb_seq_num 
_pdbx_poly_seq_scheme.pdb_seq_num 
_pdbx_poly_seq_scheme.auth_seq_num 
_pdbx_poly_seq_scheme.pdb_mon_id 
_pdbx_poly_seq_scheme.auth_mon_id 
_pdbx_poly_seq_scheme.pdb_strand_id 
_pdbx_poly_seq_scheme.pdb_ins_code 
_pdbx_poly_seq_scheme.hetero 
A 1 1   GLY 1   60  ?   ?   ?   A . n 
A 1 2   SER 2   61  61  SER SER A . n 
A 1 3   VAL 3   62  62  VAL VAL A . n 
A 1 4   ALA 4   63  63  ALA ALA A . n 
A 1 5   ASP 5   64  64  ASP ASP A . n 
A 1 6   ILE 6   65  65  ILE ILE A . n 
A 1 7   GLN 7   66  66  GLN GLN A . n 
A 1 8   GLN 8   67  67  GLN GLN A . n 
A 1 9   LEU 9   68  68  LEU LEU A . n 
A 1 10  GLU 10  69  ?   ?   ?   A . n 
A 1 11  GLU 11  70  ?   ?   ?   A . n 
A 1 12  LYS 12  71  71  LYS LYS A . n 
A 1 13  VAL 13  72  72  VAL VAL A . n 
A 1 14  ASP 14  73  73  ASP ASP A . n 
A 1 15  GLU 15  74  74  GLU GLU A . n 
A 1 16  SER 16  75  75  SER SER A . n 
A 1 17  ASP 17  76  76  ASP ASP A . n 
A 1 18  VAL 18  77  77  VAL VAL A . n 
A 1 19  ARG 19  78  78  ARG ARG A . n 
A 1 20  ILE 20  79  79  ILE ILE A . n 
A 1 21  TYR 21  80  80  TYR TYR A . n 
A 1 22  PHE 22  81  81  PHE PHE A . n 
A 1 23  ASN 23  82  82  ASN ASN A . n 
A 1 24  GLU 24  83  83  GLU GLU A . n 
A 1 25  LYS 25  84  84  LYS LYS A . n 
A 1 26  SER 26  85  85  SER SER A . n 
A 1 27  SER 27  86  86  SER SER A . n 
A 1 28  GLY 28  87  87  GLY GLY A . n 
A 1 29  GLY 29  88  88  GLY GLY A . n 
A 1 30  LYS 30  89  89  LYS LYS A . n 
A 1 31  ILE 31  90  90  ILE ILE A . n 
A 1 32  SER 32  91  91  SER SER A . n 
A 1 33  ILE 33  92  92  ILE ILE A . n 
A 1 34  ASP 34  93  93  ASP ASP A . n 
A 1 35  ASN 35  94  94  ASN ASN A . n 
A 1 36  ALA 36  95  95  ALA ALA A . n 
A 1 37  SER 37  96  96  SER SER A . n 
A 1 38  TYR 38  97  97  TYR TYR A . n 
A 1 39  ASN 39  98  98  ASN ASN A . n 
A 1 40  ALA 40  99  99  ALA ALA A . n 
A 1 41  ARG 41  100 100 ARG ARG A . n 
A 1 42  LYS 42  101 101 LYS LYS A . n 
A 1 43  LEU 43  102 102 LEU LEU A . n 
A 1 44  GLY 44  103 103 GLY GLY A . n 
A 1 45  LEU 45  104 104 LEU LEU A . n 
A 1 46  ALA 46  105 105 ALA ALA A . n 
A 1 47  PRO 47  106 106 PRO PRO A . n 
A 1 48  SER 48  107 107 SER SER A . n 
A 1 49  SER 49  108 108 SER SER A . n 
A 1 50  ILE 50  109 109 ILE ILE A . n 
A 1 51  ASP 51  110 110 ASP ASP A . n 
A 1 52  GLU 52  111 111 GLU GLU A . n 
A 1 53  LYS 53  112 112 LYS LYS A . n 
A 1 54  LYS 54  113 113 LYS LYS A . n 
A 1 55  ILE 55  114 114 ILE ILE A . n 
A 1 56  LYS 56  115 115 LYS LYS A . n 
A 1 57  GLU 57  116 116 GLU GLU A . n 
A 1 58  LEU 58  117 117 LEU LEU A . n 
A 1 59  TYR 59  118 118 TYR TYR A . n 
A 1 60  GLY 60  119 119 GLY GLY A . n 
A 1 61  ASP 61  120 120 ASP ASP A . n 
A 1 62  ASN 62  121 121 ASN ASN A . n 
A 1 63  LEU 63  122 122 LEU LEU A . n 
A 1 64  THR 64  123 123 THR THR A . n 
A 1 65  TYR 65  124 124 TYR TYR A . n 
A 1 66  GLU 66  125 125 GLU GLU A . n 
A 1 67  GLN 67  126 126 GLN GLN A . n 
A 1 68  TYR 68  127 127 TYR TYR A . n 
A 1 69  LEU 69  128 128 LEU LEU A . n 
A 1 70  GLU 70  129 129 GLU GLU A . n 
A 1 71  TYR 71  130 130 TYR TYR A . n 
A 1 72  LEU 72  131 131 LEU LEU A . n 
A 1 73  SER 73  132 132 SER SER A . n 
A 1 74  ILE 74  133 133 ILE ILE A . n 
A 1 75  CYS 75  134 134 CYS CYS A . n 
A 1 76  VAL 76  135 135 VAL VAL A . n 
A 1 77  HIS 77  136 136 HIS HIS A . n 
A 1 78  ASP 78  137 137 ASP ASP A . n 
A 1 79  LYS 79  138 138 LYS LYS A . n 
A 1 80  ASP 80  139 139 ASP ASP A . n 
A 1 81  ASN 81  140 140 ASN ASN A . n 
A 1 82  VAL 82  141 141 VAL VAL A . n 
A 1 83  GLU 83  142 142 GLU GLU A . n 
A 1 84  GLU 84  143 143 GLU GLU A . n 
A 1 85  LEU 85  144 144 LEU LEU A . n 
A 1 86  ILE 86  145 145 ILE ILE A . n 
A 1 87  LYS 87  146 146 LYS LYS A . n 
A 1 88  MET 88  147 147 MET MET A . n 
A 1 89  PHE 89  148 148 PHE PHE A . n 
A 1 90  ALA 90  149 149 ALA ALA A . n 
A 1 91  HIS 91  150 150 HIS HIS A . n 
A 1 92  PHE 92  151 151 PHE PHE A . n 
A 1 93  ASP 93  152 152 ASP ASP A . n 
A 1 94  ASN 94  153 153 ASN ASN A . n 
A 1 95  ASN 95  154 154 ASN ASN A . n 
A 1 96  CYS 96  155 155 CYS CYS A . n 
A 1 97  THR 97  156 156 THR THR A . n 
A 1 98  GLY 98  157 157 GLY GLY A . n 
A 1 99  TYR 99  158 158 TYR TYR A . n 
A 1 100 LEU 100 159 159 LEU LEU A . n 
A 1 101 THR 101 160 160 THR THR A . n 
A 1 102 LYS 102 161 161 LYS LYS A . n 
A 1 103 SER 103 162 162 SER SER A . n 
A 1 104 GLN 104 163 163 GLN GLN A . n 
A 1 105 MET 105 164 164 MET MET A . n 
A 1 106 LYS 106 165 165 LYS LYS A . n 
A 1 107 ASN 107 166 166 ASN ASN A . n 
A 1 108 ILE 108 167 167 ILE ILE A . n 
A 1 109 LEU 109 168 168 LEU LEU A . n 
A 1 110 THR 110 169 169 THR THR A . n 
A 1 111 THR 111 170 170 THR THR A . n 
A 1 112 TRP 112 171 171 TRP TRP A . n 
A 1 113 GLY 113 172 172 GLY GLY A . n 
A 1 114 ASP 114 173 173 ASP ASP A . n 
A 1 115 ALA 115 174 174 ALA ALA A . n 
A 1 116 LEU 116 175 175 LEU LEU A . n 
A 1 117 THR 117 176 176 THR THR A . n 
A 1 118 ASP 118 177 177 ASP ASP A . n 
A 1 119 GLN 119 178 178 GLN GLN A . n 
A 1 120 GLU 120 179 179 GLU GLU A . n 
A 1 121 ALA 121 180 180 ALA ALA A . n 
A 1 122 ILE 122 181 181 ILE ILE A . n 
A 1 123 ASP 123 182 182 ASP ASP A . n 
A 1 124 ALA 124 183 183 ALA ALA A . n 
A 1 125 LEU 125 184 184 LEU LEU A . n 
A 1 126 ASN 126 185 185 ASN ASN A . n 
A 1 127 ALA 127 186 186 ALA ALA A . n 
A 1 128 PHE 128 187 187 PHE PHE A . n 
A 1 129 SER 129 188 188 SER SER A . n 
A 1 130 SER 130 189 189 SER SER A . n 
A 1 131 GLU 131 190 190 GLU GLU A . n 
A 1 132 ASP 132 191 191 ASP ASP A . n 
A 1 133 ASN 133 192 192 ASN ASN A . n 
A 1 134 ILE 134 193 193 ILE ILE A . n 
A 1 135 ASP 135 194 194 ASP ASP A . n 
A 1 136 TYR 136 195 195 TYR TYR A . n 
A 1 137 LYS 137 196 196 LYS LYS A . n 
A 1 138 LEU 138 197 197 LEU LEU A . n 
A 1 139 PHE 139 198 198 PHE PHE A . n 
A 1 140 CYS 140 199 199 CYS CYS A . n 
A 1 141 GLU 141 200 200 GLU GLU A . n 
A 1 142 ASP 142 201 201 ASP ASP A . n 
A 1 143 ILE 143 202 202 ILE ILE A . n 
A 1 144 LEU 144 203 203 LEU LEU A . n 
A 1 145 GLN 145 204 204 GLN GLN A . n 
B 2 1   GLY 1   802 802 GLY GLY B . n 
B 2 2   SER 2   803 803 SER SER B . n 
B 2 3   LEU 3   804 804 LEU LEU B . n 
B 2 4   LEU 4   805 805 LEU LEU B . n 
B 2 5   ARG 5   806 806 ARG ARG B . n 
B 2 6   VAL 6   807 807 VAL VAL B . n 
B 2 7   GLN 7   808 808 GLN GLN B . n 
B 2 8   ALA 8   809 809 ALA ALA B . n 
B 2 9   HIS 9   810 810 HIS HIS B . n 
B 2 10  ILE 10  811 811 ILE ILE B . n 
B 2 11  ARG 11  812 812 ARG ARG B . n 
B 2 12  LYS 12  813 813 LYS LYS B . n 
B 2 13  LYS 13  814 814 LYS LYS B . n 
B 2 14  MET 14  815 815 MET MET B . n 
B 2 15  VAL 15  816 816 VAL VAL B . n 
# 
loop_
_pdbx_nonpoly_scheme.asym_id 
_pdbx_nonpoly_scheme.entity_id 
_pdbx_nonpoly_scheme.mon_id 
_pdbx_nonpoly_scheme.ndb_seq_num 
_pdbx_nonpoly_scheme.pdb_seq_num 
_pdbx_nonpoly_scheme.auth_seq_num 
_pdbx_nonpoly_scheme.pdb_mon_id 
_pdbx_nonpoly_scheme.auth_mon_id 
_pdbx_nonpoly_scheme.pdb_strand_id 
_pdbx_nonpoly_scheme.pdb_ins_code 
C 3 3EC 1  901  1  3EC DRG B . 
D 4 HOH 1  301  1  HOH HOH A . 
D 4 HOH 2  302  2  HOH HOH A . 
D 4 HOH 3  303  3  HOH HOH A . 
D 4 HOH 4  304  4  HOH HOH A . 
D 4 HOH 5  305  5  HOH HOH A . 
D 4 HOH 6  306  6  HOH HOH A . 
D 4 HOH 7  307  8  HOH HOH A . 
D 4 HOH 8  308  10 HOH HOH A . 
D 4 HOH 9  309  11 HOH HOH A . 
D 4 HOH 10 310  12 HOH HOH A . 
D 4 HOH 11 311  13 HOH HOH A . 
D 4 HOH 12 312  14 HOH HOH A . 
D 4 HOH 13 313  15 HOH HOH A . 
D 4 HOH 14 314  16 HOH HOH A . 
D 4 HOH 15 315  17 HOH HOH A . 
D 4 HOH 16 316  18 HOH HOH A . 
D 4 HOH 17 317  19 HOH HOH A . 
D 4 HOH 18 318  20 HOH HOH A . 
D 4 HOH 19 319  21 HOH HOH A . 
D 4 HOH 20 320  22 HOH HOH A . 
D 4 HOH 21 321  23 HOH HOH A . 
D 4 HOH 22 322  24 HOH HOH A . 
D 4 HOH 23 323  25 HOH HOH A . 
D 4 HOH 24 324  26 HOH HOH A . 
D 4 HOH 25 325  27 HOH HOH A . 
D 4 HOH 26 326  28 HOH HOH A . 
D 4 HOH 27 327  29 HOH HOH A . 
D 4 HOH 28 328  30 HOH HOH A . 
D 4 HOH 29 329  31 HOH HOH A . 
D 4 HOH 30 330  32 HOH HOH A . 
D 4 HOH 31 331  33 HOH HOH A . 
D 4 HOH 32 332  34 HOH HOH A . 
D 4 HOH 33 333  35 HOH HOH A . 
D 4 HOH 34 334  36 HOH HOH A . 
D 4 HOH 35 335  37 HOH HOH A . 
D 4 HOH 36 336  38 HOH HOH A . 
D 4 HOH 37 337  39 HOH HOH A . 
D 4 HOH 38 338  40 HOH HOH A . 
D 4 HOH 39 339  41 HOH HOH A . 
D 4 HOH 40 340  42 HOH HOH A . 
D 4 HOH 41 341  43 HOH HOH A . 
D 4 HOH 42 342  44 HOH HOH A . 
D 4 HOH 43 343  45 HOH HOH A . 
D 4 HOH 44 344  46 HOH HOH A . 
D 4 HOH 45 345  47 HOH HOH A . 
D 4 HOH 46 346  48 HOH HOH A . 
D 4 HOH 47 347  49 HOH HOH A . 
D 4 HOH 48 348  51 HOH HOH A . 
D 4 HOH 49 349  52 HOH HOH A . 
D 4 HOH 50 350  53 HOH HOH A . 
D 4 HOH 51 351  54 HOH HOH A . 
D 4 HOH 52 352  55 HOH HOH A . 
D 4 HOH 53 353  56 HOH HOH A . 
D 4 HOH 54 354  57 HOH HOH A . 
D 4 HOH 55 355  58 HOH HOH A . 
D 4 HOH 56 356  59 HOH HOH A . 
D 4 HOH 57 357  60 HOH HOH A . 
D 4 HOH 58 358  62 HOH HOH A . 
D 4 HOH 59 359  63 HOH HOH A . 
D 4 HOH 60 360  64 HOH HOH A . 
D 4 HOH 61 361  65 HOH HOH A . 
D 4 HOH 62 362  66 HOH HOH A . 
D 4 HOH 63 363  67 HOH HOH A . 
E 4 HOH 1  1001 7  HOH HOH B . 
E 4 HOH 2  1002 9  HOH HOH B . 
E 4 HOH 3  1003 50 HOH HOH B . 
E 4 HOH 4  1004 61 HOH HOH B . 
# 
loop_
_pdbx_unobs_or_zero_occ_atoms.id 
_pdbx_unobs_or_zero_occ_atoms.PDB_model_num 
_pdbx_unobs_or_zero_occ_atoms.polymer_flag 
_pdbx_unobs_or_zero_occ_atoms.occupancy_flag 
_pdbx_unobs_or_zero_occ_atoms.auth_asym_id 
_pdbx_unobs_or_zero_occ_atoms.auth_comp_id 
_pdbx_unobs_or_zero_occ_atoms.auth_seq_id 
_pdbx_unobs_or_zero_occ_atoms.PDB_ins_code 
_pdbx_unobs_or_zero_occ_atoms.auth_atom_id 
_pdbx_unobs_or_zero_occ_atoms.label_alt_id 
_pdbx_unobs_or_zero_occ_atoms.label_asym_id 
_pdbx_unobs_or_zero_occ_atoms.label_comp_id 
_pdbx_unobs_or_zero_occ_atoms.label_seq_id 
_pdbx_unobs_or_zero_occ_atoms.label_atom_id 
1  1 Y 1 A SER 61  ? OG  ? A SER 2   OG  
2  1 Y 1 A VAL 62  ? CG1 ? A VAL 3   CG1 
3  1 Y 1 A VAL 62  ? CG2 ? A VAL 3   CG2 
4  1 Y 1 A ASP 64  ? CG  ? A ASP 5   CG  
5  1 Y 1 A ASP 64  ? OD1 ? A ASP 5   OD1 
6  1 Y 1 A ASP 64  ? OD2 ? A ASP 5   OD2 
7  1 Y 1 A ILE 65  ? CG1 ? A ILE 6   CG1 
8  1 Y 1 A ILE 65  ? CG2 ? A ILE 6   CG2 
9  1 Y 1 A ILE 65  ? CD1 ? A ILE 6   CD1 
10 1 Y 1 A GLN 66  ? CG  ? A GLN 7   CG  
11 1 Y 1 A GLN 66  ? CD  ? A GLN 7   CD  
12 1 Y 1 A GLN 66  ? OE1 ? A GLN 7   OE1 
13 1 Y 1 A GLN 66  ? NE2 ? A GLN 7   NE2 
14 1 Y 1 A GLN 67  ? CG  ? A GLN 8   CG  
15 1 Y 1 A GLN 67  ? CD  ? A GLN 8   CD  
16 1 Y 1 A GLN 67  ? OE1 ? A GLN 8   OE1 
17 1 Y 1 A GLN 67  ? NE2 ? A GLN 8   NE2 
18 1 Y 1 A LEU 68  ? CG  ? A LEU 9   CG  
19 1 Y 1 A LEU 68  ? CD1 ? A LEU 9   CD1 
20 1 Y 1 A LEU 68  ? CD2 ? A LEU 9   CD2 
21 1 Y 1 A LYS 71  ? CG  ? A LYS 12  CG  
22 1 Y 1 A LYS 71  ? CD  ? A LYS 12  CD  
23 1 Y 1 A LYS 71  ? CE  ? A LYS 12  CE  
24 1 Y 1 A LYS 71  ? NZ  ? A LYS 12  NZ  
25 1 Y 1 A VAL 72  ? CG1 ? A VAL 13  CG1 
26 1 Y 1 A VAL 72  ? CG2 ? A VAL 13  CG2 
27 1 Y 1 A ASP 73  ? CG  ? A ASP 14  CG  
28 1 Y 1 A ASP 73  ? OD1 ? A ASP 14  OD1 
29 1 Y 1 A ASP 73  ? OD2 ? A ASP 14  OD2 
30 1 Y 1 A GLU 74  ? CG  ? A GLU 15  CG  
31 1 Y 1 A GLU 74  ? CD  ? A GLU 15  CD  
32 1 Y 1 A GLU 74  ? OE1 ? A GLU 15  OE1 
33 1 Y 1 A GLU 74  ? OE2 ? A GLU 15  OE2 
34 1 Y 1 A LYS 89  ? CE  ? A LYS 30  CE  
35 1 Y 1 A LYS 89  ? NZ  ? A LYS 30  NZ  
36 1 Y 1 A LYS 101 ? CD  ? A LYS 42  CD  
37 1 Y 1 A LYS 101 ? CE  ? A LYS 42  CE  
38 1 Y 1 A LYS 101 ? NZ  ? A LYS 42  NZ  
39 1 Y 1 A LYS 112 ? CG  ? A LYS 53  CG  
40 1 Y 1 A LYS 112 ? CD  ? A LYS 53  CD  
41 1 Y 1 A LYS 112 ? CE  ? A LYS 53  CE  
42 1 Y 1 A LYS 112 ? NZ  ? A LYS 53  NZ  
43 1 Y 1 A LYS 115 ? CG  ? A LYS 56  CG  
44 1 Y 1 A LYS 115 ? CD  ? A LYS 56  CD  
45 1 Y 1 A LYS 115 ? CE  ? A LYS 56  CE  
46 1 Y 1 A LYS 115 ? NZ  ? A LYS 56  NZ  
47 1 Y 1 A ASP 120 ? CG  ? A ASP 61  CG  
48 1 Y 1 A ASP 120 ? OD1 ? A ASP 61  OD1 
49 1 Y 1 A ASP 120 ? OD2 ? A ASP 61  OD2 
50 1 Y 1 A GLU 125 ? OE1 ? A GLU 66  OE1 
51 1 Y 1 A GLU 125 ? OE2 ? A GLU 66  OE2 
52 1 Y 1 A ILE 133 ? CG1 ? A ILE 74  CG1 
53 1 Y 1 A ILE 133 ? CG2 ? A ILE 74  CG2 
54 1 Y 1 A ILE 133 ? CD1 ? A ILE 74  CD1 
55 1 Y 1 A LYS 138 ? CE  ? A LYS 79  CE  
56 1 Y 1 A LYS 138 ? NZ  ? A LYS 79  NZ  
57 1 Y 1 A LYS 146 ? CE  ? A LYS 87  CE  
58 1 Y 1 A LYS 146 ? NZ  ? A LYS 87  NZ  
59 1 Y 1 A LYS 165 ? CE  ? A LYS 106 CE  
60 1 Y 1 A LYS 165 ? NZ  ? A LYS 106 NZ  
61 1 Y 1 A GLU 190 ? CG  ? A GLU 131 CG  
62 1 Y 1 A GLU 190 ? CD  ? A GLU 131 CD  
63 1 Y 1 A GLU 190 ? OE1 ? A GLU 131 OE1 
64 1 Y 1 A GLU 190 ? OE2 ? A GLU 131 OE2 
65 1 Y 1 A LYS 196 ? CG  ? A LYS 137 CG  
66 1 Y 1 A LYS 196 ? CD  ? A LYS 137 CD  
67 1 Y 1 A LYS 196 ? CE  ? A LYS 137 CE  
68 1 Y 1 A LYS 196 ? NZ  ? A LYS 137 NZ  
# 
loop_
_software.name 
_software.classification 
_software.version 
_software.citation_id 
_software.pdbx_ordinal 
_software.date 
_software.type 
_software.location 
_software.language 
Adxv   'data processing' .        ? 1 ? ? ? ? 
PHASER phasing           .        ? 2 ? ? ? ? 
REFMAC refinement        5.8.0049 ? 3 ? ? ? ? 
MOSFLM 'data reduction'  .        ? 4 ? ? ? ? 
SCALA  'data scaling'    .        ? 5 ? ? ? ? 
# 
_cell.entry_id           4R1E 
_cell.length_a           36.710 
_cell.length_b           55.760 
_cell.length_c           75.860 
_cell.angle_alpha        90.00 
_cell.angle_beta         90.00 
_cell.angle_gamma        90.00 
_cell.Z_PDB              4 
_cell.pdbx_unique_axis   ? 
_cell.length_a_esd       ? 
_cell.length_b_esd       ? 
_cell.length_c_esd       ? 
_cell.angle_alpha_esd    ? 
_cell.angle_beta_esd     ? 
_cell.angle_gamma_esd    ? 
# 
_symmetry.entry_id                         4R1E 
_symmetry.space_group_name_H-M             'P 21 21 21' 
_symmetry.pdbx_full_space_group_name_H-M   ? 
_symmetry.cell_setting                     ? 
_symmetry.Int_Tables_number                19 
_symmetry.space_group_name_Hall            ? 
# 
_exptl.entry_id          4R1E 
_exptl.method            'X-RAY DIFFRACTION' 
_exptl.crystals_number   1 
# 
_exptl_crystal.id                    1 
_exptl_crystal.density_meas          ? 
_exptl_crystal.density_Matthews      2.13 
_exptl_crystal.density_percent_sol   42.21 
_exptl_crystal.description           ? 
_exptl_crystal.F_000                 ? 
_exptl_crystal.preparation           ? 
# 
_exptl_crystal_grow.crystal_id      1 
_exptl_crystal_grow.method          'VAPOR DIFFUSION, SITTING DROP' 
_exptl_crystal_grow.temp            293 
_exptl_crystal_grow.temp_details    ? 
_exptl_crystal_grow.pH              7.5 
_exptl_crystal_grow.pdbx_details    '0.2M ammonium sulfate, 20% PEG3350, pH 7.5, VAPOR DIFFUSION, SITTING DROP, temperature 293K' 
_exptl_crystal_grow.pdbx_pH_range   ? 
# 
_diffrn.id                     1 
_diffrn.ambient_temp           100 
_diffrn.ambient_temp_details   ? 
_diffrn.crystal_id             1 
# 
_diffrn_detector.diffrn_id              1 
_diffrn_detector.detector               CCD 
_diffrn_detector.type                   'Pilatus 2M' 
_diffrn_detector.pdbx_collection_date   2012-04-23 
_diffrn_detector.details                ? 
# 
_diffrn_radiation.diffrn_id                        1 
_diffrn_radiation.wavelength_id                    1 
_diffrn_radiation.pdbx_monochromatic_or_laue_m_l   M 
_diffrn_radiation.monochromator                    'Double crystal Si(111)' 
_diffrn_radiation.pdbx_diffrn_protocol             'SINGLE WAVELENGTH' 
_diffrn_radiation.pdbx_scattering_type             x-ray 
# 
_diffrn_radiation_wavelength.id           1 
_diffrn_radiation_wavelength.wavelength   0.920 
_diffrn_radiation_wavelength.wt           1.0 
# 
_diffrn_source.diffrn_id                   1 
_diffrn_source.source                      SYNCHROTRON 
_diffrn_source.type                        'DIAMOND BEAMLINE I04-1' 
_diffrn_source.pdbx_synchrotron_site       Diamond 
_diffrn_source.pdbx_synchrotron_beamline   I04-1 
_diffrn_source.pdbx_wavelength             ? 
_diffrn_source.pdbx_wavelength_list        0.920 
# 
_reflns.entry_id                     4R1E 
_reflns.observed_criterion_sigma_I   . 
_reflns.observed_criterion_sigma_F   . 
_reflns.d_resolution_low             44.93 
_reflns.d_resolution_high            1.98 
_reflns.number_obs                   11020 
_reflns.number_all                   11020 
_reflns.percent_possible_obs         97.6 
_reflns.pdbx_Rmerge_I_obs            0.042 
_reflns.pdbx_Rsym_value              ? 
_reflns.pdbx_netI_over_sigmaI        13.2 
_reflns.B_iso_Wilson_estimate        ? 
_reflns.pdbx_redundancy              3.0 
_reflns.R_free_details               ? 
_reflns.limit_h_max                  ? 
_reflns.limit_h_min                  ? 
_reflns.limit_k_max                  ? 
_reflns.limit_k_min                  ? 
_reflns.limit_l_max                  ? 
_reflns.limit_l_min                  ? 
_reflns.observed_criterion_F_max     ? 
_reflns.observed_criterion_F_min     ? 
_reflns.pdbx_chi_squared             ? 
_reflns.pdbx_scaling_rejects         ? 
_reflns.pdbx_ordinal                 1 
_reflns.pdbx_diffrn_id               1 
# 
_reflns_shell.d_res_high             1.98 
_reflns_shell.d_res_low              2.09 
_reflns_shell.percent_possible_all   97.9 
_reflns_shell.Rmerge_I_obs           0.106 
_reflns_shell.pdbx_Rsym_value        ? 
_reflns_shell.meanI_over_sigI_obs    6.9 
_reflns_shell.pdbx_redundancy        3.2 
_reflns_shell.percent_possible_obs   ? 
_reflns_shell.number_unique_all      1578 
_reflns_shell.number_measured_all    ? 
_reflns_shell.number_measured_obs    ? 
_reflns_shell.number_unique_obs      ? 
_reflns_shell.pdbx_chi_squared       ? 
_reflns_shell.pdbx_ordinal           1 
_reflns_shell.pdbx_diffrn_id         1 
# 
_refine.entry_id                                 4R1E 
_refine.ls_number_reflns_obs                     9909 
_refine.ls_number_reflns_all                     10988 
_refine.pdbx_ls_sigma_I                          ? 
_refine.pdbx_ls_sigma_F                          . 
_refine.pdbx_data_cutoff_high_absF               ? 
_refine.pdbx_data_cutoff_low_absF                ? 
_refine.pdbx_data_cutoff_high_rms_absF           ? 
_refine.ls_d_res_low                             44.93 
_refine.ls_d_res_high                            1.98 
_refine.ls_percent_reflns_obs                    96.79 
_refine.ls_R_factor_obs                          0.19858 
_refine.ls_R_factor_all                          ? 
_refine.ls_R_factor_R_work                       0.19578 
_refine.ls_R_factor_R_free                       0.22266 
_refine.ls_R_factor_R_free_error                 ? 
_refine.ls_R_factor_R_free_error_details         ? 
_refine.ls_percent_reflns_R_free                 9.8 
_refine.ls_number_reflns_R_free                  1079 
_refine.ls_number_parameters                     ? 
_refine.ls_number_restraints                     ? 
_refine.occupancy_min                            ? 
_refine.occupancy_max                            ? 
_refine.correlation_coeff_Fo_to_Fc               0.930 
_refine.correlation_coeff_Fo_to_Fc_free          0.925 
_refine.B_iso_mean                               17.273 
_refine.aniso_B[1][1]                            0.27 
_refine.aniso_B[2][2]                            -0.42 
_refine.aniso_B[3][3]                            0.15 
_refine.aniso_B[1][2]                            -0.00 
_refine.aniso_B[1][3]                            0.00 
_refine.aniso_B[2][3]                            0.00 
_refine.solvent_model_details                    MASK 
_refine.solvent_model_param_ksol                 ? 
_refine.solvent_model_param_bsol                 ? 
_refine.pdbx_solvent_vdw_probe_radii             1.20 
_refine.pdbx_solvent_ion_probe_radii             0.80 
_refine.pdbx_solvent_shrinkage_radii             0.80 
_refine.pdbx_ls_cross_valid_method               THROUGHOUT 
_refine.details                                  ? 
_refine.pdbx_starting_model                      'PDB ENTRY 4AOM' 
_refine.pdbx_method_to_determine_struct          'MOLECULAR REPLACEMENT' 
_refine.pdbx_isotropic_thermal_model             ? 
_refine.pdbx_stereochemistry_target_values       'MAXIMUM LIKELIHOOD' 
_refine.pdbx_stereochem_target_val_spec_case     ? 
_refine.pdbx_R_Free_selection_details            RANDOM 
_refine.pdbx_overall_ESU_R                       0.210 
_refine.pdbx_overall_ESU_R_Free                  0.166 
_refine.overall_SU_ML                            0.107 
_refine.pdbx_overall_phase_error                 ? 
_refine.overall_SU_B                             3.664 
_refine.overall_SU_R_Cruickshank_DPI             ? 
_refine.ls_redundancy_reflns_obs                 ? 
_refine.B_iso_min                                ? 
_refine.B_iso_max                                ? 
_refine.overall_SU_R_free                        ? 
_refine.ls_wR_factor_R_free                      ? 
_refine.ls_wR_factor_R_work                      ? 
_refine.overall_FOM_free_R_set                   ? 
_refine.overall_FOM_work_R_set                   ? 
_refine.pdbx_diffrn_id                           1 
_refine.pdbx_refine_id                           'X-RAY DIFFRACTION' 
_refine.pdbx_TLS_residual_ADP_flag               ? 
_refine.pdbx_overall_SU_R_free_Cruickshank_DPI   ? 
_refine.pdbx_overall_SU_R_Blow_DPI               ? 
_refine.pdbx_overall_SU_R_free_Blow_DPI          ? 
# 
_refine_hist.pdbx_refine_id                   'X-RAY DIFFRACTION' 
_refine_hist.cycle_id                         LAST 
_refine_hist.pdbx_number_atoms_protein        1188 
_refine_hist.pdbx_number_atoms_nucleic_acid   0 
_refine_hist.pdbx_number_atoms_ligand         12 
_refine_hist.number_atoms_solvent             67 
_refine_hist.number_atoms_total               1267 
_refine_hist.d_res_high                       1.98 
_refine_hist.d_res_low                        44.93 
# 
loop_
_refine_ls_restr.type 
_refine_ls_restr.dev_ideal 
_refine_ls_restr.dev_ideal_target 
_refine_ls_restr.weight 
_refine_ls_restr.number 
_refine_ls_restr.pdbx_restraint_function 
_refine_ls_restr.pdbx_refine_id 
r_bond_refined_d       0.008  0.020  ? 1231 ? 'X-RAY DIFFRACTION' 
r_bond_other_d         0.004  0.020  ? 1114 ? 'X-RAY DIFFRACTION' 
r_angle_refined_deg    1.177  1.960  ? 1662 ? 'X-RAY DIFFRACTION' 
r_angle_other_deg      1.011  3.003  ? 2550 ? 'X-RAY DIFFRACTION' 
r_dihedral_angle_1_deg 5.457  5.000  ? 156  ? 'X-RAY DIFFRACTION' 
r_dihedral_angle_2_deg 27.645 25.536 ? 56   ? 'X-RAY DIFFRACTION' 
r_dihedral_angle_3_deg 11.907 15.000 ? 202  ? 'X-RAY DIFFRACTION' 
r_dihedral_angle_4_deg 29.313 15.000 ? 4    ? 'X-RAY DIFFRACTION' 
r_chiral_restr         0.062  0.200  ? 189  ? 'X-RAY DIFFRACTION' 
r_gen_planes_refined   0.005  0.020  ? 1424 ? 'X-RAY DIFFRACTION' 
r_gen_planes_other     0.002  0.020  ? 279  ? 'X-RAY DIFFRACTION' 
r_mcbond_it            0.875  1.767  ? 630  ? 'X-RAY DIFFRACTION' 
r_mcbond_other         0.856  1.765  ? 629  ? 'X-RAY DIFFRACTION' 
r_mcangle_it           1.465  2.634  ? 784  ? 'X-RAY DIFFRACTION' 
r_mcangle_other        1.466  2.636  ? 785  ? 'X-RAY DIFFRACTION' 
r_scbond_it            1.023  1.796  ? 601  ? 'X-RAY DIFFRACTION' 
r_scbond_other         1.022  1.799  ? 602  ? 'X-RAY DIFFRACTION' 
r_scangle_other        1.659  2.665  ? 879  ? 'X-RAY DIFFRACTION' 
r_long_range_B_refined 3.277  14.002 ? 1450 ? 'X-RAY DIFFRACTION' 
r_long_range_B_other   3.191  13.945 ? 1439 ? 'X-RAY DIFFRACTION' 
# 
_refine_ls_shell.pdbx_total_number_of_bins_used   20 
_refine_ls_shell.d_res_high                       1.981 
_refine_ls_shell.d_res_low                        2.032 
_refine_ls_shell.number_reflns_R_work             735 
_refine_ls_shell.R_factor_R_work                  0.184 
_refine_ls_shell.percent_reflns_obs               98.30 
_refine_ls_shell.R_factor_R_free                  0.231 
_refine_ls_shell.R_factor_R_free_error            ? 
_refine_ls_shell.percent_reflns_R_free            ? 
_refine_ls_shell.number_reflns_R_free             74 
_refine_ls_shell.number_reflns_all                ? 
_refine_ls_shell.R_factor_all                     ? 
_refine_ls_shell.number_reflns_obs                ? 
_refine_ls_shell.redundancy_reflns_obs            ? 
_refine_ls_shell.pdbx_refine_id                   'X-RAY DIFFRACTION' 
# 
_struct.entry_id                  4R1E 
_struct.title                     'Crystal Structure of MTIP from Plasmodium falciparum in complex with a peptide-fragment chimera' 
_struct.pdbx_model_details        ? 
_struct.pdbx_CASP_flag            ? 
_struct.pdbx_model_type_details   ? 
# 
_struct_keywords.entry_id        4R1E 
_struct_keywords.pdbx_keywords   'PROTEIN BINDING/INHIBITOR' 
_struct_keywords.text            
'CALMODULIN-LIKE, PROTEIN BINDING, MYOSIN MOTOR, FRAGMENT PEPTIDE, MEMBRANE, PROTEIN BINDING-INHIBITOR complex' 
# 
loop_
_struct_asym.id 
_struct_asym.pdbx_blank_PDB_chainid_flag 
_struct_asym.pdbx_modified 
_struct_asym.entity_id 
_struct_asym.details 
A N N 1 ? 
B N N 2 ? 
C N N 3 ? 
D N N 4 ? 
E N N 4 ? 
# 
loop_
_struct_ref.id 
_struct_ref.db_name 
_struct_ref.db_code 
_struct_ref.pdbx_db_accession 
_struct_ref.entity_id 
_struct_ref.pdbx_seq_one_letter_code 
_struct_ref.pdbx_align_begin 
_struct_ref.pdbx_db_isoform 
1 UNP Q8I4W8_PLAF7 Q8I4W8 1 
;SVADIQQLEEKVDESDVRIYFNEKSSGGKISIDNASYNARKLGLAPSSIDEKKIKELYGDNLTYEQYLEYLSICVHDKDN
VEELIKMFAHFDNNCTGYLTKSQMKNILTTWGDALTDQEAIDALNAFSSEDNIDYKLFCEDILQ
;
61  ? 
2 UNP MYOA_PLAF7   Q8IDR3 2 SLLRVQAHIRKKMV 803 ? 
# 
loop_
_struct_ref_seq.align_id 
_struct_ref_seq.ref_id 
_struct_ref_seq.pdbx_PDB_id_code 
_struct_ref_seq.pdbx_strand_id 
_struct_ref_seq.seq_align_beg 
_struct_ref_seq.pdbx_seq_align_beg_ins_code 
_struct_ref_seq.seq_align_end 
_struct_ref_seq.pdbx_seq_align_end_ins_code 
_struct_ref_seq.pdbx_db_accession 
_struct_ref_seq.db_align_beg 
_struct_ref_seq.pdbx_db_align_beg_ins_code 
_struct_ref_seq.db_align_end 
_struct_ref_seq.pdbx_db_align_end_ins_code 
_struct_ref_seq.pdbx_auth_seq_align_beg 
_struct_ref_seq.pdbx_auth_seq_align_end 
1 1 4R1E A 2 ? 145 ? Q8I4W8 61  ? 204 ? 61  204 
2 2 4R1E B 2 ? 15  ? Q8IDR3 803 ? 816 ? 803 816 
# 
loop_
_struct_ref_seq_dif.align_id 
_struct_ref_seq_dif.pdbx_pdb_id_code 
_struct_ref_seq_dif.mon_id 
_struct_ref_seq_dif.pdbx_pdb_strand_id 
_struct_ref_seq_dif.seq_num 
_struct_ref_seq_dif.pdbx_pdb_ins_code 
_struct_ref_seq_dif.pdbx_seq_db_name 
_struct_ref_seq_dif.pdbx_seq_db_accession_code 
_struct_ref_seq_dif.db_mon_id 
_struct_ref_seq_dif.pdbx_seq_db_seq_num 
_struct_ref_seq_dif.details 
_struct_ref_seq_dif.pdbx_auth_seq_num 
_struct_ref_seq_dif.pdbx_ordinal 
1 4R1E GLY A 1 ? UNP Q8I4W8 ? ? 'expression tag' 60  1 
2 4R1E GLY B 1 ? UNP Q8IDR3 ? ? 'SEE REMARK 999' 802 2 
# 
_pdbx_struct_assembly.id                   1 
_pdbx_struct_assembly.details              author_and_software_defined_assembly 
_pdbx_struct_assembly.method_details       PISA 
_pdbx_struct_assembly.oligomeric_details   dimeric 
_pdbx_struct_assembly.oligomeric_count     2 
# 
loop_
_pdbx_struct_assembly_prop.biol_id 
_pdbx_struct_assembly_prop.type 
_pdbx_struct_assembly_prop.value 
_pdbx_struct_assembly_prop.details 
1 'ABSA (A^2)' 2160 ? 
1 MORE         -15  ? 
1 'SSA (A^2)'  8300 ? 
# 
_pdbx_struct_assembly_gen.assembly_id       1 
_pdbx_struct_assembly_gen.oper_expression   1 
_pdbx_struct_assembly_gen.asym_id_list      A,B,C,D,E 
# 
_pdbx_struct_oper_list.id                   1 
_pdbx_struct_oper_list.type                 'identity operation' 
_pdbx_struct_oper_list.name                 1_555 
_pdbx_struct_oper_list.symmetry_operation   x,y,z 
_pdbx_struct_oper_list.matrix[1][1]         1.0000000000 
_pdbx_struct_oper_list.matrix[1][2]         0.0000000000 
_pdbx_struct_oper_list.matrix[1][3]         0.0000000000 
_pdbx_struct_oper_list.vector[1]            0.0000000000 
_pdbx_struct_oper_list.matrix[2][1]         0.0000000000 
_pdbx_struct_oper_list.matrix[2][2]         1.0000000000 
_pdbx_struct_oper_list.matrix[2][3]         0.0000000000 
_pdbx_struct_oper_list.vector[2]            0.0000000000 
_pdbx_struct_oper_list.matrix[3][1]         0.0000000000 
_pdbx_struct_oper_list.matrix[3][2]         0.0000000000 
_pdbx_struct_oper_list.matrix[3][3]         1.0000000000 
_pdbx_struct_oper_list.vector[3]            0.0000000000 
# 
loop_
_struct_conf.conf_type_id 
_struct_conf.id 
_struct_conf.pdbx_PDB_helix_id 
_struct_conf.beg_label_comp_id 
_struct_conf.beg_label_asym_id 
_struct_conf.beg_label_seq_id 
_struct_conf.pdbx_beg_PDB_ins_code 
_struct_conf.end_label_comp_id 
_struct_conf.end_label_asym_id 
_struct_conf.end_label_seq_id 
_struct_conf.pdbx_end_PDB_ins_code 
_struct_conf.beg_auth_comp_id 
_struct_conf.beg_auth_asym_id 
_struct_conf.beg_auth_seq_id 
_struct_conf.end_auth_comp_id 
_struct_conf.end_auth_asym_id 
_struct_conf.end_auth_seq_id 
_struct_conf.pdbx_PDB_helix_class 
_struct_conf.details 
_struct_conf.pdbx_PDB_helix_length 
HELX_P HELX_P1 1 ASP A 14  ? SER A 26  ? ASP A 73  SER A 85  1 ? 13 
HELX_P HELX_P2 2 ILE A 33  ? LEU A 43  ? ILE A 92  LEU A 102 1 ? 11 
HELX_P HELX_P3 3 SER A 48  ? GLY A 60  ? SER A 107 GLY A 119 1 ? 13 
HELX_P HELX_P4 4 THR A 64  ? CYS A 75  ? THR A 123 CYS A 134 1 ? 12 
HELX_P HELX_P5 5 ASN A 81  ? HIS A 91  ? ASN A 140 HIS A 150 1 ? 11 
HELX_P HELX_P6 6 LYS A 102 ? TRP A 112 ? LYS A 161 TRP A 171 1 ? 11 
HELX_P HELX_P7 7 THR A 117 ? SER A 129 ? THR A 176 SER A 188 1 ? 13 
HELX_P HELX_P8 8 TYR A 136 ? GLN A 145 ? TYR A 195 GLN A 204 1 ? 10 
HELX_P HELX_P9 9 SER B 2   ? VAL B 15  ? SER B 803 VAL B 816 1 ? 14 
# 
_struct_conf_type.id          HELX_P 
_struct_conf_type.criteria    ? 
_struct_conf_type.reference   ? 
# 
loop_
_struct_sheet.id 
_struct_sheet.type 
_struct_sheet.number_strands 
_struct_sheet.details 
A ? 2 ? 
B ? 2 ? 
# 
loop_
_struct_sheet_order.sheet_id 
_struct_sheet_order.range_id_1 
_struct_sheet_order.range_id_2 
_struct_sheet_order.offset 
_struct_sheet_order.sense 
A 1 2 ? anti-parallel 
B 1 2 ? anti-parallel 
# 
loop_
_struct_sheet_range.sheet_id 
_struct_sheet_range.id 
_struct_sheet_range.beg_label_comp_id 
_struct_sheet_range.beg_label_asym_id 
_struct_sheet_range.beg_label_seq_id 
_struct_sheet_range.pdbx_beg_PDB_ins_code 
_struct_sheet_range.end_label_comp_id 
_struct_sheet_range.end_label_asym_id 
_struct_sheet_range.end_label_seq_id 
_struct_sheet_range.pdbx_end_PDB_ins_code 
_struct_sheet_range.beg_auth_comp_id 
_struct_sheet_range.beg_auth_asym_id 
_struct_sheet_range.beg_auth_seq_id 
_struct_sheet_range.end_auth_comp_id 
_struct_sheet_range.end_auth_asym_id 
_struct_sheet_range.end_auth_seq_id 
A 1 ILE A 31  ? SER A 32  ? ILE A 90  SER A 91  
A 2 ASN A 62  ? LEU A 63  ? ASN A 121 LEU A 122 
B 1 TYR A 99  ? THR A 101 ? TYR A 158 THR A 160 
B 2 ASN A 133 ? ASP A 135 ? ASN A 192 ASP A 194 
# 
loop_
_pdbx_struct_sheet_hbond.sheet_id 
_pdbx_struct_sheet_hbond.range_id_1 
_pdbx_struct_sheet_hbond.range_id_2 
_pdbx_struct_sheet_hbond.range_1_label_atom_id 
_pdbx_struct_sheet_hbond.range_1_label_comp_id 
_pdbx_struct_sheet_hbond.range_1_label_asym_id 
_pdbx_struct_sheet_hbond.range_1_label_seq_id 
_pdbx_struct_sheet_hbond.range_1_PDB_ins_code 
_pdbx_struct_sheet_hbond.range_1_auth_atom_id 
_pdbx_struct_sheet_hbond.range_1_auth_comp_id 
_pdbx_struct_sheet_hbond.range_1_auth_asym_id 
_pdbx_struct_sheet_hbond.range_1_auth_seq_id 
_pdbx_struct_sheet_hbond.range_2_label_atom_id 
_pdbx_struct_sheet_hbond.range_2_label_comp_id 
_pdbx_struct_sheet_hbond.range_2_label_asym_id 
_pdbx_struct_sheet_hbond.range_2_label_seq_id 
_pdbx_struct_sheet_hbond.range_2_PDB_ins_code 
_pdbx_struct_sheet_hbond.range_2_auth_atom_id 
_pdbx_struct_sheet_hbond.range_2_auth_comp_id 
_pdbx_struct_sheet_hbond.range_2_auth_asym_id 
_pdbx_struct_sheet_hbond.range_2_auth_seq_id 
A 1 2 N ILE A 31  ? N ILE A 90  O LEU A 63  ? O LEU A 122 
B 1 2 N LEU A 100 ? N LEU A 159 O ILE A 134 ? O ILE A 193 
# 
loop_
_struct_site.id 
_struct_site.pdbx_evidence_code 
_struct_site.pdbx_auth_asym_id 
_struct_site.pdbx_auth_comp_id 
_struct_site.pdbx_auth_seq_id 
_struct_site.pdbx_auth_ins_code 
_struct_site.pdbx_num_residues 
_struct_site.details 
AC1 Software B 3EC 901 ? 6  'BINDING SITE FOR RESIDUE 3EC B 901'   
AC2 Software ? ?   ?   ? 32 'BINDING SITE FOR CHAIN B OF MYOSIN-A' 
# 
loop_
_struct_site_gen.id 
_struct_site_gen.site_id 
_struct_site_gen.pdbx_num_res 
_struct_site_gen.label_comp_id 
_struct_site_gen.label_asym_id 
_struct_site_gen.label_seq_id 
_struct_site_gen.pdbx_auth_ins_code 
_struct_site_gen.auth_comp_id 
_struct_site_gen.auth_asym_id 
_struct_site_gen.auth_seq_id 
_struct_site_gen.label_atom_id 
_struct_site_gen.label_alt_id 
_struct_site_gen.symmetry 
_struct_site_gen.details 
1  AC1 6  GLY A 113 ? GLY A 172  . ? 1_555 ? 
2  AC1 6  ASP A 114 ? ASP A 173  . ? 1_555 ? 
3  AC1 6  GLY B 1   ? GLY B 802  . ? 1_555 ? 
4  AC1 6  SER B 2   ? SER B 803  . ? 1_555 ? 
5  AC1 6  LEU B 3   ? LEU B 804  . ? 1_555 ? 
6  AC1 6  LEU B 4   ? LEU B 805  . ? 1_555 ? 
7  AC2 32 TYR A 38  ? TYR A 97   . ? 1_555 ? 
8  AC2 32 ARG A 41  ? ARG A 100  . ? 1_555 ? 
9  AC2 32 LYS A 42  ? LYS A 101  . ? 1_555 ? 
10 AC2 32 GLY A 44  ? GLY A 103  . ? 1_555 ? 
11 AC2 32 LEU A 45  ? LEU A 104  . ? 1_555 ? 
12 AC2 32 ALA A 46  ? ALA A 105  . ? 1_555 ? 
13 AC2 32 PRO A 47  ? PRO A 106  . ? 1_555 ? 
14 AC2 32 HIS A 77  ? HIS A 136  . ? 1_555 ? 
15 AC2 32 ASP A 80  ? ASP A 139  . ? 1_555 ? 
16 AC2 32 GLU A 84  ? GLU A 143  . ? 1_555 ? 
17 AC2 32 LEU A 85  ? LEU A 144  . ? 1_555 ? 
18 AC2 32 MET A 88  ? MET A 147  . ? 1_555 ? 
19 AC2 32 LEU A 109 ? LEU A 168  . ? 1_555 ? 
20 AC2 32 TRP A 112 ? TRP A 171  . ? 1_555 ? 
21 AC2 32 GLY A 113 ? GLY A 172  . ? 1_555 ? 
22 AC2 32 ASP A 114 ? ASP A 173  . ? 1_555 ? 
23 AC2 32 ALA A 115 ? ALA A 174  . ? 1_555 ? 
24 AC2 32 LEU A 116 ? LEU A 175  . ? 1_555 ? 
25 AC2 32 GLU A 120 ? GLU A 179  . ? 1_555 ? 
26 AC2 32 ALA A 124 ? ALA A 183  . ? 1_555 ? 
27 AC2 32 PHE A 139 ? PHE A 198  . ? 1_555 ? 
28 AC2 32 ASP A 142 ? ASP A 201  . ? 1_555 ? 
29 AC2 32 ILE A 143 ? ILE A 202  . ? 1_555 ? 
30 AC2 32 LEU A 144 ? LEU A 203  . ? 1_555 ? 
31 AC2 32 GLN A 145 ? GLN A 204  . ? 1_555 ? 
32 AC2 32 HOH D .   ? HOH A 301  . ? 1_555 ? 
33 AC2 32 HOH D .   ? HOH A 307  . ? 1_555 ? 
34 AC2 32 HOH D .   ? HOH A 316  . ? 1_555 ? 
35 AC2 32 GLY B 1   ? GLY B 802  . ? 1_555 ? 
36 AC2 32 3EC C .   ? 3EC B 901  . ? 1_555 ? 
37 AC2 32 HOH E .   ? HOH B 1001 . ? 1_555 ? 
38 AC2 32 HOH E .   ? HOH B 1004 . ? 1_555 ? 
# 
_pdbx_entry_details.entry_id                   4R1E 
_pdbx_entry_details.nonpolymer_details         ? 
_pdbx_entry_details.sequence_details           
'GLY802 IS NOT PART OF THE NATURAL SEQUENCE OF THE PROTEIN FROM WHICH THE PEPTIDE IS DERIVED' 
_pdbx_entry_details.compound_details           ? 
_pdbx_entry_details.source_details             ? 
_pdbx_entry_details.has_ligand_of_interest     ? 
_pdbx_entry_details.has_protein_modification   N 
# 
_pdbx_validate_close_contact.id               1 
_pdbx_validate_close_contact.PDB_model_num    1 
_pdbx_validate_close_contact.auth_atom_id_1   N 
_pdbx_validate_close_contact.auth_asym_id_1   B 
_pdbx_validate_close_contact.auth_comp_id_1   GLY 
_pdbx_validate_close_contact.auth_seq_id_1    802 
_pdbx_validate_close_contact.PDB_ins_code_1   ? 
_pdbx_validate_close_contact.label_alt_id_1   ? 
_pdbx_validate_close_contact.auth_atom_id_2   CAL 
_pdbx_validate_close_contact.auth_asym_id_2   B 
_pdbx_validate_close_contact.auth_comp_id_2   3EC 
_pdbx_validate_close_contact.auth_seq_id_2    901 
_pdbx_validate_close_contact.PDB_ins_code_2   ? 
_pdbx_validate_close_contact.label_alt_id_2   ? 
_pdbx_validate_close_contact.dist             1.32 
# 
loop_
_pdbx_unobs_or_zero_occ_residues.id 
_pdbx_unobs_or_zero_occ_residues.PDB_model_num 
_pdbx_unobs_or_zero_occ_residues.polymer_flag 
_pdbx_unobs_or_zero_occ_residues.occupancy_flag 
_pdbx_unobs_or_zero_occ_residues.auth_asym_id 
_pdbx_unobs_or_zero_occ_residues.auth_comp_id 
_pdbx_unobs_or_zero_occ_residues.auth_seq_id 
_pdbx_unobs_or_zero_occ_residues.PDB_ins_code 
_pdbx_unobs_or_zero_occ_residues.label_asym_id 
_pdbx_unobs_or_zero_occ_residues.label_comp_id 
_pdbx_unobs_or_zero_occ_residues.label_seq_id 
1 1 Y 1 A GLY 60 ? A GLY 1  
2 1 Y 1 A GLU 69 ? A GLU 10 
3 1 Y 1 A GLU 70 ? A GLU 11 
# 
loop_
_chem_comp_atom.comp_id 
_chem_comp_atom.atom_id 
_chem_comp_atom.type_symbol 
_chem_comp_atom.pdbx_aromatic_flag 
_chem_comp_atom.pdbx_stereo_config 
_chem_comp_atom.pdbx_ordinal 
3EC OAI  O N N 1   
3EC CAL  C N N 2   
3EC CAK  C Y N 3   
3EC OAJ  O Y N 4   
3EC CAH  C Y N 5   
3EC CAG  C Y N 6   
3EC CAF  C Y N 7   
3EC CAE  C N N 8   
3EC SAD  S N N 9   
3EC CAC  C N N 10  
3EC CAB  C N N 11  
3EC NAA  N N N 12  
3EC H1   H N N 13  
3EC H2   H N N 14  
3EC H3   H N N 15  
3EC H4   H N N 16  
3EC H5   H N N 17  
3EC H6   H N N 18  
3EC H7   H N N 19  
3EC H8   H N N 20  
3EC H9   H N N 21  
3EC H10  H N N 22  
3EC H11  H N N 23  
ALA N    N N N 24  
ALA CA   C N S 25  
ALA C    C N N 26  
ALA O    O N N 27  
ALA CB   C N N 28  
ALA OXT  O N N 29  
ALA H    H N N 30  
ALA H2   H N N 31  
ALA HA   H N N 32  
ALA HB1  H N N 33  
ALA HB2  H N N 34  
ALA HB3  H N N 35  
ALA HXT  H N N 36  
ARG N    N N N 37  
ARG CA   C N S 38  
ARG C    C N N 39  
ARG O    O N N 40  
ARG CB   C N N 41  
ARG CG   C N N 42  
ARG CD   C N N 43  
ARG NE   N N N 44  
ARG CZ   C N N 45  
ARG NH1  N N N 46  
ARG NH2  N N N 47  
ARG OXT  O N N 48  
ARG H    H N N 49  
ARG H2   H N N 50  
ARG HA   H N N 51  
ARG HB2  H N N 52  
ARG HB3  H N N 53  
ARG HG2  H N N 54  
ARG HG3  H N N 55  
ARG HD2  H N N 56  
ARG HD3  H N N 57  
ARG HE   H N N 58  
ARG HH11 H N N 59  
ARG HH12 H N N 60  
ARG HH21 H N N 61  
ARG HH22 H N N 62  
ARG HXT  H N N 63  
ASN N    N N N 64  
ASN CA   C N S 65  
ASN C    C N N 66  
ASN O    O N N 67  
ASN CB   C N N 68  
ASN CG   C N N 69  
ASN OD1  O N N 70  
ASN ND2  N N N 71  
ASN OXT  O N N 72  
ASN H    H N N 73  
ASN H2   H N N 74  
ASN HA   H N N 75  
ASN HB2  H N N 76  
ASN HB3  H N N 77  
ASN HD21 H N N 78  
ASN HD22 H N N 79  
ASN HXT  H N N 80  
ASP N    N N N 81  
ASP CA   C N S 82  
ASP C    C N N 83  
ASP O    O N N 84  
ASP CB   C N N 85  
ASP CG   C N N 86  
ASP OD1  O N N 87  
ASP OD2  O N N 88  
ASP OXT  O N N 89  
ASP H    H N N 90  
ASP H2   H N N 91  
ASP HA   H N N 92  
ASP HB2  H N N 93  
ASP HB3  H N N 94  
ASP HD2  H N N 95  
ASP HXT  H N N 96  
CYS N    N N N 97  
CYS CA   C N R 98  
CYS C    C N N 99  
CYS O    O N N 100 
CYS CB   C N N 101 
CYS SG   S N N 102 
CYS OXT  O N N 103 
CYS H    H N N 104 
CYS H2   H N N 105 
CYS HA   H N N 106 
CYS HB2  H N N 107 
CYS HB3  H N N 108 
CYS HG   H N N 109 
CYS HXT  H N N 110 
GLN N    N N N 111 
GLN CA   C N S 112 
GLN C    C N N 113 
GLN O    O N N 114 
GLN CB   C N N 115 
GLN CG   C N N 116 
GLN CD   C N N 117 
GLN OE1  O N N 118 
GLN NE2  N N N 119 
GLN OXT  O N N 120 
GLN H    H N N 121 
GLN H2   H N N 122 
GLN HA   H N N 123 
GLN HB2  H N N 124 
GLN HB3  H N N 125 
GLN HG2  H N N 126 
GLN HG3  H N N 127 
GLN HE21 H N N 128 
GLN HE22 H N N 129 
GLN HXT  H N N 130 
GLU N    N N N 131 
GLU CA   C N S 132 
GLU C    C N N 133 
GLU O    O N N 134 
GLU CB   C N N 135 
GLU CG   C N N 136 
GLU CD   C N N 137 
GLU OE1  O N N 138 
GLU OE2  O N N 139 
GLU OXT  O N N 140 
GLU H    H N N 141 
GLU H2   H N N 142 
GLU HA   H N N 143 
GLU HB2  H N N 144 
GLU HB3  H N N 145 
GLU HG2  H N N 146 
GLU HG3  H N N 147 
GLU HE2  H N N 148 
GLU HXT  H N N 149 
GLY N    N N N 150 
GLY CA   C N N 151 
GLY C    C N N 152 
GLY O    O N N 153 
GLY OXT  O N N 154 
GLY H    H N N 155 
GLY H2   H N N 156 
GLY HA2  H N N 157 
GLY HA3  H N N 158 
GLY HXT  H N N 159 
HIS N    N N N 160 
HIS CA   C N S 161 
HIS C    C N N 162 
HIS O    O N N 163 
HIS CB   C N N 164 
HIS CG   C Y N 165 
HIS ND1  N Y N 166 
HIS CD2  C Y N 167 
HIS CE1  C Y N 168 
HIS NE2  N Y N 169 
HIS OXT  O N N 170 
HIS H    H N N 171 
HIS H2   H N N 172 
HIS HA   H N N 173 
HIS HB2  H N N 174 
HIS HB3  H N N 175 
HIS HD1  H N N 176 
HIS HD2  H N N 177 
HIS HE1  H N N 178 
HIS HE2  H N N 179 
HIS HXT  H N N 180 
HOH O    O N N 181 
HOH H1   H N N 182 
HOH H2   H N N 183 
ILE N    N N N 184 
ILE CA   C N S 185 
ILE C    C N N 186 
ILE O    O N N 187 
ILE CB   C N S 188 
ILE CG1  C N N 189 
ILE CG2  C N N 190 
ILE CD1  C N N 191 
ILE OXT  O N N 192 
ILE H    H N N 193 
ILE H2   H N N 194 
ILE HA   H N N 195 
ILE HB   H N N 196 
ILE HG12 H N N 197 
ILE HG13 H N N 198 
ILE HG21 H N N 199 
ILE HG22 H N N 200 
ILE HG23 H N N 201 
ILE HD11 H N N 202 
ILE HD12 H N N 203 
ILE HD13 H N N 204 
ILE HXT  H N N 205 
LEU N    N N N 206 
LEU CA   C N S 207 
LEU C    C N N 208 
LEU O    O N N 209 
LEU CB   C N N 210 
LEU CG   C N N 211 
LEU CD1  C N N 212 
LEU CD2  C N N 213 
LEU OXT  O N N 214 
LEU H    H N N 215 
LEU H2   H N N 216 
LEU HA   H N N 217 
LEU HB2  H N N 218 
LEU HB3  H N N 219 
LEU HG   H N N 220 
LEU HD11 H N N 221 
LEU HD12 H N N 222 
LEU HD13 H N N 223 
LEU HD21 H N N 224 
LEU HD22 H N N 225 
LEU HD23 H N N 226 
LEU HXT  H N N 227 
LYS N    N N N 228 
LYS CA   C N S 229 
LYS C    C N N 230 
LYS O    O N N 231 
LYS CB   C N N 232 
LYS CG   C N N 233 
LYS CD   C N N 234 
LYS CE   C N N 235 
LYS NZ   N N N 236 
LYS OXT  O N N 237 
LYS H    H N N 238 
LYS H2   H N N 239 
LYS HA   H N N 240 
LYS HB2  H N N 241 
LYS HB3  H N N 242 
LYS HG2  H N N 243 
LYS HG3  H N N 244 
LYS HD2  H N N 245 
LYS HD3  H N N 246 
LYS HE2  H N N 247 
LYS HE3  H N N 248 
LYS HZ1  H N N 249 
LYS HZ2  H N N 250 
LYS HZ3  H N N 251 
LYS HXT  H N N 252 
MET N    N N N 253 
MET CA   C N S 254 
MET C    C N N 255 
MET O    O N N 256 
MET CB   C N N 257 
MET CG   C N N 258 
MET SD   S N N 259 
MET CE   C N N 260 
MET OXT  O N N 261 
MET H    H N N 262 
MET H2   H N N 263 
MET HA   H N N 264 
MET HB2  H N N 265 
MET HB3  H N N 266 
MET HG2  H N N 267 
MET HG3  H N N 268 
MET HE1  H N N 269 
MET HE2  H N N 270 
MET HE3  H N N 271 
MET HXT  H N N 272 
PHE N    N N N 273 
PHE CA   C N S 274 
PHE C    C N N 275 
PHE O    O N N 276 
PHE CB   C N N 277 
PHE CG   C Y N 278 
PHE CD1  C Y N 279 
PHE CD2  C Y N 280 
PHE CE1  C Y N 281 
PHE CE2  C Y N 282 
PHE CZ   C Y N 283 
PHE OXT  O N N 284 
PHE H    H N N 285 
PHE H2   H N N 286 
PHE HA   H N N 287 
PHE HB2  H N N 288 
PHE HB3  H N N 289 
PHE HD1  H N N 290 
PHE HD2  H N N 291 
PHE HE1  H N N 292 
PHE HE2  H N N 293 
PHE HZ   H N N 294 
PHE HXT  H N N 295 
PRO N    N N N 296 
PRO CA   C N S 297 
PRO C    C N N 298 
PRO O    O N N 299 
PRO CB   C N N 300 
PRO CG   C N N 301 
PRO CD   C N N 302 
PRO OXT  O N N 303 
PRO H    H N N 304 
PRO HA   H N N 305 
PRO HB2  H N N 306 
PRO HB3  H N N 307 
PRO HG2  H N N 308 
PRO HG3  H N N 309 
PRO HD2  H N N 310 
PRO HD3  H N N 311 
PRO HXT  H N N 312 
SER N    N N N 313 
SER CA   C N S 314 
SER C    C N N 315 
SER O    O N N 316 
SER CB   C N N 317 
SER OG   O N N 318 
SER OXT  O N N 319 
SER H    H N N 320 
SER H2   H N N 321 
SER HA   H N N 322 
SER HB2  H N N 323 
SER HB3  H N N 324 
SER HG   H N N 325 
SER HXT  H N N 326 
THR N    N N N 327 
THR CA   C N S 328 
THR C    C N N 329 
THR O    O N N 330 
THR CB   C N R 331 
THR OG1  O N N 332 
THR CG2  C N N 333 
THR OXT  O N N 334 
THR H    H N N 335 
THR H2   H N N 336 
THR HA   H N N 337 
THR HB   H N N 338 
THR HG1  H N N 339 
THR HG21 H N N 340 
THR HG22 H N N 341 
THR HG23 H N N 342 
THR HXT  H N N 343 
TRP N    N N N 344 
TRP CA   C N S 345 
TRP C    C N N 346 
TRP O    O N N 347 
TRP CB   C N N 348 
TRP CG   C Y N 349 
TRP CD1  C Y N 350 
TRP CD2  C Y N 351 
TRP NE1  N Y N 352 
TRP CE2  C Y N 353 
TRP CE3  C Y N 354 
TRP CZ2  C Y N 355 
TRP CZ3  C Y N 356 
TRP CH2  C Y N 357 
TRP OXT  O N N 358 
TRP H    H N N 359 
TRP H2   H N N 360 
TRP HA   H N N 361 
TRP HB2  H N N 362 
TRP HB3  H N N 363 
TRP HD1  H N N 364 
TRP HE1  H N N 365 
TRP HE3  H N N 366 
TRP HZ2  H N N 367 
TRP HZ3  H N N 368 
TRP HH2  H N N 369 
TRP HXT  H N N 370 
TYR N    N N N 371 
TYR CA   C N S 372 
TYR C    C N N 373 
TYR O    O N N 374 
TYR CB   C N N 375 
TYR CG   C Y N 376 
TYR CD1  C Y N 377 
TYR CD2  C Y N 378 
TYR CE1  C Y N 379 
TYR CE2  C Y N 380 
TYR CZ   C Y N 381 
TYR OH   O N N 382 
TYR OXT  O N N 383 
TYR H    H N N 384 
TYR H2   H N N 385 
TYR HA   H N N 386 
TYR HB2  H N N 387 
TYR HB3  H N N 388 
TYR HD1  H N N 389 
TYR HD2  H N N 390 
TYR HE1  H N N 391 
TYR HE2  H N N 392 
TYR HH   H N N 393 
TYR HXT  H N N 394 
VAL N    N N N 395 
VAL CA   C N S 396 
VAL C    C N N 397 
VAL O    O N N 398 
VAL CB   C N N 399 
VAL CG1  C N N 400 
VAL CG2  C N N 401 
VAL OXT  O N N 402 
VAL H    H N N 403 
VAL H2   H N N 404 
VAL HA   H N N 405 
VAL HB   H N N 406 
VAL HG11 H N N 407 
VAL HG12 H N N 408 
VAL HG13 H N N 409 
VAL HG21 H N N 410 
VAL HG22 H N N 411 
VAL HG23 H N N 412 
VAL HXT  H N N 413 
# 
loop_
_chem_comp_bond.comp_id 
_chem_comp_bond.atom_id_1 
_chem_comp_bond.atom_id_2 
_chem_comp_bond.value_order 
_chem_comp_bond.pdbx_aromatic_flag 
_chem_comp_bond.pdbx_stereo_config 
_chem_comp_bond.pdbx_ordinal 
3EC OAJ CAK  sing Y N 1   
3EC OAJ CAF  sing Y N 2   
3EC CAL CAK  sing N N 3   
3EC CAL OAI  doub N N 4   
3EC CAE CAF  sing N N 5   
3EC CAE SAD  sing N N 6   
3EC CAK CAH  doub Y N 7   
3EC CAF CAG  doub Y N 8   
3EC CAH CAG  sing Y N 9   
3EC SAD CAC  sing N N 10  
3EC CAC CAB  sing N N 11  
3EC CAB NAA  sing N N 12  
3EC CAL H1   sing N N 13  
3EC CAH H2   sing N N 14  
3EC CAG H3   sing N N 15  
3EC CAE H4   sing N N 16  
3EC CAE H5   sing N N 17  
3EC CAC H6   sing N N 18  
3EC CAC H7   sing N N 19  
3EC CAB H8   sing N N 20  
3EC CAB H9   sing N N 21  
3EC NAA H10  sing N N 22  
3EC NAA H11  sing N N 23  
ALA N   CA   sing N N 24  
ALA N   H    sing N N 25  
ALA N   H2   sing N N 26  
ALA CA  C    sing N N 27  
ALA CA  CB   sing N N 28  
ALA CA  HA   sing N N 29  
ALA C   O    doub N N 30  
ALA C   OXT  sing N N 31  
ALA CB  HB1  sing N N 32  
ALA CB  HB2  sing N N 33  
ALA CB  HB3  sing N N 34  
ALA OXT HXT  sing N N 35  
ARG N   CA   sing N N 36  
ARG N   H    sing N N 37  
ARG N   H2   sing N N 38  
ARG CA  C    sing N N 39  
ARG CA  CB   sing N N 40  
ARG CA  HA   sing N N 41  
ARG C   O    doub N N 42  
ARG C   OXT  sing N N 43  
ARG CB  CG   sing N N 44  
ARG CB  HB2  sing N N 45  
ARG CB  HB3  sing N N 46  
ARG CG  CD   sing N N 47  
ARG CG  HG2  sing N N 48  
ARG CG  HG3  sing N N 49  
ARG CD  NE   sing N N 50  
ARG CD  HD2  sing N N 51  
ARG CD  HD3  sing N N 52  
ARG NE  CZ   sing N N 53  
ARG NE  HE   sing N N 54  
ARG CZ  NH1  sing N N 55  
ARG CZ  NH2  doub N N 56  
ARG NH1 HH11 sing N N 57  
ARG NH1 HH12 sing N N 58  
ARG NH2 HH21 sing N N 59  
ARG NH2 HH22 sing N N 60  
ARG OXT HXT  sing N N 61  
ASN N   CA   sing N N 62  
ASN N   H    sing N N 63  
ASN N   H2   sing N N 64  
ASN CA  C    sing N N 65  
ASN CA  CB   sing N N 66  
ASN CA  HA   sing N N 67  
ASN C   O    doub N N 68  
ASN C   OXT  sing N N 69  
ASN CB  CG   sing N N 70  
ASN CB  HB2  sing N N 71  
ASN CB  HB3  sing N N 72  
ASN CG  OD1  doub N N 73  
ASN CG  ND2  sing N N 74  
ASN ND2 HD21 sing N N 75  
ASN ND2 HD22 sing N N 76  
ASN OXT HXT  sing N N 77  
ASP N   CA   sing N N 78  
ASP N   H    sing N N 79  
ASP N   H2   sing N N 80  
ASP CA  C    sing N N 81  
ASP CA  CB   sing N N 82  
ASP CA  HA   sing N N 83  
ASP C   O    doub N N 84  
ASP C   OXT  sing N N 85  
ASP CB  CG   sing N N 86  
ASP CB  HB2  sing N N 87  
ASP CB  HB3  sing N N 88  
ASP CG  OD1  doub N N 89  
ASP CG  OD2  sing N N 90  
ASP OD2 HD2  sing N N 91  
ASP OXT HXT  sing N N 92  
CYS N   CA   sing N N 93  
CYS N   H    sing N N 94  
CYS N   H2   sing N N 95  
CYS CA  C    sing N N 96  
CYS CA  CB   sing N N 97  
CYS CA  HA   sing N N 98  
CYS C   O    doub N N 99  
CYS C   OXT  sing N N 100 
CYS CB  SG   sing N N 101 
CYS CB  HB2  sing N N 102 
CYS CB  HB3  sing N N 103 
CYS SG  HG   sing N N 104 
CYS OXT HXT  sing N N 105 
GLN N   CA   sing N N 106 
GLN N   H    sing N N 107 
GLN N   H2   sing N N 108 
GLN CA  C    sing N N 109 
GLN CA  CB   sing N N 110 
GLN CA  HA   sing N N 111 
GLN C   O    doub N N 112 
GLN C   OXT  sing N N 113 
GLN CB  CG   sing N N 114 
GLN CB  HB2  sing N N 115 
GLN CB  HB3  sing N N 116 
GLN CG  CD   sing N N 117 
GLN CG  HG2  sing N N 118 
GLN CG  HG3  sing N N 119 
GLN CD  OE1  doub N N 120 
GLN CD  NE2  sing N N 121 
GLN NE2 HE21 sing N N 122 
GLN NE2 HE22 sing N N 123 
GLN OXT HXT  sing N N 124 
GLU N   CA   sing N N 125 
GLU N   H    sing N N 126 
GLU N   H2   sing N N 127 
GLU CA  C    sing N N 128 
GLU CA  CB   sing N N 129 
GLU CA  HA   sing N N 130 
GLU C   O    doub N N 131 
GLU C   OXT  sing N N 132 
GLU CB  CG   sing N N 133 
GLU CB  HB2  sing N N 134 
GLU CB  HB3  sing N N 135 
GLU CG  CD   sing N N 136 
GLU CG  HG2  sing N N 137 
GLU CG  HG3  sing N N 138 
GLU CD  OE1  doub N N 139 
GLU CD  OE2  sing N N 140 
GLU OE2 HE2  sing N N 141 
GLU OXT HXT  sing N N 142 
GLY N   CA   sing N N 143 
GLY N   H    sing N N 144 
GLY N   H2   sing N N 145 
GLY CA  C    sing N N 146 
GLY CA  HA2  sing N N 147 
GLY CA  HA3  sing N N 148 
GLY C   O    doub N N 149 
GLY C   OXT  sing N N 150 
GLY OXT HXT  sing N N 151 
HIS N   CA   sing N N 152 
HIS N   H    sing N N 153 
HIS N   H2   sing N N 154 
HIS CA  C    sing N N 155 
HIS CA  CB   sing N N 156 
HIS CA  HA   sing N N 157 
HIS C   O    doub N N 158 
HIS C   OXT  sing N N 159 
HIS CB  CG   sing N N 160 
HIS CB  HB2  sing N N 161 
HIS CB  HB3  sing N N 162 
HIS CG  ND1  sing Y N 163 
HIS CG  CD2  doub Y N 164 
HIS ND1 CE1  doub Y N 165 
HIS ND1 HD1  sing N N 166 
HIS CD2 NE2  sing Y N 167 
HIS CD2 HD2  sing N N 168 
HIS CE1 NE2  sing Y N 169 
HIS CE1 HE1  sing N N 170 
HIS NE2 HE2  sing N N 171 
HIS OXT HXT  sing N N 172 
HOH O   H1   sing N N 173 
HOH O   H2   sing N N 174 
ILE N   CA   sing N N 175 
ILE N   H    sing N N 176 
ILE N   H2   sing N N 177 
ILE CA  C    sing N N 178 
ILE CA  CB   sing N N 179 
ILE CA  HA   sing N N 180 
ILE C   O    doub N N 181 
ILE C   OXT  sing N N 182 
ILE CB  CG1  sing N N 183 
ILE CB  CG2  sing N N 184 
ILE CB  HB   sing N N 185 
ILE CG1 CD1  sing N N 186 
ILE CG1 HG12 sing N N 187 
ILE CG1 HG13 sing N N 188 
ILE CG2 HG21 sing N N 189 
ILE CG2 HG22 sing N N 190 
ILE CG2 HG23 sing N N 191 
ILE CD1 HD11 sing N N 192 
ILE CD1 HD12 sing N N 193 
ILE CD1 HD13 sing N N 194 
ILE OXT HXT  sing N N 195 
LEU N   CA   sing N N 196 
LEU N   H    sing N N 197 
LEU N   H2   sing N N 198 
LEU CA  C    sing N N 199 
LEU CA  CB   sing N N 200 
LEU CA  HA   sing N N 201 
LEU C   O    doub N N 202 
LEU C   OXT  sing N N 203 
LEU CB  CG   sing N N 204 
LEU CB  HB2  sing N N 205 
LEU CB  HB3  sing N N 206 
LEU CG  CD1  sing N N 207 
LEU CG  CD2  sing N N 208 
LEU CG  HG   sing N N 209 
LEU CD1 HD11 sing N N 210 
LEU CD1 HD12 sing N N 211 
LEU CD1 HD13 sing N N 212 
LEU CD2 HD21 sing N N 213 
LEU CD2 HD22 sing N N 214 
LEU CD2 HD23 sing N N 215 
LEU OXT HXT  sing N N 216 
LYS N   CA   sing N N 217 
LYS N   H    sing N N 218 
LYS N   H2   sing N N 219 
LYS CA  C    sing N N 220 
LYS CA  CB   sing N N 221 
LYS CA  HA   sing N N 222 
LYS C   O    doub N N 223 
LYS C   OXT  sing N N 224 
LYS CB  CG   sing N N 225 
LYS CB  HB2  sing N N 226 
LYS CB  HB3  sing N N 227 
LYS CG  CD   sing N N 228 
LYS CG  HG2  sing N N 229 
LYS CG  HG3  sing N N 230 
LYS CD  CE   sing N N 231 
LYS CD  HD2  sing N N 232 
LYS CD  HD3  sing N N 233 
LYS CE  NZ   sing N N 234 
LYS CE  HE2  sing N N 235 
LYS CE  HE3  sing N N 236 
LYS NZ  HZ1  sing N N 237 
LYS NZ  HZ2  sing N N 238 
LYS NZ  HZ3  sing N N 239 
LYS OXT HXT  sing N N 240 
MET N   CA   sing N N 241 
MET N   H    sing N N 242 
MET N   H2   sing N N 243 
MET CA  C    sing N N 244 
MET CA  CB   sing N N 245 
MET CA  HA   sing N N 246 
MET C   O    doub N N 247 
MET C   OXT  sing N N 248 
MET CB  CG   sing N N 249 
MET CB  HB2  sing N N 250 
MET CB  HB3  sing N N 251 
MET CG  SD   sing N N 252 
MET CG  HG2  sing N N 253 
MET CG  HG3  sing N N 254 
MET SD  CE   sing N N 255 
MET CE  HE1  sing N N 256 
MET CE  HE2  sing N N 257 
MET CE  HE3  sing N N 258 
MET OXT HXT  sing N N 259 
PHE N   CA   sing N N 260 
PHE N   H    sing N N 261 
PHE N   H2   sing N N 262 
PHE CA  C    sing N N 263 
PHE CA  CB   sing N N 264 
PHE CA  HA   sing N N 265 
PHE C   O    doub N N 266 
PHE C   OXT  sing N N 267 
PHE CB  CG   sing N N 268 
PHE CB  HB2  sing N N 269 
PHE CB  HB3  sing N N 270 
PHE CG  CD1  doub Y N 271 
PHE CG  CD2  sing Y N 272 
PHE CD1 CE1  sing Y N 273 
PHE CD1 HD1  sing N N 274 
PHE CD2 CE2  doub Y N 275 
PHE CD2 HD2  sing N N 276 
PHE CE1 CZ   doub Y N 277 
PHE CE1 HE1  sing N N 278 
PHE CE2 CZ   sing Y N 279 
PHE CE2 HE2  sing N N 280 
PHE CZ  HZ   sing N N 281 
PHE OXT HXT  sing N N 282 
PRO N   CA   sing N N 283 
PRO N   CD   sing N N 284 
PRO N   H    sing N N 285 
PRO CA  C    sing N N 286 
PRO CA  CB   sing N N 287 
PRO CA  HA   sing N N 288 
PRO C   O    doub N N 289 
PRO C   OXT  sing N N 290 
PRO CB  CG   sing N N 291 
PRO CB  HB2  sing N N 292 
PRO CB  HB3  sing N N 293 
PRO CG  CD   sing N N 294 
PRO CG  HG2  sing N N 295 
PRO CG  HG3  sing N N 296 
PRO CD  HD2  sing N N 297 
PRO CD  HD3  sing N N 298 
PRO OXT HXT  sing N N 299 
SER N   CA   sing N N 300 
SER N   H    sing N N 301 
SER N   H2   sing N N 302 
SER CA  C    sing N N 303 
SER CA  CB   sing N N 304 
SER CA  HA   sing N N 305 
SER C   O    doub N N 306 
SER C   OXT  sing N N 307 
SER CB  OG   sing N N 308 
SER CB  HB2  sing N N 309 
SER CB  HB3  sing N N 310 
SER OG  HG   sing N N 311 
SER OXT HXT  sing N N 312 
THR N   CA   sing N N 313 
THR N   H    sing N N 314 
THR N   H2   sing N N 315 
THR CA  C    sing N N 316 
THR CA  CB   sing N N 317 
THR CA  HA   sing N N 318 
THR C   O    doub N N 319 
THR C   OXT  sing N N 320 
THR CB  OG1  sing N N 321 
THR CB  CG2  sing N N 322 
THR CB  HB   sing N N 323 
THR OG1 HG1  sing N N 324 
THR CG2 HG21 sing N N 325 
THR CG2 HG22 sing N N 326 
THR CG2 HG23 sing N N 327 
THR OXT HXT  sing N N 328 
TRP N   CA   sing N N 329 
TRP N   H    sing N N 330 
TRP N   H2   sing N N 331 
TRP CA  C    sing N N 332 
TRP CA  CB   sing N N 333 
TRP CA  HA   sing N N 334 
TRP C   O    doub N N 335 
TRP C   OXT  sing N N 336 
TRP CB  CG   sing N N 337 
TRP CB  HB2  sing N N 338 
TRP CB  HB3  sing N N 339 
TRP CG  CD1  doub Y N 340 
TRP CG  CD2  sing Y N 341 
TRP CD1 NE1  sing Y N 342 
TRP CD1 HD1  sing N N 343 
TRP CD2 CE2  doub Y N 344 
TRP CD2 CE3  sing Y N 345 
TRP NE1 CE2  sing Y N 346 
TRP NE1 HE1  sing N N 347 
TRP CE2 CZ2  sing Y N 348 
TRP CE3 CZ3  doub Y N 349 
TRP CE3 HE3  sing N N 350 
TRP CZ2 CH2  doub Y N 351 
TRP CZ2 HZ2  sing N N 352 
TRP CZ3 CH2  sing Y N 353 
TRP CZ3 HZ3  sing N N 354 
TRP CH2 HH2  sing N N 355 
TRP OXT HXT  sing N N 356 
TYR N   CA   sing N N 357 
TYR N   H    sing N N 358 
TYR N   H2   sing N N 359 
TYR CA  C    sing N N 360 
TYR CA  CB   sing N N 361 
TYR CA  HA   sing N N 362 
TYR C   O    doub N N 363 
TYR C   OXT  sing N N 364 
TYR CB  CG   sing N N 365 
TYR CB  HB2  sing N N 366 
TYR CB  HB3  sing N N 367 
TYR CG  CD1  doub Y N 368 
TYR CG  CD2  sing Y N 369 
TYR CD1 CE1  sing Y N 370 
TYR CD1 HD1  sing N N 371 
TYR CD2 CE2  doub Y N 372 
TYR CD2 HD2  sing N N 373 
TYR CE1 CZ   doub Y N 374 
TYR CE1 HE1  sing N N 375 
TYR CE2 CZ   sing Y N 376 
TYR CE2 HE2  sing N N 377 
TYR CZ  OH   sing N N 378 
TYR OH  HH   sing N N 379 
TYR OXT HXT  sing N N 380 
VAL N   CA   sing N N 381 
VAL N   H    sing N N 382 
VAL N   H2   sing N N 383 
VAL CA  C    sing N N 384 
VAL CA  CB   sing N N 385 
VAL CA  HA   sing N N 386 
VAL C   O    doub N N 387 
VAL C   OXT  sing N N 388 
VAL CB  CG1  sing N N 389 
VAL CB  CG2  sing N N 390 
VAL CB  HB   sing N N 391 
VAL CG1 HG11 sing N N 392 
VAL CG1 HG12 sing N N 393 
VAL CG1 HG13 sing N N 394 
VAL CG2 HG21 sing N N 395 
VAL CG2 HG22 sing N N 396 
VAL CG2 HG23 sing N N 397 
VAL OXT HXT  sing N N 398 
# 
_pdbx_initial_refinement_model.id               1 
_pdbx_initial_refinement_model.entity_id_list   ? 
_pdbx_initial_refinement_model.type             'experimental model' 
_pdbx_initial_refinement_model.source_name      PDB 
_pdbx_initial_refinement_model.accession_code   4AOM 
_pdbx_initial_refinement_model.details          'PDB ENTRY 4AOM' 
# 
_atom_sites.entry_id                    4R1E 
_atom_sites.fract_transf_matrix[1][1]   0.00076600 
_atom_sites.fract_transf_matrix[1][2]   -0.02719432 
_atom_sites.fract_transf_matrix[1][3]   0.00139794 
_atom_sites.fract_transf_matrix[2][1]   -0.00016650 
_atom_sites.fract_transf_matrix[2][2]   0.00091597 
_atom_sites.fract_transf_matrix[2][3]   0.01790982 
_atom_sites.fract_transf_matrix[3][1]   -0.01317622 
_atom_sites.fract_transf_matrix[3][2]   -0.00037645 
_atom_sites.fract_transf_matrix[3][3]   -0.00010324 
_atom_sites.fract_transf_vector[1]      -0.352326 
_atom_sites.fract_transf_vector[2]      0.062427 
_atom_sites.fract_transf_vector[3]      -0.136167 
# 
loop_
_atom_type.symbol 
C 
N 
O 
S 
# 
loop_
_atom_site.group_PDB 
_atom_site.id 
_atom_site.type_symbol 
_atom_site.label_atom_id 
_atom_site.label_alt_id 
_atom_site.label_comp_id 
_atom_site.label_asym_id 
_atom_site.label_entity_id 
_atom_site.label_seq_id 
_atom_site.pdbx_PDB_ins_code 
_atom_site.Cartn_x 
_atom_site.Cartn_y 
_atom_site.Cartn_z 
_atom_site.occupancy 
_atom_site.B_iso_or_equiv 
_atom_site.pdbx_formal_charge 
_atom_site.auth_seq_id 
_atom_site.auth_comp_id 
_atom_site.auth_asym_id 
_atom_site.auth_atom_id 
_atom_site.pdbx_PDB_model_num 
ATOM   1    N N   . SER A 1 2   ? -1.820  10.758  -20.353 1.00 38.16 ? 61   SER A N   1 
ATOM   2    C CA  . SER A 1 2   ? -1.687  10.623  -21.844 1.00 37.98 ? 61   SER A CA  1 
ATOM   3    C C   . SER A 1 2   ? -0.371  9.936   -22.194 1.00 36.68 ? 61   SER A C   1 
ATOM   4    O O   . SER A 1 2   ? -0.363  8.924   -22.885 1.00 37.00 ? 61   SER A O   1 
ATOM   5    C CB  . SER A 1 2   ? -1.794  11.988  -22.534 1.00 39.13 ? 61   SER A CB  1 
ATOM   6    N N   . VAL A 1 3   ? 0.738   10.479  -21.698 1.00 35.69 ? 62   VAL A N   1 
ATOM   7    C CA  . VAL A 1 3   ? 2.032   9.793   -21.764 1.00 34.98 ? 62   VAL A CA  1 
ATOM   8    C C   . VAL A 1 3   ? 2.119   8.644   -20.747 1.00 34.55 ? 62   VAL A C   1 
ATOM   9    O O   . VAL A 1 3   ? 3.013   7.794   -20.832 1.00 32.68 ? 62   VAL A O   1 
ATOM   10   C CB  . VAL A 1 3   ? 3.192   10.779  -21.515 1.00 35.54 ? 62   VAL A CB  1 
ATOM   11   N N   . ALA A 1 4   ? 1.184   8.618   -19.795 1.00 34.37 ? 63   ALA A N   1 
ATOM   12   C CA  . ALA A 1 4   ? 1.143   7.583   -18.764 1.00 34.11 ? 63   ALA A CA  1 
ATOM   13   C C   . ALA A 1 4   ? 0.644   6.245   -19.291 1.00 35.19 ? 63   ALA A C   1 
ATOM   14   O O   . ALA A 1 4   ? 0.018   6.178   -20.347 1.00 34.04 ? 63   ALA A O   1 
ATOM   15   C CB  . ALA A 1 4   ? 0.274   8.037   -17.599 1.00 34.86 ? 63   ALA A CB  1 
ATOM   16   N N   . ASP A 1 5   ? 0.913   5.187   -18.526 1.00 34.56 ? 64   ASP A N   1 
ATOM   17   C CA  . ASP A 1 5   ? 0.567   3.816   -18.911 1.00 36.15 ? 64   ASP A CA  1 
ATOM   18   C C   . ASP A 1 5   ? -0.882  3.505   -18.537 1.00 36.28 ? 64   ASP A C   1 
ATOM   19   O O   . ASP A 1 5   ? -1.136  2.595   -17.746 1.00 37.10 ? 64   ASP A O   1 
ATOM   20   C CB  . ASP A 1 5   ? 1.493   2.825   -18.192 1.00 36.53 ? 64   ASP A CB  1 
ATOM   21   N N   . ILE A 1 6   ? -1.826  4.255   -19.108 1.00 36.68 ? 65   ILE A N   1 
ATOM   22   C CA  . ILE A 1 6   ? -3.238  4.126   -18.742 1.00 36.70 ? 65   ILE A CA  1 
ATOM   23   C C   . ILE A 1 6   ? -3.818  2.834   -19.332 1.00 35.84 ? 65   ILE A C   1 
ATOM   24   O O   . ILE A 1 6   ? -4.606  2.153   -18.678 1.00 35.56 ? 65   ILE A O   1 
ATOM   25   C CB  . ILE A 1 6   ? -4.082  5.333   -19.208 1.00 37.22 ? 65   ILE A CB  1 
ATOM   26   N N   . GLN A 1 7   ? -3.422  2.497   -20.557 1.00 34.53 ? 66   GLN A N   1 
ATOM   27   C CA  . GLN A 1 7   ? -3.880  1.261   -21.207 1.00 35.00 ? 66   GLN A CA  1 
ATOM   28   C C   . GLN A 1 7   ? -3.641  0.040   -20.315 1.00 34.89 ? 66   GLN A C   1 
ATOM   29   O O   . GLN A 1 7   ? -4.565  -0.732  -20.074 1.00 36.34 ? 66   GLN A O   1 
ATOM   30   C CB  . GLN A 1 7   ? -3.192  1.068   -22.568 1.00 34.87 ? 66   GLN A CB  1 
ATOM   31   N N   . GLN A 1 8   ? -2.416  -0.101  -19.804 1.00 35.25 ? 67   GLN A N   1 
ATOM   32   C CA  . GLN A 1 8   ? -2.027  -1.259  -18.972 1.00 35.38 ? 67   GLN A CA  1 
ATOM   33   C C   . GLN A 1 8   ? -2.851  -1.416  -17.690 1.00 34.25 ? 67   GLN A C   1 
ATOM   34   O O   . GLN A 1 8   ? -3.136  -2.536  -17.265 1.00 33.35 ? 67   GLN A O   1 
ATOM   35   C CB  . GLN A 1 8   ? -0.541  -1.169  -18.593 1.00 35.98 ? 67   GLN A CB  1 
ATOM   36   N N   . LEU A 1 9   ? -3.209  -0.290  -17.077 1.00 34.86 ? 68   LEU A N   1 
ATOM   37   C CA  . LEU A 1 9   ? -4.022  -0.276  -15.866 1.00 35.21 ? 68   LEU A CA  1 
ATOM   38   C C   . LEU A 1 9   ? -5.407  -0.850  -16.139 1.00 36.68 ? 68   LEU A C   1 
ATOM   39   O O   . LEU A 1 9   ? -5.763  -1.912  -15.622 1.00 38.18 ? 68   LEU A O   1 
ATOM   40   C CB  . LEU A 1 9   ? -4.152  1.153   -15.328 1.00 35.49 ? 68   LEU A CB  1 
ATOM   41   N N   . LYS A 1 12  ? -5.351  -4.909  -15.709 1.00 38.38 ? 71   LYS A N   1 
ATOM   42   C CA  . LYS A 1 12  ? -5.054  -5.253  -14.328 1.00 38.56 ? 71   LYS A CA  1 
ATOM   43   C C   . LYS A 1 12  ? -6.189  -4.826  -13.396 1.00 38.44 ? 71   LYS A C   1 
ATOM   44   O O   . LYS A 1 12  ? -6.399  -5.434  -12.350 1.00 39.60 ? 71   LYS A O   1 
ATOM   45   C CB  . LYS A 1 12  ? -3.741  -4.596  -13.884 1.00 38.44 ? 71   LYS A CB  1 
ATOM   46   N N   . VAL A 1 13  ? -6.892  -3.761  -13.771 1.00 38.88 ? 72   VAL A N   1 
ATOM   47   C CA  . VAL A 1 13  ? -8.034  -3.258  -13.009 1.00 38.70 ? 72   VAL A CA  1 
ATOM   48   C C   . VAL A 1 13  ? -9.226  -3.138  -13.942 1.00 38.46 ? 72   VAL A C   1 
ATOM   49   O O   . VAL A 1 13  ? -9.065  -2.798  -15.119 1.00 40.90 ? 72   VAL A O   1 
ATOM   50   C CB  . VAL A 1 13  ? -7.753  -1.854  -12.436 1.00 36.04 ? 72   VAL A CB  1 
ATOM   51   N N   . ASP A 1 14  ? -10.418 -3.401  -13.417 1.00 40.02 ? 73   ASP A N   1 
ATOM   52   C CA  . ASP A 1 14  ? -11.647 -3.137  -14.162 1.00 39.03 ? 73   ASP A CA  1 
ATOM   53   C C   . ASP A 1 14  ? -11.832 -1.631  -14.243 1.00 36.27 ? 73   ASP A C   1 
ATOM   54   O O   . ASP A 1 14  ? -11.911 -0.958  -13.213 1.00 36.70 ? 73   ASP A O   1 
ATOM   55   C CB  . ASP A 1 14  ? -12.860 -3.789  -13.483 1.00 39.98 ? 73   ASP A CB  1 
ATOM   56   N N   . GLU A 1 15  ? -11.889 -1.113  -15.465 1.00 33.62 ? 74   GLU A N   1 
ATOM   57   C CA  . GLU A 1 15  ? -11.996 0.321   -15.708 1.00 33.47 ? 74   GLU A CA  1 
ATOM   58   C C   . GLU A 1 15  ? -13.346 0.914   -15.298 1.00 33.63 ? 74   GLU A C   1 
ATOM   59   O O   . GLU A 1 15  ? -13.456 2.121   -15.080 1.00 33.18 ? 74   GLU A O   1 
ATOM   60   C CB  . GLU A 1 15  ? -11.732 0.625   -17.185 1.00 33.97 ? 74   GLU A CB  1 
ATOM   61   N N   . SER A 1 16  ? -14.376 0.074   -15.215 1.00 32.41 ? 75   SER A N   1 
ATOM   62   C CA  . SER A 1 16  ? -15.675 0.522   -14.730 1.00 30.81 ? 75   SER A CA  1 
ATOM   63   C C   . SER A 1 16  ? -15.578 0.891   -13.251 1.00 27.50 ? 75   SER A C   1 
ATOM   64   O O   . SER A 1 16  ? -16.102 1.907   -12.834 1.00 25.95 ? 75   SER A O   1 
ATOM   65   C CB  . SER A 1 16  ? -16.726 -0.567  -14.937 1.00 32.01 ? 75   SER A CB  1 
ATOM   66   O OG  . SER A 1 16  ? -16.297 -1.783  -14.350 1.00 35.07 ? 75   SER A OG  1 
ATOM   67   N N   . ASP A 1 17  ? -14.904 0.046   -12.476 1.00 25.90 ? 76   ASP A N   1 
ATOM   68   C CA  . ASP A 1 17  ? -14.635 0.324   -11.064 1.00 24.87 ? 76   ASP A CA  1 
ATOM   69   C C   . ASP A 1 17  ? -13.811 1.601   -10.886 1.00 21.98 ? 76   ASP A C   1 
ATOM   70   O O   . ASP A 1 17  ? -14.094 2.401   -10.003 1.00 21.14 ? 76   ASP A O   1 
ATOM   71   C CB  . ASP A 1 17  ? -13.895 -0.843  -10.416 1.00 25.78 ? 76   ASP A CB  1 
ATOM   72   C CG  . ASP A 1 17  ? -14.718 -2.115  -10.397 1.00 28.93 ? 76   ASP A CG  1 
ATOM   73   O OD1 . ASP A 1 17  ? -15.798 -2.133  -11.035 1.00 30.05 ? 76   ASP A OD1 1 
ATOM   74   O OD2 . ASP A 1 17  ? -14.282 -3.084  -9.745  1.00 29.75 ? 76   ASP A OD2 1 
ATOM   75   N N   . VAL A 1 18  ? -12.797 1.776   -11.729 1.00 19.87 ? 77   VAL A N   1 
ATOM   76   C CA  . VAL A 1 18  ? -11.974 2.985   -11.703 1.00 18.49 ? 77   VAL A CA  1 
ATOM   77   C C   . VAL A 1 18  ? -12.852 4.234   -11.775 1.00 18.69 ? 77   VAL A C   1 
ATOM   78   O O   . VAL A 1 18  ? -12.674 5.179   -11.014 1.00 16.91 ? 77   VAL A O   1 
ATOM   79   C CB  . VAL A 1 18  ? -10.959 2.999   -12.866 1.00 17.80 ? 77   VAL A CB  1 
ATOM   80   C CG1 . VAL A 1 18  ? -10.301 4.371   -12.997 1.00 18.01 ? 77   VAL A CG1 1 
ATOM   81   C CG2 . VAL A 1 18  ? -9.910  1.925   -12.676 1.00 17.40 ? 77   VAL A CG2 1 
ATOM   82   N N   . ARG A 1 19  ? -13.821 4.214   -12.689 1.00 18.82 ? 78   ARG A N   1 
ATOM   83   C CA  . ARG A 1 19  ? -14.708 5.352   -12.901 1.00 19.55 ? 78   ARG A CA  1 
ATOM   84   C C   . ARG A 1 19  ? -15.724 5.531   -11.775 1.00 19.42 ? 78   ARG A C   1 
ATOM   85   O O   . ARG A 1 19  ? -15.909 6.634   -11.267 1.00 18.35 ? 78   ARG A O   1 
ATOM   86   C CB  . ARG A 1 19  ? -15.430 5.160   -14.230 1.00 21.42 ? 78   ARG A CB  1 
ATOM   87   C CG  . ARG A 1 19  ? -16.499 6.179   -14.543 1.00 23.54 ? 78   ARG A CG  1 
ATOM   88   C CD  . ARG A 1 19  ? -16.843 6.111   -16.027 1.00 25.54 ? 78   ARG A CD  1 
ATOM   89   N NE  . ARG A 1 19  ? -17.108 4.748   -16.512 1.00 27.33 ? 78   ARG A NE  1 
ATOM   90   C CZ  . ARG A 1 19  ? -18.257 4.084   -16.349 1.00 29.01 ? 78   ARG A CZ  1 
ATOM   91   N NH1 . ARG A 1 19  ? -19.272 4.624   -15.680 1.00 28.77 ? 78   ARG A NH1 1 
ATOM   92   N NH2 . ARG A 1 19  ? -18.388 2.852   -16.838 1.00 29.86 ? 78   ARG A NH2 1 
ATOM   93   N N   . ILE A 1 20  ? -16.394 4.441   -11.410 1.00 19.77 ? 79   ILE A N   1 
ATOM   94   C CA  . ILE A 1 20  ? -17.426 4.465   -10.358 1.00 19.98 ? 79   ILE A CA  1 
ATOM   95   C C   . ILE A 1 20  ? -16.803 4.876   -9.032  1.00 19.23 ? 79   ILE A C   1 
ATOM   96   O O   . ILE A 1 20  ? -17.359 5.697   -8.316  1.00 18.12 ? 79   ILE A O   1 
ATOM   97   C CB  . ILE A 1 20  ? -18.137 3.094   -10.255 1.00 20.86 ? 79   ILE A CB  1 
ATOM   98   C CG1 . ILE A 1 20  ? -19.089 2.929   -11.447 1.00 21.72 ? 79   ILE A CG1 1 
ATOM   99   C CG2 . ILE A 1 20  ? -18.923 2.952   -8.964  1.00 20.69 ? 79   ILE A CG2 1 
ATOM   100  C CD1 . ILE A 1 20  ? -19.388 1.491   -11.794 1.00 21.80 ? 79   ILE A CD1 1 
ATOM   101  N N   . TYR A 1 21  ? -15.622 4.341   -8.717  1.00 19.19 ? 80   TYR A N   1 
ATOM   102  C CA  . TYR A 1 21  ? -14.924 4.773   -7.494  1.00 18.93 ? 80   TYR A CA  1 
ATOM   103  C C   . TYR A 1 21  ? -14.591 6.265   -7.508  1.00 17.37 ? 80   TYR A C   1 
ATOM   104  O O   . TYR A 1 21  ? -14.722 6.932   -6.490  1.00 17.23 ? 80   TYR A O   1 
ATOM   105  C CB  . TYR A 1 21  ? -13.655 3.951   -7.230  1.00 19.27 ? 80   TYR A CB  1 
ATOM   106  C CG  . TYR A 1 21  ? -13.870 2.472   -6.964  1.00 20.25 ? 80   TYR A CG  1 
ATOM   107  C CD1 . TYR A 1 21  ? -15.137 1.945   -6.670  1.00 20.95 ? 80   TYR A CD1 1 
ATOM   108  C CD2 . TYR A 1 21  ? -12.787 1.595   -6.993  1.00 20.69 ? 80   TYR A CD2 1 
ATOM   109  C CE1 . TYR A 1 21  ? -15.308 0.578   -6.433  1.00 21.71 ? 80   TYR A CE1 1 
ATOM   110  C CE2 . TYR A 1 21  ? -12.947 0.239   -6.763  1.00 21.39 ? 80   TYR A CE2 1 
ATOM   111  C CZ  . TYR A 1 21  ? -14.203 -0.269  -6.484  1.00 22.22 ? 80   TYR A CZ  1 
ATOM   112  O OH  . TYR A 1 21  ? -14.327 -1.619  -6.248  1.00 23.59 ? 80   TYR A OH  1 
ATOM   113  N N   . PHE A 1 22  ? -14.176 6.794   -8.653  1.00 16.66 ? 81   PHE A N   1 
ATOM   114  C CA  . PHE A 1 22  ? -13.979 8.233   -8.792  1.00 16.90 ? 81   PHE A CA  1 
ATOM   115  C C   . PHE A 1 22  ? -15.280 9.013   -8.511  1.00 17.71 ? 81   PHE A C   1 
ATOM   116  O O   . PHE A 1 22  ? -15.279 9.979   -7.741  1.00 17.30 ? 81   PHE A O   1 
ATOM   117  C CB  . PHE A 1 22  ? -13.442 8.564   -10.192 1.00 16.96 ? 81   PHE A CB  1 
ATOM   118  C CG  . PHE A 1 22  ? -13.249 10.031  -10.438 1.00 16.85 ? 81   PHE A CG  1 
ATOM   119  C CD1 . PHE A 1 22  ? -12.063 10.659  -10.089 1.00 17.18 ? 81   PHE A CD1 1 
ATOM   120  C CD2 . PHE A 1 22  ? -14.249 10.786  -11.031 1.00 17.18 ? 81   PHE A CD2 1 
ATOM   121  C CE1 . PHE A 1 22  ? -11.879 12.010  -10.304 1.00 16.98 ? 81   PHE A CE1 1 
ATOM   122  C CE2 . PHE A 1 22  ? -14.071 12.146  -11.255 1.00 16.99 ? 81   PHE A CE2 1 
ATOM   123  C CZ  . PHE A 1 22  ? -12.888 12.755  -10.889 1.00 17.11 ? 81   PHE A CZ  1 
ATOM   124  N N   . ASN A 1 23  ? -16.391 8.590   -9.116  1.00 18.63 ? 82   ASN A N   1 
ATOM   125  C CA  . ASN A 1 23  ? -17.683 9.284   -8.906  1.00 20.01 ? 82   ASN A CA  1 
ATOM   126  C C   . ASN A 1 23  ? -18.154 9.227   -7.462  1.00 20.18 ? 82   ASN A C   1 
ATOM   127  O O   . ASN A 1 23  ? -18.755 10.179  -6.962  1.00 20.75 ? 82   ASN A O   1 
ATOM   128  C CB  . ASN A 1 23  ? -18.773 8.714   -9.817  1.00 20.40 ? 82   ASN A CB  1 
ATOM   129  C CG  . ASN A 1 23  ? -18.462 8.904   -11.282 1.00 21.20 ? 82   ASN A CG  1 
ATOM   130  O OD1 . ASN A 1 23  ? -17.799 9.868   -11.665 1.00 21.44 ? 82   ASN A OD1 1 
ATOM   131  N ND2 . ASN A 1 23  ? -18.945 7.990   -12.116 1.00 21.20 ? 82   ASN A ND2 1 
ATOM   132  N N   . GLU A 1 24  ? -17.875 8.119   -6.783  1.00 20.55 ? 83   GLU A N   1 
ATOM   133  C CA  . GLU A 1 24  ? -18.194 8.021   -5.349  1.00 20.68 ? 83   GLU A CA  1 
ATOM   134  C C   . GLU A 1 24  ? -17.512 9.095   -4.501  1.00 19.42 ? 83   GLU A C   1 
ATOM   135  O O   . GLU A 1 24  ? -18.111 9.595   -3.554  1.00 18.87 ? 83   GLU A O   1 
ATOM   136  C CB  . GLU A 1 24  ? -17.805 6.656   -4.801  1.00 21.10 ? 83   GLU A CB  1 
ATOM   137  C CG  . GLU A 1 24  ? -18.667 5.519   -5.293  1.00 21.93 ? 83   GLU A CG  1 
ATOM   138  C CD  . GLU A 1 24  ? -18.083 4.163   -4.950  1.00 22.87 ? 83   GLU A CD  1 
ATOM   139  O OE1 . GLU A 1 24  ? -16.978 4.115   -4.357  1.00 22.90 ? 83   GLU A OE1 1 
ATOM   140  O OE2 . GLU A 1 24  ? -18.732 3.142   -5.267  1.00 23.48 ? 83   GLU A OE2 1 
ATOM   141  N N   . LYS A 1 25  ? -16.275 9.450   -4.848  1.00 18.64 ? 84   LYS A N   1 
ATOM   142  C CA  . LYS A 1 25  ? -15.438 10.320  -4.016  1.00 18.61 ? 84   LYS A CA  1 
ATOM   143  C C   . LYS A 1 25  ? -15.183 11.722  -4.563  1.00 18.30 ? 84   LYS A C   1 
ATOM   144  O O   . LYS A 1 25  ? -14.704 12.581  -3.832  1.00 17.78 ? 84   LYS A O   1 
ATOM   145  C CB  . LYS A 1 25  ? -14.080 9.637   -3.741  1.00 19.85 ? 84   LYS A CB  1 
ATOM   146  C CG  . LYS A 1 25  ? -14.157 8.417   -2.837  1.00 21.29 ? 84   LYS A CG  1 
ATOM   147  C CD  . LYS A 1 25  ? -14.820 8.761   -1.513  1.00 22.68 ? 84   LYS A CD  1 
ATOM   148  C CE  . LYS A 1 25  ? -14.587 7.693   -0.458  1.00 24.75 ? 84   LYS A CE  1 
ATOM   149  N NZ  . LYS A 1 25  ? -15.490 6.538   -0.665  1.00 25.90 ? 84   LYS A NZ  1 
ATOM   150  N N   . SER A 1 26  ? -15.509 11.963  -5.825  1.00 18.74 ? 85   SER A N   1 
ATOM   151  C CA  . SER A 1 26  ? -15.203 13.235  -6.467  1.00 19.65 ? 85   SER A CA  1 
ATOM   152  C C   . SER A 1 26  ? -16.081 14.375  -5.986  1.00 20.90 ? 85   SER A C   1 
ATOM   153  O O   . SER A 1 26  ? -17.223 14.168  -5.615  1.00 21.56 ? 85   SER A O   1 
ATOM   154  C CB  . SER A 1 26  ? -15.374 13.109  -7.976  1.00 19.44 ? 85   SER A CB  1 
ATOM   155  O OG  . SER A 1 26  ? -16.749 12.991  -8.315  1.00 19.10 ? 85   SER A OG  1 
ATOM   156  N N   . SER A 1 27  ? -15.538 15.584  -6.002  1.00 22.78 ? 86   SER A N   1 
ATOM   157  C CA  . SER A 1 27  ? -16.319 16.777  -5.724  1.00 25.17 ? 86   SER A CA  1 
ATOM   158  C C   . SER A 1 27  ? -15.867 17.831  -6.697  1.00 24.90 ? 86   SER A C   1 
ATOM   159  O O   . SER A 1 27  ? -14.665 18.080  -6.830  1.00 23.74 ? 86   SER A O   1 
ATOM   160  C CB  . SER A 1 27  ? -16.114 17.260  -4.295  1.00 27.66 ? 86   SER A CB  1 
ATOM   161  O OG  . SER A 1 27  ? -16.967 18.363  -4.038  1.00 30.95 ? 86   SER A OG  1 
ATOM   162  N N   . GLY A 1 28  ? -16.827 18.435  -7.394  1.00 24.47 ? 87   GLY A N   1 
ATOM   163  C CA  . GLY A 1 28  ? -16.517 19.466  -8.379  1.00 24.42 ? 87   GLY A CA  1 
ATOM   164  C C   . GLY A 1 28  ? -15.593 18.949  -9.467  1.00 23.39 ? 87   GLY A C   1 
ATOM   165  O O   . GLY A 1 28  ? -14.756 19.693  -9.979  1.00 24.34 ? 87   GLY A O   1 
ATOM   166  N N   . GLY A 1 29  ? -15.727 17.664  -9.796  1.00 22.28 ? 88   GLY A N   1 
ATOM   167  C CA  . GLY A 1 29  ? -14.956 17.046  -10.869 1.00 22.44 ? 88   GLY A CA  1 
ATOM   168  C C   . GLY A 1 29  ? -13.540 16.629  -10.500 1.00 21.34 ? 88   GLY A C   1 
ATOM   169  O O   . GLY A 1 29  ? -12.776 16.208  -11.366 1.00 21.37 ? 88   GLY A O   1 
ATOM   170  N N   . LYS A 1 30  ? -13.199 16.739  -9.219  1.00 21.12 ? 89   LYS A N   1 
ATOM   171  C CA  . LYS A 1 30  ? -11.864 16.423  -8.732  1.00 20.27 ? 89   LYS A CA  1 
ATOM   172  C C   . LYS A 1 30  ? -11.930 15.506  -7.511  1.00 19.44 ? 89   LYS A C   1 
ATOM   173  O O   . LYS A 1 30  ? -12.902 15.527  -6.749  1.00 18.68 ? 89   LYS A O   1 
ATOM   174  C CB  . LYS A 1 30  ? -11.117 17.704  -8.363  1.00 20.91 ? 89   LYS A CB  1 
ATOM   175  C CG  . LYS A 1 30  ? -10.569 18.468  -9.557  1.00 21.65 ? 89   LYS A CG  1 
ATOM   176  C CD  . LYS A 1 30  ? -9.824  19.722  -9.121  1.00 22.18 ? 89   LYS A CD  1 
ATOM   177  N N   . ILE A 1 31  ? -10.855 14.742  -7.325  1.00 17.42 ? 90   ILE A N   1 
ATOM   178  C CA  . ILE A 1 31  ? -10.723 13.800  -6.228  1.00 16.49 ? 90   ILE A CA  1 
ATOM   179  C C   . ILE A 1 31  ? -9.442  14.143  -5.479  1.00 16.25 ? 90   ILE A C   1 
ATOM   180  O O   . ILE A 1 31  ? -8.403  14.436  -6.094  1.00 16.21 ? 90   ILE A O   1 
ATOM   181  C CB  . ILE A 1 31  ? -10.698 12.330  -6.741  1.00 16.29 ? 90   ILE A CB  1 
ATOM   182  C CG1 . ILE A 1 31  ? -10.711 11.343  -5.569  1.00 16.08 ? 90   ILE A CG1 1 
ATOM   183  C CG2 . ILE A 1 31  ? -9.491  12.066  -7.650  1.00 16.66 ? 90   ILE A CG2 1 
ATOM   184  C CD1 . ILE A 1 31  ? -10.941 9.910   -5.961  1.00 15.67 ? 90   ILE A CD1 1 
ATOM   185  N N   . SER A 1 32  ? -9.521  14.126  -4.155  1.00 15.22 ? 91   SER A N   1 
ATOM   186  C CA  . SER A 1 32  ? -8.362  14.376  -3.319  1.00 14.85 ? 91   SER A CA  1 
ATOM   187  C C   . SER A 1 32  ? -7.373  13.229  -3.432  1.00 14.21 ? 91   SER A C   1 
ATOM   188  O O   . SER A 1 32  ? -7.745  12.102  -3.766  1.00 13.18 ? 91   SER A O   1 
ATOM   189  C CB  . SER A 1 32  ? -8.772  14.527  -1.863  1.00 14.67 ? 91   SER A CB  1 
ATOM   190  O OG  . SER A 1 32  ? -9.138  13.267  -1.339  1.00 14.84 ? 91   SER A OG  1 
ATOM   191  N N   . ILE A 1 33  ? -6.114  13.507  -3.114  1.00 14.69 ? 92   ILE A N   1 
ATOM   192  C CA  . ILE A 1 33  ? -5.096  12.445  -3.141  1.00 14.59 ? 92   ILE A CA  1 
ATOM   193  C C   . ILE A 1 33  ? -5.445  11.335  -2.168  1.00 14.44 ? 92   ILE A C   1 
ATOM   194  O O   . ILE A 1 33  ? -5.263  10.166  -2.484  1.00 13.39 ? 92   ILE A O   1 
ATOM   195  C CB  . ILE A 1 33  ? -3.674  12.932  -2.758  1.00 14.84 ? 92   ILE A CB  1 
ATOM   196  C CG1 . ILE A 1 33  ? -3.200  14.099  -3.635  1.00 15.63 ? 92   ILE A CG1 1 
ATOM   197  C CG2 . ILE A 1 33  ? -2.686  11.783  -2.869  1.00 14.89 ? 92   ILE A CG2 1 
ATOM   198  C CD1 . ILE A 1 33  ? -3.233  13.861  -5.120  1.00 15.68 ? 92   ILE A CD1 1 
ATOM   199  N N   . ASP A 1 34  ? -5.906  11.707  -0.970  1.00 14.51 ? 93   ASP A N   1 
ATOM   200  C CA  . ASP A 1 34  ? -6.306  10.715  0.029   1.00 14.99 ? 93   ASP A CA  1 
ATOM   201  C C   . ASP A 1 34  ? -7.387  9.779   -0.535  1.00 14.30 ? 93   ASP A C   1 
ATOM   202  O O   . ASP A 1 34  ? -7.298  8.557   -0.387  1.00 13.32 ? 93   ASP A O   1 
ATOM   203  C CB  . ASP A 1 34  ? -6.831  11.385  1.305   1.00 16.20 ? 93   ASP A CB  1 
ATOM   204  C CG  . ASP A 1 34  ? -5.729  12.019  2.146   1.00 17.01 ? 93   ASP A CG  1 
ATOM   205  O OD1 . ASP A 1 34  ? -4.538  11.855  1.842   1.00 17.82 ? 93   ASP A OD1 1 
ATOM   206  O OD2 . ASP A 1 34  ? -6.062  12.683  3.140   1.00 19.44 ? 93   ASP A OD2 1 
ATOM   207  N N   . ASN A 1 35  ? -8.398  10.345  -1.191  1.00 13.75 ? 94   ASN A N   1 
ATOM   208  C CA  . ASN A 1 35  ? -9.440  9.514   -1.795  1.00 13.39 ? 94   ASN A CA  1 
ATOM   209  C C   . ASN A 1 35  ? -8.936  8.737   -3.010  1.00 12.47 ? 94   ASN A C   1 
ATOM   210  O O   . ASN A 1 35  ? -9.377  7.613   -3.235  1.00 12.56 ? 94   ASN A O   1 
ATOM   211  C CB  . ASN A 1 35  ? -10.695 10.325  -2.133  1.00 13.67 ? 94   ASN A CB  1 
ATOM   212  C CG  . ASN A 1 35  ? -11.493 10.689  -0.891  1.00 14.53 ? 94   ASN A CG  1 
ATOM   213  O OD1 . ASN A 1 35  ? -11.542 9.916   0.056   1.00 15.26 ? 94   ASN A OD1 1 
ATOM   214  N ND2 . ASN A 1 35  ? -12.096 11.874  -0.878  1.00 14.65 ? 94   ASN A ND2 1 
ATOM   215  N N   . ALA A 1 36  ? -8.006  9.313   -3.772  1.00 11.77 ? 95   ALA A N   1 
ATOM   216  C CA  . ALA A 1 36  ? -7.418  8.573   -4.899  1.00 11.79 ? 95   ALA A CA  1 
ATOM   217  C C   . ALA A 1 36  ? -6.653  7.328   -4.401  1.00 11.82 ? 95   ALA A C   1 
ATOM   218  O O   . ALA A 1 36  ? -6.790  6.242   -4.971  1.00 11.46 ? 95   ALA A O   1 
ATOM   219  C CB  . ALA A 1 36  ? -6.518  9.474   -5.748  1.00 11.80 ? 95   ALA A CB  1 
ATOM   220  N N   . SER A 1 37  ? -5.873  7.488   -3.333  1.00 11.83 ? 96   SER A N   1 
ATOM   221  C CA  . SER A 1 37  ? -5.116  6.364   -2.761  1.00 12.37 ? 96   SER A CA  1 
ATOM   222  C C   . SER A 1 37  ? -6.073  5.314   -2.191  1.00 12.45 ? 96   SER A C   1 
ATOM   223  O O   . SER A 1 37  ? -5.847  4.110   -2.337  1.00 12.35 ? 96   SER A O   1 
ATOM   224  C CB  . SER A 1 37  ? -4.125  6.853   -1.694  1.00 12.29 ? 96   SER A CB  1 
ATOM   225  O OG  . SER A 1 37  ? -3.128  7.710   -2.280  1.00 12.32 ? 96   SER A OG  1 
ATOM   226  N N   . TYR A 1 38  ? -7.144  5.776   -1.546  1.00 13.10 ? 97   TYR A N   1 
ATOM   227  C CA  . TYR A 1 38  ? -8.207  4.880   -1.079  1.00 13.75 ? 97   TYR A CA  1 
ATOM   228  C C   . TYR A 1 38  ? -8.734  4.034   -2.229  1.00 13.30 ? 97   TYR A C   1 
ATOM   229  O O   . TYR A 1 38  ? -8.807  2.807   -2.125  1.00 13.72 ? 97   TYR A O   1 
ATOM   230  C CB  . TYR A 1 38  ? -9.366  5.680   -0.479  1.00 14.57 ? 97   TYR A CB  1 
ATOM   231  C CG  . TYR A 1 38  ? -10.480 4.798   0.051   1.00 15.68 ? 97   TYR A CG  1 
ATOM   232  C CD1 . TYR A 1 38  ? -10.295 4.049   1.205   1.00 16.17 ? 97   TYR A CD1 1 
ATOM   233  C CD2 . TYR A 1 38  ? -11.700 4.701   -0.612  1.00 16.07 ? 97   TYR A CD2 1 
ATOM   234  C CE1 . TYR A 1 38  ? -11.285 3.232   1.692   1.00 17.04 ? 97   TYR A CE1 1 
ATOM   235  C CE2 . TYR A 1 38  ? -12.714 3.890   -0.116  1.00 17.11 ? 97   TYR A CE2 1 
ATOM   236  C CZ  . TYR A 1 38  ? -12.486 3.158   1.036   1.00 17.31 ? 97   TYR A CZ  1 
ATOM   237  O OH  . TYR A 1 38  ? -13.460 2.349   1.541   1.00 19.93 ? 97   TYR A OH  1 
ATOM   238  N N   . ASN A 1 39  ? -9.113  4.696   -3.321  1.00 12.68 ? 98   ASN A N   1 
ATOM   239  C CA  . ASN A 1 39  ? -9.604  4.000   -4.512  1.00 12.47 ? 98   ASN A CA  1 
ATOM   240  C C   . ASN A 1 39  ? -8.578  3.032   -5.097  1.00 12.62 ? 98   ASN A C   1 
ATOM   241  O O   . ASN A 1 39  ? -8.935  1.917   -5.509  1.00 12.71 ? 98   ASN A O   1 
ATOM   242  C CB  . ASN A 1 39  ? -10.047 4.992   -5.600  1.00 12.37 ? 98   ASN A CB  1 
ATOM   243  C CG  . ASN A 1 39  ? -11.338 5.716   -5.243  1.00 12.39 ? 98   ASN A CG  1 
ATOM   244  O OD1 . ASN A 1 39  ? -11.939 5.452   -4.211  1.00 12.38 ? 98   ASN A OD1 1 
ATOM   245  N ND2 . ASN A 1 39  ? -11.784 6.610   -6.119  1.00 12.61 ? 98   ASN A ND2 1 
ATOM   246  N N   . ALA A 1 40  ? -7.315  3.454   -5.156  1.00 12.08 ? 99   ALA A N   1 
ATOM   247  C CA  . ALA A 1 40  ? -6.256  2.571   -5.649  1.00 12.33 ? 99   ALA A CA  1 
ATOM   248  C C   . ALA A 1 40  ? -6.226  1.282   -4.826  1.00 12.69 ? 99   ALA A C   1 
ATOM   249  O O   . ALA A 1 40  ? -6.136  0.177   -5.381  1.00 12.76 ? 99   ALA A O   1 
ATOM   250  C CB  . ALA A 1 40  ? -4.905  3.275   -5.615  1.00 12.42 ? 99   ALA A CB  1 
ATOM   251  N N   . ARG A 1 41  ? -6.366  1.432   -3.509  1.00 12.81 ? 100  ARG A N   1 
ATOM   252  C CA  . ARG A 1 41  ? -6.394  0.304   -2.593  1.00 13.34 ? 100  ARG A CA  1 
ATOM   253  C C   . ARG A 1 41  ? -7.599  -0.593  -2.809  1.00 13.95 ? 100  ARG A C   1 
ATOM   254  O O   . ARG A 1 41  ? -7.449  -1.817  -2.829  1.00 14.13 ? 100  ARG A O   1 
ATOM   255  C CB  . ARG A 1 41  ? -6.311  0.785   -1.143  1.00 13.27 ? 100  ARG A CB  1 
ATOM   256  C CG  . ARG A 1 41  ? -4.947  1.353   -0.822  1.00 12.95 ? 100  ARG A CG  1 
ATOM   257  C CD  . ARG A 1 41  ? -4.902  2.166   0.460   1.00 13.21 ? 100  ARG A CD  1 
ATOM   258  N NE  . ARG A 1 41  ? -3.569  2.735   0.567   1.00 13.49 ? 100  ARG A NE  1 
ATOM   259  C CZ  . ARG A 1 41  ? -3.259  3.944   1.021   1.00 13.60 ? 100  ARG A CZ  1 
ATOM   260  N NH1 . ARG A 1 41  ? -4.188  4.786   1.481   1.00 13.74 ? 100  ARG A NH1 1 
ATOM   261  N NH2 . ARG A 1 41  ? -1.986  4.304   1.024   1.00 14.04 ? 100  ARG A NH2 1 
ATOM   262  N N   . LYS A 1 42  ? -8.773  0.008   -3.026  1.00 14.50 ? 101  LYS A N   1 
ATOM   263  C CA  . LYS A 1 42  ? -9.985  -0.758  -3.331  1.00 15.14 ? 101  LYS A CA  1 
ATOM   264  C C   . LYS A 1 42  ? -9.855  -1.548  -4.621  1.00 15.10 ? 101  LYS A C   1 
ATOM   265  O O   . LYS A 1 42  ? -10.420 -2.630  -4.751  1.00 14.84 ? 101  LYS A O   1 
ATOM   266  C CB  . LYS A 1 42  ? -11.199 0.163   -3.426  1.00 15.72 ? 101  LYS A CB  1 
ATOM   267  C CG  . LYS A 1 42  ? -11.579 0.794   -2.102  1.00 16.94 ? 101  LYS A CG  1 
ATOM   268  N N   . LEU A 1 43  ? -9.116  -0.994  -5.578  1.00 14.80 ? 102  LEU A N   1 
ATOM   269  C CA  . LEU A 1 43  ? -8.830  -1.675  -6.837  1.00 14.82 ? 102  LEU A CA  1 
ATOM   270  C C   . LEU A 1 43  ? -7.737  -2.746  -6.716  1.00 14.98 ? 102  LEU A C   1 
ATOM   271  O O   . LEU A 1 43  ? -7.502  -3.485  -7.652  1.00 15.52 ? 102  LEU A O   1 
ATOM   272  C CB  . LEU A 1 43  ? -8.417  -0.650  -7.900  1.00 14.95 ? 102  LEU A CB  1 
ATOM   273  C CG  . LEU A 1 43  ? -9.536  0.315   -8.326  1.00 14.84 ? 102  LEU A CG  1 
ATOM   274  C CD1 . LEU A 1 43  ? -8.904  1.552   -8.932  1.00 15.03 ? 102  LEU A CD1 1 
ATOM   275  C CD2 . LEU A 1 43  ? -10.502 -0.340  -9.312  1.00 15.03 ? 102  LEU A CD2 1 
ATOM   276  N N   . GLY A 1 44  ? -7.077  -2.823  -5.566  1.00 14.56 ? 103  GLY A N   1 
ATOM   277  C CA  . GLY A 1 44  ? -6.045  -3.810  -5.333  1.00 14.26 ? 103  GLY A CA  1 
ATOM   278  C C   . GLY A 1 44  ? -4.641  -3.311  -5.624  1.00 14.20 ? 103  GLY A C   1 
ATOM   279  O O   . GLY A 1 44  ? -3.718  -4.120  -5.778  1.00 13.62 ? 103  GLY A O   1 
ATOM   280  N N   . LEU A 1 45  ? -4.462  -1.990  -5.708  1.00 13.57 ? 104  LEU A N   1 
ATOM   281  C CA  . LEU A 1 45  ? -3.127  -1.415  -5.866  1.00 13.63 ? 104  LEU A CA  1 
ATOM   282  C C   . LEU A 1 45  ? -2.588  -0.930  -4.506  1.00 12.72 ? 104  LEU A C   1 
ATOM   283  O O   . LEU A 1 45  ? -3.345  -0.781  -3.542  1.00 12.38 ? 104  LEU A O   1 
ATOM   284  C CB  . LEU A 1 45  ? -3.141  -0.288  -6.900  1.00 14.47 ? 104  LEU A CB  1 
ATOM   285  C CG  . LEU A 1 45  ? -3.736  -0.660  -8.271  1.00 15.02 ? 104  LEU A CG  1 
ATOM   286  C CD1 . LEU A 1 45  ? -3.699  0.545   -9.189  1.00 15.85 ? 104  LEU A CD1 1 
ATOM   287  C CD2 . LEU A 1 45  ? -3.019  -1.843  -8.897  1.00 15.58 ? 104  LEU A CD2 1 
ATOM   288  N N   . ALA A 1 46  ? -1.277  -0.717  -4.428  1.00 12.27 ? 105  ALA A N   1 
ATOM   289  C CA  . ALA A 1 46  ? -0.609  -0.385  -3.169  1.00 11.92 ? 105  ALA A CA  1 
ATOM   290  C C   . ALA A 1 46  ? 0.285   0.855   -3.289  1.00 11.66 ? 105  ALA A C   1 
ATOM   291  O O   . ALA A 1 46  ? 1.511   0.727   -3.408  1.00 11.38 ? 105  ALA A O   1 
ATOM   292  C CB  . ALA A 1 46  ? 0.199   -1.569  -2.682  1.00 12.26 ? 105  ALA A CB  1 
ATOM   293  N N   . PRO A 1 47  ? -0.325  2.060   -3.239  1.00 10.71 ? 106  PRO A N   1 
ATOM   294  C CA  . PRO A 1 47  ? 0.453   3.291   -3.233  1.00 10.69 ? 106  PRO A CA  1 
ATOM   295  C C   . PRO A 1 47  ? 1.231   3.546   -1.944  1.00 10.69 ? 106  PRO A C   1 
ATOM   296  O O   . PRO A 1 47  ? 0.768   3.203   -0.854  1.00 10.53 ? 106  PRO A O   1 
ATOM   297  C CB  . PRO A 1 47  ? -0.596  4.397   -3.417  1.00 10.71 ? 106  PRO A CB  1 
ATOM   298  C CG  . PRO A 1 47  ? -1.915  3.775   -3.051  1.00 10.67 ? 106  PRO A CG  1 
ATOM   299  C CD  . PRO A 1 47  ? -1.778  2.308   -3.320  1.00 10.80 ? 106  PRO A CD  1 
ATOM   300  N N   . SER A 1 48  ? 2.394   4.178   -2.093  1.00 10.47 ? 107  SER A N   1 
ATOM   301  C CA  . SER A 1 48  ? 3.177   4.650   -0.969  1.00 10.73 ? 107  SER A CA  1 
ATOM   302  C C   . SER A 1 48  ? 3.155   6.164   -1.029  1.00 11.07 ? 107  SER A C   1 
ATOM   303  O O   . SER A 1 48  ? 2.581   6.765   -1.961  1.00 10.90 ? 107  SER A O   1 
ATOM   304  C CB  . SER A 1 48  ? 4.622   4.130   -1.062  1.00 10.32 ? 107  SER A CB  1 
ATOM   305  O OG  . SER A 1 48  ? 5.315   4.722   -2.134  1.00 10.11 ? 107  SER A OG  1 
ATOM   306  N N   . SER A 1 49  ? 3.802   6.766   -0.050  1.00 11.65 ? 108  SER A N   1 
ATOM   307  C CA  . SER A 1 49  ? 4.000   8.206   -0.001  1.00 12.13 ? 108  SER A CA  1 
ATOM   308  C C   . SER A 1 49  ? 4.832   8.724   -1.187  1.00 12.53 ? 108  SER A C   1 
ATOM   309  O O   . SER A 1 49  ? 4.706   9.882   -1.574  1.00 12.63 ? 108  SER A O   1 
ATOM   310  C CB  . SER A 1 49  ? 4.693   8.588   1.309   1.00 12.39 ? 108  SER A CB  1 
ATOM   311  O OG  . SER A 1 49  ? 6.055   8.148   1.302   1.00 12.00 ? 108  SER A OG  1 
ATOM   312  N N   . ILE A 1 50  ? 5.690   7.884   -1.753  1.00 13.20 ? 109  ILE A N   1 
ATOM   313  C CA  . ILE A 1 50  ? 6.458   8.271   -2.942  1.00 13.32 ? 109  ILE A CA  1 
ATOM   314  C C   . ILE A 1 50  ? 5.514   8.524   -4.109  1.00 12.10 ? 109  ILE A C   1 
ATOM   315  O O   . ILE A 1 50  ? 5.675   9.485   -4.844  1.00 11.44 ? 109  ILE A O   1 
ATOM   316  C CB  . ILE A 1 50  ? 7.489   7.196   -3.359  1.00 14.49 ? 109  ILE A CB  1 
ATOM   317  C CG1 . ILE A 1 50  ? 8.526   6.968   -2.251  1.00 15.41 ? 109  ILE A CG1 1 
ATOM   318  C CG2 . ILE A 1 50  ? 8.183   7.590   -4.664  1.00 14.75 ? 109  ILE A CG2 1 
ATOM   319  C CD1 . ILE A 1 50  ? 9.099   8.237   -1.669  1.00 16.35 ? 109  ILE A CD1 1 
ATOM   320  N N   . ASP A 1 51  ? 4.530   7.643   -4.272  1.00 11.51 ? 110  ASP A N   1 
ATOM   321  C CA  . ASP A 1 51  ? 3.554   7.786   -5.335  1.00 11.03 ? 110  ASP A CA  1 
ATOM   322  C C   . ASP A 1 51  ? 2.693   9.034   -5.142  1.00 11.03 ? 110  ASP A C   1 
ATOM   323  O O   . ASP A 1 51  ? 2.440   9.769   -6.102  1.00 11.03 ? 110  ASP A O   1 
ATOM   324  C CB  . ASP A 1 51  ? 2.679   6.530   -5.427  1.00 10.89 ? 110  ASP A CB  1 
ATOM   325  C CG  . ASP A 1 51  ? 3.500   5.259   -5.575  1.00 11.03 ? 110  ASP A CG  1 
ATOM   326  O OD1 . ASP A 1 51  ? 4.561   5.309   -6.240  1.00 10.82 ? 110  ASP A OD1 1 
ATOM   327  O OD2 . ASP A 1 51  ? 3.096   4.219   -5.005  1.00 10.50 ? 110  ASP A OD2 1 
ATOM   328  N N   . GLU A 1 52  ? 2.240   9.266   -3.913  1.00 11.36 ? 111  GLU A N   1 
ATOM   329  C CA  . GLU A 1 52  ? 1.444   10.451  -3.596  1.00 11.70 ? 111  GLU A CA  1 
ATOM   330  C C   . GLU A 1 52  ? 2.233   11.765  -3.804  1.00 11.60 ? 111  GLU A C   1 
ATOM   331  O O   . GLU A 1 52  ? 1.687   12.740  -4.323  1.00 11.37 ? 111  GLU A O   1 
ATOM   332  C CB  . GLU A 1 52  ? 0.912   10.368  -2.160  1.00 12.64 ? 111  GLU A CB  1 
ATOM   333  C CG  . GLU A 1 52  ? -0.047  9.212   -1.950  1.00 13.38 ? 111  GLU A CG  1 
ATOM   334  C CD  . GLU A 1 52  ? -0.639  9.163   -0.553  1.00 14.45 ? 111  GLU A CD  1 
ATOM   335  O OE1 . GLU A 1 52  ? 0.005   9.671   0.376   1.00 16.02 ? 111  GLU A OE1 1 
ATOM   336  O OE2 . GLU A 1 52  ? -1.746  8.612   -0.392  1.00 13.59 ? 111  GLU A OE2 1 
ATOM   337  N N   . LYS A 1 53  ? 3.502   11.773  -3.405  1.00 11.28 ? 112  LYS A N   1 
ATOM   338  C CA  . LYS A 1 53  ? 4.384   12.937  -3.586  1.00 11.61 ? 112  LYS A CA  1 
ATOM   339  C C   . LYS A 1 53  ? 4.607   13.263  -5.056  1.00 11.89 ? 112  LYS A C   1 
ATOM   340  O O   . LYS A 1 53  ? 4.589   14.431  -5.449  1.00 11.20 ? 112  LYS A O   1 
ATOM   341  C CB  . LYS A 1 53  ? 5.755   12.693  -2.928  1.00 11.82 ? 112  LYS A CB  1 
ATOM   342  N N   . LYS A 1 54  ? 4.797   12.225  -5.864  1.00 12.01 ? 113  LYS A N   1 
ATOM   343  C CA  . LYS A 1 54  ? 4.997   12.391  -7.298  1.00 12.62 ? 113  LYS A CA  1 
ATOM   344  C C   . LYS A 1 54  ? 3.795   13.063  -7.955  1.00 11.79 ? 113  LYS A C   1 
ATOM   345  O O   . LYS A 1 54  ? 3.948   14.033  -8.698  1.00 11.29 ? 113  LYS A O   1 
ATOM   346  C CB  . LYS A 1 54  ? 5.268   11.038  -7.961  1.00 14.13 ? 113  LYS A CB  1 
ATOM   347  C CG  . LYS A 1 54  ? 6.742   10.683  -8.067  1.00 15.68 ? 113  LYS A CG  1 
ATOM   348  C CD  . LYS A 1 54  ? 6.935   9.202   -8.346  1.00 16.70 ? 113  LYS A CD  1 
ATOM   349  C CE  . LYS A 1 54  ? 6.798   8.897   -9.829  1.00 17.44 ? 113  LYS A CE  1 
ATOM   350  N NZ  . LYS A 1 54  ? 7.713   7.804   -10.258 1.00 17.87 ? 113  LYS A NZ  1 
ATOM   351  N N   . ILE A 1 55  ? 2.600   12.548  -7.680  1.00 11.53 ? 114  ILE A N   1 
ATOM   352  C CA  . ILE A 1 55  ? 1.389   13.106  -8.262  1.00 11.14 ? 114  ILE A CA  1 
ATOM   353  C C   . ILE A 1 55  ? 1.076   14.507  -7.705  1.00 11.23 ? 114  ILE A C   1 
ATOM   354  O O   . ILE A 1 55  ? 0.645   15.381  -8.467  1.00 11.45 ? 114  ILE A O   1 
ATOM   355  C CB  . ILE A 1 55  ? 0.182   12.164  -8.127  1.00 11.28 ? 114  ILE A CB  1 
ATOM   356  C CG1 . ILE A 1 55  ? -0.878  12.509  -9.180  1.00 11.24 ? 114  ILE A CG1 1 
ATOM   357  C CG2 . ILE A 1 55  ? -0.425  12.239  -6.732  1.00 11.21 ? 114  ILE A CG2 1 
ATOM   358  C CD1 . ILE A 1 55  ? -0.583  11.945  -10.552 1.00 11.33 ? 114  ILE A CD1 1 
ATOM   359  N N   . LYS A 1 56  ? 1.304   14.732  -6.405  1.00 11.28 ? 115  LYS A N   1 
ATOM   360  C CA  . LYS A 1 56  ? 1.132   16.065  -5.818  1.00 11.58 ? 115  LYS A CA  1 
ATOM   361  C C   . LYS A 1 56  ? 2.053   17.110  -6.442  1.00 11.98 ? 115  LYS A C   1 
ATOM   362  O O   . LYS A 1 56  ? 1.610   18.229  -6.731  1.00 11.23 ? 115  LYS A O   1 
ATOM   363  C CB  . LYS A 1 56  ? 1.359   16.052  -4.303  1.00 12.04 ? 115  LYS A CB  1 
ATOM   364  N N   . GLU A 1 57  ? 3.321   16.749  -6.626  1.00 12.58 ? 116  GLU A N   1 
ATOM   365  C CA  . GLU A 1 57  ? 4.293   17.605  -7.288  1.00 13.55 ? 116  GLU A CA  1 
ATOM   366  C C   . GLU A 1 57  ? 3.807   18.014  -8.687  1.00 13.46 ? 116  GLU A C   1 
ATOM   367  O O   . GLU A 1 57  ? 3.939   19.173  -9.075  1.00 12.55 ? 116  GLU A O   1 
ATOM   368  C CB  . GLU A 1 57  ? 5.658   16.918  -7.381  1.00 14.60 ? 116  GLU A CB  1 
ATOM   369  C CG  . GLU A 1 57  ? 6.458   16.966  -6.086  1.00 16.08 ? 116  GLU A CG  1 
ATOM   370  C CD  . GLU A 1 57  ? 7.756   16.173  -6.140  1.00 18.47 ? 116  GLU A CD  1 
ATOM   371  O OE1 . GLU A 1 57  ? 7.968   15.417  -7.122  1.00 19.48 ? 116  GLU A OE1 1 
ATOM   372  O OE2 . GLU A 1 57  ? 8.578   16.318  -5.202  1.00 19.91 ? 116  GLU A OE2 1 
ATOM   373  N N   . LEU A 1 58  ? 3.233   17.068  -9.430  1.00 13.41 ? 117  LEU A N   1 
ATOM   374  C CA  . LEU A 1 58  ? 2.679   17.382  -10.757 1.00 13.96 ? 117  LEU A CA  1 
ATOM   375  C C   . LEU A 1 58  ? 1.418   18.234  -10.701 1.00 14.67 ? 117  LEU A C   1 
ATOM   376  O O   . LEU A 1 58  ? 1.300   19.237  -11.416 1.00 15.01 ? 117  LEU A O   1 
ATOM   377  C CB  . LEU A 1 58  ? 2.392   16.095  -11.539 1.00 13.89 ? 117  LEU A CB  1 
ATOM   378  C CG  . LEU A 1 58  ? 3.649   15.316  -11.929 1.00 13.90 ? 117  LEU A CG  1 
ATOM   379  C CD1 . LEU A 1 58  ? 3.320   13.965  -12.549 1.00 13.89 ? 117  LEU A CD1 1 
ATOM   380  C CD2 . LEU A 1 58  ? 4.506   16.150  -12.864 1.00 14.23 ? 117  LEU A CD2 1 
ATOM   381  N N   . TYR A 1 59  ? 0.462   17.847  -9.860  1.00 15.16 ? 118  TYR A N   1 
ATOM   382  C CA  . TYR A 1 59  ? -0.901  18.373  -10.011 1.00 15.50 ? 118  TYR A CA  1 
ATOM   383  C C   . TYR A 1 59  ? -1.549  18.973  -8.767  1.00 15.54 ? 118  TYR A C   1 
ATOM   384  O O   . TYR A 1 59  ? -2.673  19.460  -8.842  1.00 15.87 ? 118  TYR A O   1 
ATOM   385  C CB  . TYR A 1 59  ? -1.803  17.260  -10.528 1.00 15.46 ? 118  TYR A CB  1 
ATOM   386  C CG  . TYR A 1 59  ? -1.446  16.710  -11.894 1.00 15.44 ? 118  TYR A CG  1 
ATOM   387  C CD1 . TYR A 1 59  ? -1.324  17.550  -12.999 1.00 15.87 ? 118  TYR A CD1 1 
ATOM   388  C CD2 . TYR A 1 59  ? -1.298  15.341  -12.099 1.00 15.44 ? 118  TYR A CD2 1 
ATOM   389  C CE1 . TYR A 1 59  ? -1.031  17.043  -14.261 1.00 15.56 ? 118  TYR A CE1 1 
ATOM   390  C CE2 . TYR A 1 59  ? -1.020  14.824  -13.363 1.00 15.80 ? 118  TYR A CE2 1 
ATOM   391  C CZ  . TYR A 1 59  ? -0.893  15.683  -14.447 1.00 15.59 ? 118  TYR A CZ  1 
ATOM   392  O OH  . TYR A 1 59  ? -0.623  15.178  -15.722 1.00 15.31 ? 118  TYR A OH  1 
ATOM   393  N N   . GLY A 1 60  ? -0.858  18.955  -7.638  1.00 15.22 ? 119  GLY A N   1 
ATOM   394  C CA  . GLY A 1 60  ? -1.456  19.387  -6.377  1.00 15.99 ? 119  GLY A CA  1 
ATOM   395  C C   . GLY A 1 60  ? -2.307  18.325  -5.697  1.00 16.65 ? 119  GLY A C   1 
ATOM   396  O O   . GLY A 1 60  ? -2.188  17.127  -5.993  1.00 16.12 ? 119  GLY A O   1 
ATOM   397  N N   . ASP A 1 61  ? -3.205  18.779  -4.821  1.00 17.06 ? 120  ASP A N   1 
ATOM   398  C CA  . ASP A 1 61  ? -3.924  17.901  -3.880  1.00 18.27 ? 120  ASP A CA  1 
ATOM   399  C C   . ASP A 1 61  ? -5.224  17.324  -4.415  1.00 18.76 ? 120  ASP A C   1 
ATOM   400  O O   . ASP A 1 61  ? -5.799  16.445  -3.784  1.00 19.00 ? 120  ASP A O   1 
ATOM   401  C CB  . ASP A 1 61  ? -4.271  18.678  -2.597  1.00 19.04 ? 120  ASP A CB  1 
ATOM   402  N N   . ASN A 1 62  ? -5.689  17.838  -5.553  1.00 18.92 ? 121  ASN A N   1 
ATOM   403  C CA  . ASN A 1 62  ? -6.970  17.479  -6.125  1.00 20.38 ? 121  ASN A CA  1 
ATOM   404  C C   . ASN A 1 62  ? -6.803  17.197  -7.601  1.00 19.32 ? 121  ASN A C   1 
ATOM   405  O O   . ASN A 1 62  ? -6.339  18.050  -8.354  1.00 20.46 ? 121  ASN A O   1 
ATOM   406  C CB  . ASN A 1 62  ? -7.976  18.608  -5.904  1.00 22.27 ? 121  ASN A CB  1 
ATOM   407  C CG  . ASN A 1 62  ? -8.342  18.761  -4.441  1.00 24.21 ? 121  ASN A CG  1 
ATOM   408  O OD1 . ASN A 1 62  ? -8.823  17.813  -3.814  1.00 26.03 ? 121  ASN A OD1 1 
ATOM   409  N ND2 . ASN A 1 62  ? -8.084  19.932  -3.878  1.00 24.38 ? 121  ASN A ND2 1 
ATOM   410  N N   . LEU A 1 63  ? -7.181  15.995  -8.007  1.00 17.75 ? 122  LEU A N   1 
ATOM   411  C CA  . LEU A 1 63  ? -6.898  15.517  -9.336  1.00 17.35 ? 122  LEU A CA  1 
ATOM   412  C C   . LEU A 1 63  ? -8.147  15.493  -10.186 1.00 17.33 ? 122  LEU A C   1 
ATOM   413  O O   . LEU A 1 63  ? -9.202  15.054  -9.726  1.00 17.46 ? 122  LEU A O   1 
ATOM   414  C CB  . LEU A 1 63  ? -6.315  14.100  -9.261  1.00 16.67 ? 122  LEU A CB  1 
ATOM   415  C CG  . LEU A 1 63  ? -5.170  13.939  -8.268  1.00 16.40 ? 122  LEU A CG  1 
ATOM   416  C CD1 . LEU A 1 63  ? -4.706  12.488  -8.224  1.00 16.41 ? 122  LEU A CD1 1 
ATOM   417  C CD2 . LEU A 1 63  ? -4.020  14.888  -8.599  1.00 16.75 ? 122  LEU A CD2 1 
ATOM   418  N N   . THR A 1 64  ? -8.010  15.921  -11.438 1.00 17.04 ? 123  THR A N   1 
ATOM   419  C CA  . THR A 1 64  ? -9.065  15.713  -12.431 1.00 17.58 ? 123  THR A CA  1 
ATOM   420  C C   . THR A 1 64  ? -9.132  14.227  -12.704 1.00 17.10 ? 123  THR A C   1 
ATOM   421  O O   . THR A 1 64  ? -8.258  13.479  -12.277 1.00 17.08 ? 123  THR A O   1 
ATOM   422  C CB  . THR A 1 64  ? -8.750  16.419  -13.750 1.00 17.65 ? 123  THR A CB  1 
ATOM   423  O OG1 . THR A 1 64  ? -7.539  15.873  -14.286 1.00 18.75 ? 123  THR A OG1 1 
ATOM   424  C CG2 . THR A 1 64  ? -8.579  17.900  -13.535 1.00 18.24 ? 123  THR A CG2 1 
ATOM   425  N N   . TYR A 1 65  ? -10.152 13.788  -13.423 1.00 17.09 ? 124  TYR A N   1 
ATOM   426  C CA  . TYR A 1 65  ? -10.257 12.376  -13.779 1.00 17.20 ? 124  TYR A CA  1 
ATOM   427  C C   . TYR A 1 65  ? -9.021  11.842  -14.509 1.00 16.91 ? 124  TYR A C   1 
ATOM   428  O O   . TYR A 1 65  ? -8.554  10.739  -14.230 1.00 15.67 ? 124  TYR A O   1 
ATOM   429  C CB  . TYR A 1 65  ? -11.489 12.125  -14.642 1.00 17.57 ? 124  TYR A CB  1 
ATOM   430  C CG  . TYR A 1 65  ? -11.758 10.663  -14.855 1.00 18.49 ? 124  TYR A CG  1 
ATOM   431  C CD1 . TYR A 1 65  ? -12.066 9.847   -13.781 1.00 18.93 ? 124  TYR A CD1 1 
ATOM   432  C CD2 . TYR A 1 65  ? -11.711 10.097  -16.117 1.00 18.90 ? 124  TYR A CD2 1 
ATOM   433  C CE1 . TYR A 1 65  ? -12.311 8.506   -13.945 1.00 19.40 ? 124  TYR A CE1 1 
ATOM   434  C CE2 . TYR A 1 65  ? -11.958 8.746   -16.298 1.00 19.52 ? 124  TYR A CE2 1 
ATOM   435  C CZ  . TYR A 1 65  ? -12.259 7.958   -15.204 1.00 19.65 ? 124  TYR A CZ  1 
ATOM   436  O OH  . TYR A 1 65  ? -12.511 6.616   -15.332 1.00 19.97 ? 124  TYR A OH  1 
ATOM   437  N N   . GLU A 1 66  ? -8.526  12.601  -15.478 1.00 16.95 ? 125  GLU A N   1 
ATOM   438  C CA  . GLU A 1 66  ? -7.368  12.157  -16.243 1.00 17.40 ? 125  GLU A CA  1 
ATOM   439  C C   . GLU A 1 66  ? -6.136  12.038  -15.349 1.00 15.94 ? 125  GLU A C   1 
ATOM   440  O O   . GLU A 1 66  ? -5.374  11.098  -15.476 1.00 15.39 ? 125  GLU A O   1 
ATOM   441  C CB  . GLU A 1 66  ? -7.065  13.136  -17.379 1.00 18.41 ? 125  GLU A CB  1 
ATOM   442  C CG  . GLU A 1 66  ? -5.914  12.700  -18.270 1.00 19.47 ? 125  GLU A CG  1 
ATOM   443  C CD  . GLU A 1 66  ? -6.242  11.457  -19.085 1.00 20.86 ? 125  GLU A CD  1 
ATOM   444  N N   . GLN A 1 67  ? -5.946  13.019  -14.483 1.00 15.81 ? 126  GLN A N   1 
ATOM   445  C CA  . GLN A 1 67  ? -4.826  13.037  -13.550 1.00 15.49 ? 126  GLN A CA  1 
ATOM   446  C C   . GLN A 1 67  ? -4.891  11.847  -12.583 1.00 15.07 ? 126  GLN A C   1 
ATOM   447  O O   . GLN A 1 67  ? -3.875  11.235  -12.272 1.00 14.26 ? 126  GLN A O   1 
ATOM   448  C CB  . GLN A 1 67  ? -4.807  14.366  -12.800 1.00 16.11 ? 126  GLN A CB  1 
ATOM   449  C CG  . GLN A 1 67  ? -4.478  15.526  -13.727 1.00 16.67 ? 126  GLN A CG  1 
ATOM   450  C CD  . GLN A 1 67  ? -4.827  16.885  -13.194 1.00 17.41 ? 126  GLN A CD  1 
ATOM   451  O OE1 . GLN A 1 67  ? -5.309  17.039  -12.075 1.00 17.17 ? 126  GLN A OE1 1 
ATOM   452  N NE2 . GLN A 1 67  ? -4.579  17.913  -14.020 1.00 18.87 ? 126  GLN A NE2 1 
ATOM   453  N N   . TYR A 1 68  ? -6.103  11.512  -12.146 1.00 13.97 ? 127  TYR A N   1 
ATOM   454  C CA  . TYR A 1 68  ? -6.332  10.350  -11.281 1.00 13.60 ? 127  TYR A CA  1 
ATOM   455  C C   . TYR A 1 68  ? -6.000  9.054   -12.000 1.00 13.23 ? 127  TYR A C   1 
ATOM   456  O O   . TYR A 1 68  ? -5.392  8.159   -11.414 1.00 12.37 ? 127  TYR A O   1 
ATOM   457  C CB  . TYR A 1 68  ? -7.787  10.391  -10.778 1.00 13.44 ? 127  TYR A CB  1 
ATOM   458  C CG  . TYR A 1 68  ? -8.484  9.094   -10.373 1.00 13.55 ? 127  TYR A CG  1 
ATOM   459  C CD1 . TYR A 1 68  ? -8.334  8.552   -9.089  1.00 13.49 ? 127  TYR A CD1 1 
ATOM   460  C CD2 . TYR A 1 68  ? -9.418  8.512   -11.214 1.00 13.77 ? 127  TYR A CD2 1 
ATOM   461  C CE1 . TYR A 1 68  ? -9.032  7.416   -8.704  1.00 13.33 ? 127  TYR A CE1 1 
ATOM   462  C CE2 . TYR A 1 68  ? -10.122 7.383   -10.841 1.00 13.86 ? 127  TYR A CE2 1 
ATOM   463  C CZ  . TYR A 1 68  ? -9.944  6.849   -9.583  1.00 13.60 ? 127  TYR A CZ  1 
ATOM   464  O OH  . TYR A 1 68  ? -10.683 5.728   -9.250  1.00 13.97 ? 127  TYR A OH  1 
ATOM   465  N N   . LEU A 1 69  ? -6.360  8.961   -13.287 1.00 13.38 ? 128  LEU A N   1 
ATOM   466  C CA  . LEU A 1 69  ? -5.968  7.806   -14.082 1.00 13.75 ? 128  LEU A CA  1 
ATOM   467  C C   . LEU A 1 69  ? -4.438  7.696   -14.137 1.00 13.31 ? 128  LEU A C   1 
ATOM   468  O O   . LEU A 1 69  ? -3.892  6.601   -14.032 1.00 12.24 ? 128  LEU A O   1 
ATOM   469  C CB  . LEU A 1 69  ? -6.523  7.876   -15.513 1.00 14.24 ? 128  LEU A CB  1 
ATOM   470  C CG  . LEU A 1 69  ? -8.030  7.705   -15.731 1.00 14.59 ? 128  LEU A CG  1 
ATOM   471  C CD1 . LEU A 1 69  ? -8.333  7.688   -17.225 1.00 14.47 ? 128  LEU A CD1 1 
ATOM   472  C CD2 . LEU A 1 69  ? -8.527  6.429   -15.082 1.00 14.77 ? 128  LEU A CD2 1 
ATOM   473  N N   . GLU A 1 70  ? -3.768  8.836   -14.317 1.00 13.33 ? 129  GLU A N   1 
ATOM   474  C CA  . GLU A 1 70  ? -2.300  8.876   -14.328 1.00 13.51 ? 129  GLU A CA  1 
ATOM   475  C C   . GLU A 1 70  ? -1.740  8.458   -12.965 1.00 13.00 ? 129  GLU A C   1 
ATOM   476  O O   . GLU A 1 70  ? -0.798  7.662   -12.897 1.00 13.09 ? 129  GLU A O   1 
ATOM   477  C CB  . GLU A 1 70  ? -1.792  10.255  -14.732 1.00 14.47 ? 129  GLU A CB  1 
ATOM   478  C CG  . GLU A 1 70  ? -2.039  10.570  -16.202 1.00 15.42 ? 129  GLU A CG  1 
ATOM   479  C CD  . GLU A 1 70  ? -1.568  11.947  -16.615 1.00 16.42 ? 129  GLU A CD  1 
ATOM   480  O OE1 . GLU A 1 70  ? -1.090  12.749  -15.779 1.00 16.84 ? 129  GLU A OE1 1 
ATOM   481  O OE2 . GLU A 1 70  ? -1.682  12.239  -17.814 1.00 18.20 ? 129  GLU A OE2 1 
ATOM   482  N N   . TYR A 1 71  ? -2.342  8.954   -11.881 1.00 12.19 ? 130  TYR A N   1 
ATOM   483  C CA  . TYR A 1 71  ? -1.971  8.505   -10.531 1.00 11.96 ? 130  TYR A CA  1 
ATOM   484  C C   . TYR A 1 71  ? -2.091  6.979   -10.361 1.00 12.25 ? 130  TYR A C   1 
ATOM   485  O O   . TYR A 1 71  ? -1.154  6.311   -9.904  1.00 11.35 ? 130  TYR A O   1 
ATOM   486  C CB  . TYR A 1 71  ? -2.799  9.225   -9.447  1.00 11.70 ? 130  TYR A CB  1 
ATOM   487  C CG  . TYR A 1 71  ? -2.465  8.729   -8.059  1.00 11.29 ? 130  TYR A CG  1 
ATOM   488  C CD1 . TYR A 1 71  ? -1.149  8.776   -7.590  1.00 11.24 ? 130  TYR A CD1 1 
ATOM   489  C CD2 . TYR A 1 71  ? -3.438  8.193   -7.223  1.00 11.34 ? 130  TYR A CD2 1 
ATOM   490  C CE1 . TYR A 1 71  ? -0.815  8.309   -6.333  1.00 11.05 ? 130  TYR A CE1 1 
ATOM   491  C CE2 . TYR A 1 71  ? -3.111  7.741   -5.943  1.00 11.26 ? 130  TYR A CE2 1 
ATOM   492  C CZ  . TYR A 1 71  ? -1.788  7.800   -5.513  1.00 11.16 ? 130  TYR A CZ  1 
ATOM   493  O OH  . TYR A 1 71  ? -1.423  7.340   -4.280  1.00 11.59 ? 130  TYR A OH  1 
ATOM   494  N N   . LEU A 1 72  ? -3.241  6.423   -10.736 1.00 13.33 ? 131  LEU A N   1 
ATOM   495  C CA  . LEU A 1 72  ? -3.428  4.971   -10.660 1.00 14.32 ? 131  LEU A CA  1 
ATOM   496  C C   . LEU A 1 72  ? -2.330  4.195   -11.436 1.00 14.59 ? 131  LEU A C   1 
ATOM   497  O O   . LEU A 1 72  ? -1.819  3.188   -10.950 1.00 13.73 ? 131  LEU A O   1 
ATOM   498  C CB  . LEU A 1 72  ? -4.842  4.580   -11.134 1.00 14.87 ? 131  LEU A CB  1 
ATOM   499  C CG  . LEU A 1 72  ? -6.010  5.060   -10.259 1.00 15.39 ? 131  LEU A CG  1 
ATOM   500  C CD1 . LEU A 1 72  ? -7.348  4.604   -10.835 1.00 15.97 ? 131  LEU A CD1 1 
ATOM   501  C CD2 . LEU A 1 72  ? -5.883  4.578   -8.822  1.00 16.01 ? 131  LEU A CD2 1 
ATOM   502  N N   . SER A 1 73  ? -1.930  4.685   -12.608 1.00 15.78 ? 132  SER A N   1 
ATOM   503  C CA  . SER A 1 73  ? -0.891  4.005   -13.402 1.00 17.48 ? 132  SER A CA  1 
ATOM   504  C C   . SER A 1 73  ? 0.479   4.028   -12.699 1.00 18.32 ? 132  SER A C   1 
ATOM   505  O O   . SER A 1 73  ? 1.285   3.118   -12.872 1.00 19.90 ? 132  SER A O   1 
ATOM   506  C CB  . SER A 1 73  ? -0.781  4.632   -14.807 1.00 18.23 ? 132  SER A CB  1 
ATOM   507  O OG  . SER A 1 73  ? -0.004  5.825   -14.774 1.00 19.11 ? 132  SER A OG  1 
ATOM   508  N N   . ILE A 1 74  ? 0.718   5.077   -11.915 1.00 18.60 ? 133  ILE A N   1 
ATOM   509  C CA  . ILE A 1 74  ? 1.893   5.204   -11.018 1.00 19.30 ? 133  ILE A CA  1 
ATOM   510  C C   . ILE A 1 74  ? 1.870   4.161   -9.888  1.00 18.19 ? 133  ILE A C   1 
ATOM   511  O O   . ILE A 1 74  ? 2.914   3.790   -9.355  1.00 16.63 ? 133  ILE A O   1 
ATOM   512  C CB  . ILE A 1 74  ? 1.955   6.645   -10.425 1.00 20.91 ? 133  ILE A CB  1 
ATOM   513  N N   . CYS A 1 75  ? 0.677   3.670   -9.552  1.00 17.71 ? 134  CYS A N   1 
ATOM   514  C CA  . CYS A 1 75  ? 0.482   2.772   -8.413  1.00 16.86 ? 134  CYS A CA  1 
ATOM   515  C C   . CYS A 1 75  ? 0.567   1.273   -8.737  1.00 17.06 ? 134  CYS A C   1 
ATOM   516  O O   . CYS A 1 75  ? 0.391   0.461   -7.847  1.00 16.23 ? 134  CYS A O   1 
ATOM   517  C CB  . CYS A 1 75  ? -0.870  3.074   -7.754  1.00 16.62 ? 134  CYS A CB  1 
ATOM   518  S SG  . CYS A 1 75  ? -0.973  4.727   -7.024  1.00 16.95 ? 134  CYS A SG  1 
ATOM   519  N N   . VAL A 1 76  ? 0.823   0.891   -9.989  1.00 17.62 ? 135  VAL A N   1 
ATOM   520  C CA  . VAL A 1 76  ? 0.774   -0.535  -10.350 1.00 18.43 ? 135  VAL A CA  1 
ATOM   521  C C   . VAL A 1 76  ? 1.914   -1.386  -9.755  1.00 18.09 ? 135  VAL A C   1 
ATOM   522  O O   . VAL A 1 76  ? 1.690   -2.554  -9.376  1.00 18.92 ? 135  VAL A O   1 
ATOM   523  C CB  . VAL A 1 76  ? 0.691   -0.723  -11.885 1.00 19.55 ? 135  VAL A CB  1 
ATOM   524  C CG1 . VAL A 1 76  ? 0.770   -2.191  -12.250 1.00 20.01 ? 135  VAL A CG1 1 
ATOM   525  C CG2 . VAL A 1 76  ? -0.618  -0.135  -12.407 1.00 20.04 ? 135  VAL A CG2 1 
ATOM   526  N N   . HIS A 1 77  ? 3.112   -0.806  -9.688  1.00 17.45 ? 136  HIS A N   1 
ATOM   527  C CA  . HIS A 1 77  ? 4.299   -1.428  -9.064  1.00 17.62 ? 136  HIS A CA  1 
ATOM   528  C C   . HIS A 1 77  ? 4.567   -2.881  -9.513  1.00 16.99 ? 136  HIS A C   1 
ATOM   529  O O   . HIS A 1 77  ? 4.585   -3.834  -8.711  1.00 14.69 ? 136  HIS A O   1 
ATOM   530  C CB  . HIS A 1 77  ? 4.208   -1.331  -7.544  1.00 18.56 ? 136  HIS A CB  1 
ATOM   531  C CG  . HIS A 1 77  ? 4.310   0.068   -7.030  1.00 19.15 ? 136  HIS A CG  1 
ATOM   532  N ND1 . HIS A 1 77  ? 5.482   0.788   -7.068  1.00 20.03 ? 136  HIS A ND1 1 
ATOM   533  C CD2 . HIS A 1 77  ? 3.391   0.872   -6.445  1.00 19.74 ? 136  HIS A CD2 1 
ATOM   534  C CE1 . HIS A 1 77  ? 5.281   1.979   -6.533  1.00 19.97 ? 136  HIS A CE1 1 
ATOM   535  N NE2 . HIS A 1 77  ? 4.020   2.054   -6.144  1.00 19.06 ? 136  HIS A NE2 1 
ATOM   536  N N   . ASP A 1 78  ? 4.791   -3.014  -10.815 1.00 17.36 ? 137  ASP A N   1 
ATOM   537  C CA  . ASP A 1 78  ? 5.073   -4.305  -11.447 1.00 17.97 ? 137  ASP A CA  1 
ATOM   538  C C   . ASP A 1 78  ? 6.294   -5.002  -10.858 1.00 17.59 ? 137  ASP A C   1 
ATOM   539  O O   . ASP A 1 78  ? 6.379   -6.217  -10.886 1.00 18.22 ? 137  ASP A O   1 
ATOM   540  C CB  . ASP A 1 78  ? 5.327   -4.113  -12.937 1.00 17.90 ? 137  ASP A CB  1 
ATOM   541  C CG  . ASP A 1 78  ? 4.070   -3.862  -13.727 1.00 18.79 ? 137  ASP A CG  1 
ATOM   542  O OD1 . ASP A 1 78  ? 2.981   -4.348  -13.339 1.00 18.22 ? 137  ASP A OD1 1 
ATOM   543  O OD2 . ASP A 1 78  ? 4.198   -3.207  -14.786 1.00 19.05 ? 137  ASP A OD2 1 
ATOM   544  N N   . LYS A 1 79  ? 7.213   -4.221  -10.302 1.00 18.45 ? 138  LYS A N   1 
ATOM   545  C CA  . LYS A 1 79  ? 8.438   -4.763  -9.726  1.00 19.42 ? 138  LYS A CA  1 
ATOM   546  C C   . LYS A 1 79  ? 8.218   -5.456  -8.381  1.00 18.69 ? 138  LYS A C   1 
ATOM   547  O O   . LYS A 1 79  ? 9.060   -6.240  -7.942  1.00 19.42 ? 138  LYS A O   1 
ATOM   548  C CB  . LYS A 1 79  ? 9.490   -3.660  -9.578  1.00 20.99 ? 138  LYS A CB  1 
ATOM   549  C CG  . LYS A 1 79  ? 9.533   -2.682  -10.742 1.00 22.97 ? 138  LYS A CG  1 
ATOM   550  C CD  . LYS A 1 79  ? 10.652  -3.028  -11.711 1.00 25.40 ? 138  LYS A CD  1 
ATOM   551  N N   . ASP A 1 80  ? 7.096   -5.168  -7.727  1.00 17.34 ? 139  ASP A N   1 
ATOM   552  C CA  . ASP A 1 80  ? 6.824   -5.758  -6.408  1.00 16.71 ? 139  ASP A CA  1 
ATOM   553  C C   . ASP A 1 80  ? 7.028   -7.293  -6.432  1.00 17.11 ? 139  ASP A C   1 
ATOM   554  O O   . ASP A 1 80  ? 6.575   -7.985  -7.350  1.00 15.60 ? 139  ASP A O   1 
ATOM   555  C CB  . ASP A 1 80  ? 5.394   -5.475  -5.952  1.00 15.77 ? 139  ASP A CB  1 
ATOM   556  C CG  . ASP A 1 80  ? 5.206   -4.081  -5.329  1.00 15.56 ? 139  ASP A CG  1 
ATOM   557  O OD1 . ASP A 1 80  ? 6.183   -3.325  -5.110  1.00 14.77 ? 139  ASP A OD1 1 
ATOM   558  O OD2 . ASP A 1 80  ? 4.034   -3.748  -5.036  1.00 15.16 ? 139  ASP A OD2 1 
ATOM   559  N N   . ASN A 1 81  ? 7.701   -7.812  -5.415  1.00 17.12 ? 140  ASN A N   1 
ATOM   560  C CA  . ASN A 1 81  ? 7.757   -9.260  -5.214  1.00 18.09 ? 140  ASN A CA  1 
ATOM   561  C C   . ASN A 1 81  ? 7.848   -9.574  -3.726  1.00 17.71 ? 140  ASN A C   1 
ATOM   562  O O   . ASN A 1 81  ? 8.084   -8.680  -2.930  1.00 18.12 ? 140  ASN A O   1 
ATOM   563  C CB  . ASN A 1 81  ? 8.911   -9.896  -6.002  1.00 19.18 ? 140  ASN A CB  1 
ATOM   564  C CG  . ASN A 1 81  ? 10.271  -9.326  -5.638  1.00 20.09 ? 140  ASN A CG  1 
ATOM   565  O OD1 . ASN A 1 81  ? 10.562  -9.047  -4.478  1.00 22.99 ? 140  ASN A OD1 1 
ATOM   566  N ND2 . ASN A 1 81  ? 11.129  -9.196  -6.630  1.00 20.99 ? 140  ASN A ND2 1 
ATOM   567  N N   . VAL A 1 82  ? 7.639   -10.833 -3.362  1.00 17.40 ? 141  VAL A N   1 
ATOM   568  C CA  . VAL A 1 82  ? 7.606   -11.218 -1.953  1.00 17.44 ? 141  VAL A CA  1 
ATOM   569  C C   . VAL A 1 82  ? 9.016   -11.206 -1.347  1.00 16.94 ? 141  VAL A C   1 
ATOM   570  O O   . VAL A 1 82  ? 9.184   -10.951 -0.153  1.00 15.50 ? 141  VAL A O   1 
ATOM   571  C CB  . VAL A 1 82  ? 6.919   -12.583 -1.762  1.00 17.51 ? 141  VAL A CB  1 
ATOM   572  C CG1 . VAL A 1 82  ? 7.854   -13.746 -2.120  1.00 17.81 ? 141  VAL A CG1 1 
ATOM   573  C CG2 . VAL A 1 82  ? 6.407   -12.721 -0.340  1.00 17.16 ? 141  VAL A CG2 1 
ATOM   574  N N   . GLU A 1 83  ? 10.015  -11.473 -2.186  1.00 17.63 ? 142  GLU A N   1 
ATOM   575  C CA  . GLU A 1 83  ? 11.415  -11.548 -1.745  1.00 17.84 ? 142  GLU A CA  1 
ATOM   576  C C   . GLU A 1 83  ? 11.902  -10.238 -1.134  1.00 17.14 ? 142  GLU A C   1 
ATOM   577  O O   . GLU A 1 83  ? 12.568  -10.240 -0.107  1.00 16.36 ? 142  GLU A O   1 
ATOM   578  C CB  . GLU A 1 83  ? 12.333  -11.938 -2.899  1.00 18.84 ? 142  GLU A CB  1 
ATOM   579  C CG  . GLU A 1 83  ? 12.230  -13.399 -3.329  1.00 19.84 ? 142  GLU A CG  1 
ATOM   580  C CD  . GLU A 1 83  ? 11.150  -13.665 -4.374  1.00 20.11 ? 142  GLU A CD  1 
ATOM   581  O OE1 . GLU A 1 83  ? 10.472  -12.715 -4.836  1.00 19.06 ? 142  GLU A OE1 1 
ATOM   582  O OE2 . GLU A 1 83  ? 10.966  -14.851 -4.728  1.00 20.59 ? 142  GLU A OE2 1 
ATOM   583  N N   . GLU A 1 84  ? 11.578  -9.118  -1.767  1.00 17.51 ? 143  GLU A N   1 
ATOM   584  C CA  . GLU A 1 84  ? 11.982  -7.829  -1.244  1.00 17.67 ? 143  GLU A CA  1 
ATOM   585  C C   . GLU A 1 84  ? 11.347  -7.577  0.124   1.00 16.26 ? 143  GLU A C   1 
ATOM   586  O O   . GLU A 1 84  ? 12.018  -7.063  1.018   1.00 16.42 ? 143  GLU A O   1 
ATOM   587  C CB  . GLU A 1 84  ? 11.670  -6.685  -2.217  1.00 19.45 ? 143  GLU A CB  1 
ATOM   588  C CG  . GLU A 1 84  ? 10.218  -6.243  -2.291  1.00 21.30 ? 143  GLU A CG  1 
ATOM   589  C CD  . GLU A 1 84  ? 10.028  -5.063  -3.217  1.00 22.85 ? 143  GLU A CD  1 
ATOM   590  O OE1 . GLU A 1 84  ? 10.644  -4.006  -2.966  1.00 24.48 ? 143  GLU A OE1 1 
ATOM   591  O OE2 . GLU A 1 84  ? 9.253   -5.188  -4.179  1.00 23.94 ? 143  GLU A OE2 1 
ATOM   592  N N   . LEU A 1 85  ? 10.083  -7.972  0.288   1.00 14.07 ? 144  LEU A N   1 
ATOM   593  C CA  . LEU A 1 85  ? 9.369   -7.788  1.552   1.00 13.02 ? 144  LEU A CA  1 
ATOM   594  C C   . LEU A 1 85  ? 9.975   -8.643  2.687   1.00 12.74 ? 144  LEU A C   1 
ATOM   595  O O   . LEU A 1 85  ? 10.216  -8.148  3.790   1.00 11.57 ? 144  LEU A O   1 
ATOM   596  C CB  . LEU A 1 85  ? 7.882   -8.126  1.389   1.00 12.80 ? 144  LEU A CB  1 
ATOM   597  C CG  . LEU A 1 85  ? 7.104   -7.514  0.209   1.00 12.87 ? 144  LEU A CG  1 
ATOM   598  C CD1 . LEU A 1 85  ? 5.627   -7.882  0.275   1.00 12.66 ? 144  LEU A CD1 1 
ATOM   599  C CD2 . LEU A 1 85  ? 7.289   -6.004  0.186   1.00 12.99 ? 144  LEU A CD2 1 
ATOM   600  N N   . ILE A 1 86  ? 10.224  -9.915  2.384   1.00 12.10 ? 145  ILE A N   1 
ATOM   601  C CA  . ILE A 1 86  ? 10.783  -10.880 3.336   1.00 12.47 ? 145  ILE A CA  1 
ATOM   602  C C   . ILE A 1 86  ? 12.161  -10.409 3.809   1.00 12.81 ? 145  ILE A C   1 
ATOM   603  O O   . ILE A 1 86  ? 12.461  -10.429 5.005   1.00 12.33 ? 145  ILE A O   1 
ATOM   604  C CB  . ILE A 1 86  ? 10.863  -12.297 2.697   1.00 12.40 ? 145  ILE A CB  1 
ATOM   605  C CG1 . ILE A 1 86  ? 9.447   -12.863 2.519   1.00 12.25 ? 145  ILE A CG1 1 
ATOM   606  C CG2 . ILE A 1 86  ? 11.741  -13.249 3.521   1.00 12.68 ? 145  ILE A CG2 1 
ATOM   607  C CD1 . ILE A 1 86  ? 9.385   -14.145 1.704   1.00 12.44 ? 145  ILE A CD1 1 
ATOM   608  N N   . LYS A 1 87  ? 12.973  -9.954  2.865   1.00 13.37 ? 146  LYS A N   1 
ATOM   609  C CA  . LYS A 1 87  ? 14.337  -9.525  3.158   1.00 14.29 ? 146  LYS A CA  1 
ATOM   610  C C   . LYS A 1 87  ? 14.371  -8.323  4.085   1.00 13.88 ? 146  LYS A C   1 
ATOM   611  O O   . LYS A 1 87  ? 15.267  -8.205  4.915   1.00 13.35 ? 146  LYS A O   1 
ATOM   612  C CB  . LYS A 1 87  ? 15.097  -9.216  1.870   1.00 15.09 ? 146  LYS A CB  1 
ATOM   613  C CG  . LYS A 1 87  ? 15.606  -10.458 1.167   1.00 16.39 ? 146  LYS A CG  1 
ATOM   614  C CD  . LYS A 1 87  ? 16.355  -10.116 -0.115  1.00 17.12 ? 146  LYS A CD  1 
ATOM   615  N N   . MET A 1 88  ? 13.375  -7.447  3.959   1.00 13.71 ? 147  MET A N   1 
ATOM   616  C CA  . MET A 1 88  ? 13.256  -6.292  4.848   1.00 13.52 ? 147  MET A CA  1 
ATOM   617  C C   . MET A 1 88  ? 13.058  -6.748  6.298   1.00 13.00 ? 147  MET A C   1 
ATOM   618  O O   . MET A 1 88  ? 13.801  -6.315  7.190   1.00 12.54 ? 147  MET A O   1 
ATOM   619  C CB  . MET A 1 88  ? 12.102  -5.401  4.398   1.00 13.70 ? 147  MET A CB  1 
ATOM   620  C CG  . MET A 1 88  ? 12.022  -4.062  5.106   1.00 13.77 ? 147  MET A CG  1 
ATOM   621  S SD  . MET A 1 88  ? 11.349  -4.119  6.783   1.00 14.27 ? 147  MET A SD  1 
ATOM   622  C CE  . MET A 1 88  ? 9.663   -4.663  6.490   1.00 14.62 ? 147  MET A CE  1 
ATOM   623  N N   . PHE A 1 89  ? 12.080  -7.626  6.529   1.00 12.48 ? 148  PHE A N   1 
ATOM   624  C CA  . PHE A 1 89  ? 11.880  -8.215  7.868   1.00 12.40 ? 148  PHE A CA  1 
ATOM   625  C C   . PHE A 1 89  ? 13.081  -9.051  8.333   1.00 12.38 ? 148  PHE A C   1 
ATOM   626  O O   . PHE A 1 89  ? 13.474  -8.979  9.495   1.00 12.16 ? 148  PHE A O   1 
ATOM   627  C CB  . PHE A 1 89  ? 10.602  -9.058  7.940   1.00 12.27 ? 148  PHE A CB  1 
ATOM   628  C CG  . PHE A 1 89  ? 9.327   -8.236  7.987   1.00 12.13 ? 148  PHE A CG  1 
ATOM   629  C CD1 . PHE A 1 89  ? 9.014   -7.473  9.119   1.00 12.21 ? 148  PHE A CD1 1 
ATOM   630  C CD2 . PHE A 1 89  ? 8.427   -8.256  6.929   1.00 11.87 ? 148  PHE A CD2 1 
ATOM   631  C CE1 . PHE A 1 89  ? 7.857   -6.717  9.171   1.00 12.22 ? 148  PHE A CE1 1 
ATOM   632  C CE2 . PHE A 1 89  ? 7.255   -7.504  6.970   1.00 11.93 ? 148  PHE A CE2 1 
ATOM   633  C CZ  . PHE A 1 89  ? 6.970   -6.734  8.095   1.00 12.00 ? 148  PHE A CZ  1 
ATOM   634  N N   . ALA A 1 90  ? 13.671  -9.823  7.429   1.00 12.86 ? 149  ALA A N   1 
ATOM   635  C CA  . ALA A 1 90  ? 14.810  -10.681 7.778   1.00 13.07 ? 149  ALA A CA  1 
ATOM   636  C C   . ALA A 1 90  ? 15.990  -9.881  8.357   1.00 13.36 ? 149  ALA A C   1 
ATOM   637  O O   . ALA A 1 90  ? 16.733  -10.398 9.180   1.00 13.61 ? 149  ALA A O   1 
ATOM   638  C CB  . ALA A 1 90  ? 15.244  -11.503 6.571   1.00 13.07 ? 149  ALA A CB  1 
ATOM   639  N N   . HIS A 1 91  ? 16.126  -8.621  7.954   1.00 13.67 ? 150  HIS A N   1 
ATOM   640  C CA  . HIS A 1 91  ? 17.098  -7.688  8.532   1.00 15.12 ? 150  HIS A CA  1 
ATOM   641  C C   . HIS A 1 91  ? 17.024  -7.652  10.069  1.00 15.61 ? 150  HIS A C   1 
ATOM   642  O O   . HIS A 1 91  ? 18.046  -7.548  10.764  1.00 15.16 ? 150  HIS A O   1 
ATOM   643  C CB  . HIS A 1 91  ? 16.830  -6.279  7.996   1.00 16.13 ? 150  HIS A CB  1 
ATOM   644  C CG  . HIS A 1 91  ? 17.692  -5.226  8.611   1.00 17.36 ? 150  HIS A CG  1 
ATOM   645  N ND1 . HIS A 1 91  ? 17.342  -4.568  9.770   1.00 18.45 ? 150  HIS A ND1 1 
ATOM   646  C CD2 . HIS A 1 91  ? 18.902  -4.744  8.251   1.00 17.78 ? 150  HIS A CD2 1 
ATOM   647  C CE1 . HIS A 1 91  ? 18.299  -3.719  10.093  1.00 18.27 ? 150  HIS A CE1 1 
ATOM   648  N NE2 . HIS A 1 91  ? 19.255  -3.800  9.184   1.00 19.00 ? 150  HIS A NE2 1 
ATOM   649  N N   . PHE A 1 92  ? 15.799  -7.733  10.588  1.00 15.32 ? 151  PHE A N   1 
ATOM   650  C CA  . PHE A 1 92  ? 15.563  -7.635  12.019  1.00 15.05 ? 151  PHE A CA  1 
ATOM   651  C C   . PHE A 1 92  ? 15.606  -8.985  12.739  1.00 16.25 ? 151  PHE A C   1 
ATOM   652  O O   . PHE A 1 92  ? 15.583  -9.016  13.966  1.00 16.13 ? 151  PHE A O   1 
ATOM   653  C CB  . PHE A 1 92  ? 14.219  -6.955  12.264  1.00 14.20 ? 151  PHE A CB  1 
ATOM   654  C CG  . PHE A 1 92  ? 14.173  -5.538  11.797  1.00 13.74 ? 151  PHE A CG  1 
ATOM   655  C CD1 . PHE A 1 92  ? 14.592  -4.508  12.628  1.00 13.34 ? 151  PHE A CD1 1 
ATOM   656  C CD2 . PHE A 1 92  ? 13.741  -5.226  10.513  1.00 13.38 ? 151  PHE A CD2 1 
ATOM   657  C CE1 . PHE A 1 92  ? 14.553  -3.194  12.194  1.00 13.17 ? 151  PHE A CE1 1 
ATOM   658  C CE2 . PHE A 1 92  ? 13.705  -3.914  10.075  1.00 12.95 ? 151  PHE A CE2 1 
ATOM   659  C CZ  . PHE A 1 92  ? 14.103  -2.898  10.918  1.00 13.28 ? 151  PHE A CZ  1 
ATOM   660  N N   . ASP A 1 93  ? 15.639  -10.086 11.984  1.00 16.84 ? 152  ASP A N   1 
ATOM   661  C CA  . ASP A 1 93  ? 15.630  -11.424 12.546  1.00 18.26 ? 152  ASP A CA  1 
ATOM   662  C C   . ASP A 1 93  ? 17.090  -11.867 12.751  1.00 20.98 ? 152  ASP A C   1 
ATOM   663  O O   . ASP A 1 93  ? 17.596  -12.772 12.077  1.00 21.34 ? 152  ASP A O   1 
ATOM   664  C CB  . ASP A 1 93  ? 14.880  -12.352 11.586  1.00 17.63 ? 152  ASP A CB  1 
ATOM   665  C CG  . ASP A 1 93  ? 14.823  -13.795 12.050  1.00 17.52 ? 152  ASP A CG  1 
ATOM   666  O OD1 . ASP A 1 93  ? 15.041  -14.094 13.251  1.00 17.01 ? 152  ASP A OD1 1 
ATOM   667  O OD2 . ASP A 1 93  ? 14.540  -14.647 11.181  1.00 17.48 ? 152  ASP A OD2 1 
ATOM   668  N N   . ASN A 1 94  ? 17.769  -11.232 13.693  1.00 25.00 ? 153  ASN A N   1 
ATOM   669  C CA  . ASN A 1 94  ? 19.217  -11.438 13.801  0.50 28.12 ? 153  ASN A CA  1 
ATOM   670  C C   . ASN A 1 94  ? 19.584  -12.792 14.416  1.00 29.16 ? 153  ASN A C   1 
ATOM   671  O O   . ASN A 1 94  ? 20.639  -13.347 14.099  1.00 30.62 ? 153  ASN A O   1 
ATOM   672  C CB  . ASN A 1 94  ? 19.935  -10.247 14.467  1.00 30.38 ? 153  ASN A CB  1 
ATOM   673  C CG  . ASN A 1 94  ? 19.369  -9.887  15.828  1.00 31.74 ? 153  ASN A CG  1 
ATOM   674  O OD1 . ASN A 1 94  ? 18.190  -10.108 16.112  1.00 33.06 ? 153  ASN A OD1 1 
ATOM   675  N ND2 . ASN A 1 94  ? 20.213  -9.308  16.676  1.00 33.42 ? 153  ASN A ND2 1 
ATOM   676  N N   . ASN A 1 95  ? 18.695  -13.356 15.238  1.00 28.85 ? 154  ASN A N   1 
ATOM   677  C CA  . ASN A 1 95  ? 18.884  -14.729 15.732  1.00 28.97 ? 154  ASN A CA  1 
ATOM   678  C C   . ASN A 1 95  ? 18.348  -15.823 14.788  1.00 28.18 ? 154  ASN A C   1 
ATOM   679  O O   . ASN A 1 95  ? 18.343  -16.999 15.153  1.00 26.92 ? 154  ASN A O   1 
ATOM   680  C CB  . ASN A 1 95  ? 18.361  -14.896 17.180  1.00 29.76 ? 154  ASN A CB  1 
ATOM   681  C CG  . ASN A 1 95  ? 16.858  -14.670 17.317  1.00 32.03 ? 154  ASN A CG  1 
ATOM   682  O OD1 . ASN A 1 95  ? 16.188  -14.162 16.410  1.00 31.01 ? 154  ASN A OD1 1 
ATOM   683  N ND2 . ASN A 1 95  ? 16.323  -15.034 18.483  1.00 33.30 ? 154  ASN A ND2 1 
ATOM   684  N N   . CYS A 1 96  ? 17.912  -15.427 13.585  1.00 27.07 ? 155  CYS A N   1 
ATOM   685  C CA  . CYS A 1 96  ? 17.606  -16.349 12.487  1.00 26.98 ? 155  CYS A CA  1 
ATOM   686  C C   . CYS A 1 96  ? 16.571  -17.410 12.824  1.00 24.78 ? 155  CYS A C   1 
ATOM   687  O O   . CYS A 1 96  ? 16.793  -18.599 12.591  1.00 25.10 ? 155  CYS A O   1 
ATOM   688  C CB  . CYS A 1 96  ? 18.888  -17.034 12.008  1.00 29.95 ? 155  CYS A CB  1 
ATOM   689  S SG  . CYS A 1 96  ? 20.175  -15.865 11.548  1.00 34.98 ? 155  CYS A SG  1 
ATOM   690  N N   . THR A 1 97  ? 15.428  -16.984 13.349  1.00 21.66 ? 156  THR A N   1 
ATOM   691  C CA  . THR A 1 97  ? 14.372  -17.914 13.754  1.00 19.86 ? 156  THR A CA  1 
ATOM   692  C C   . THR A 1 97  ? 13.275  -18.117 12.725  1.00 18.43 ? 156  THR A C   1 
ATOM   693  O O   . THR A 1 97  ? 12.503  -19.065 12.837  1.00 18.24 ? 156  THR A O   1 
ATOM   694  C CB  . THR A 1 97  ? 13.666  -17.425 15.028  1.00 19.93 ? 156  THR A CB  1 
ATOM   695  O OG1 . THR A 1 97  ? 13.004  -16.178 14.759  1.00 19.58 ? 156  THR A OG1 1 
ATOM   696  C CG2 . THR A 1 97  ? 14.661  -17.256 16.167  1.00 20.13 ? 156  THR A CG2 1 
ATOM   697  N N   . GLY A 1 98  ? 13.155  -17.205 11.764  1.00 17.39 ? 157  GLY A N   1 
ATOM   698  C CA  . GLY A 1 98  ? 12.014  -17.215 10.855  1.00 16.62 ? 157  GLY A CA  1 
ATOM   699  C C   . GLY A 1 98  ? 10.777  -16.539 11.435  1.00 15.67 ? 157  GLY A C   1 
ATOM   700  O O   . GLY A 1 98  ? 9.754   -16.429 10.746  1.00 15.15 ? 157  GLY A O   1 
ATOM   701  N N   . TYR A 1 99  ? 10.864  -16.080 12.686  1.00 15.41 ? 158  TYR A N   1 
ATOM   702  C CA  . TYR A 1 99  ? 9.749   -15.391 13.363  1.00 15.22 ? 158  TYR A CA  1 
ATOM   703  C C   . TYR A 1 99  ? 10.169  -14.038 13.893  1.00 14.29 ? 158  TYR A C   1 
ATOM   704  O O   . TYR A 1 99  ? 11.330  -13.835 14.290  1.00 13.94 ? 158  TYR A O   1 
ATOM   705  C CB  . TYR A 1 99  ? 9.248   -16.168 14.577  1.00 16.26 ? 158  TYR A CB  1 
ATOM   706  C CG  . TYR A 1 99  ? 8.767   -17.552 14.294  1.00 17.74 ? 158  TYR A CG  1 
ATOM   707  C CD1 . TYR A 1 99  ? 7.549   -17.785 13.659  1.00 18.40 ? 158  TYR A CD1 1 
ATOM   708  C CD2 . TYR A 1 99  ? 9.524   -18.638 14.686  1.00 19.24 ? 158  TYR A CD2 1 
ATOM   709  C CE1 . TYR A 1 99  ? 7.116   -19.080 13.411  1.00 19.82 ? 158  TYR A CE1 1 
ATOM   710  C CE2 . TYR A 1 99  ? 9.108   -19.923 14.439  1.00 20.52 ? 158  TYR A CE2 1 
ATOM   711  C CZ  . TYR A 1 99  ? 7.926   -20.140 13.794  1.00 20.43 ? 158  TYR A CZ  1 
ATOM   712  O OH  . TYR A 1 99  ? 7.578   -21.441 13.598  1.00 24.27 ? 158  TYR A OH  1 
ATOM   713  N N   . LEU A 1 100 ? 9.198   -13.127 13.907  1.00 12.83 ? 159  LEU A N   1 
ATOM   714  C CA  . LEU A 1 100 ? 9.264   -11.897 14.669  1.00 12.45 ? 159  LEU A CA  1 
ATOM   715  C C   . LEU A 1 100 ? 8.004   -11.839 15.509  1.00 12.65 ? 159  LEU A C   1 
ATOM   716  O O   . LEU A 1 100 ? 6.933   -12.268 15.055  1.00 12.74 ? 159  LEU A O   1 
ATOM   717  C CB  . LEU A 1 100 ? 9.321   -10.679 13.748  1.00 11.86 ? 159  LEU A CB  1 
ATOM   718  C CG  . LEU A 1 100 ? 10.607  -10.516 12.945  1.00 11.43 ? 159  LEU A CG  1 
ATOM   719  C CD1 . LEU A 1 100 ? 10.452  -9.428  11.896  1.00 11.40 ? 159  LEU A CD1 1 
ATOM   720  C CD2 . LEU A 1 100 ? 11.785  -10.244 13.858  1.00 11.27 ? 159  LEU A CD2 1 
ATOM   721  N N   . THR A 1 101 ? 8.107   -11.302 16.717  1.00 12.52 ? 160  THR A N   1 
ATOM   722  C CA  . THR A 1 101 ? 6.920   -11.168 17.556  1.00 12.78 ? 160  THR A CA  1 
ATOM   723  C C   . THR A 1 101 ? 6.035   -10.043 17.010  1.00 13.17 ? 160  THR A C   1 
ATOM   724  O O   . THR A 1 101 ? 6.505   -9.198  16.237  1.00 13.00 ? 160  THR A O   1 
ATOM   725  C CB  . THR A 1 101 ? 7.276   -10.868 19.025  1.00 12.78 ? 160  THR A CB  1 
ATOM   726  O OG1 . THR A 1 101 ? 7.920   -9.588  19.129  1.00 12.28 ? 160  THR A OG1 1 
ATOM   727  C CG2 . THR A 1 101 ? 8.198   -11.935 19.592  1.00 12.53 ? 160  THR A CG2 1 
ATOM   728  N N   . LYS A 1 102 ? 4.772   -10.018 17.428  1.00 13.70 ? 161  LYS A N   1 
ATOM   729  C CA  . LYS A 1 102 ? 3.902   -8.890  17.123  1.00 14.26 ? 161  LYS A CA  1 
ATOM   730  C C   . LYS A 1 102 ? 4.512   -7.563  17.578  1.00 14.11 ? 161  LYS A C   1 
ATOM   731  O O   . LYS A 1 102 ? 4.445   -6.590  16.837  1.00 13.87 ? 161  LYS A O   1 
ATOM   732  C CB  . LYS A 1 102 ? 2.521   -9.070  17.742  1.00 15.29 ? 161  LYS A CB  1 
ATOM   733  C CG  . LYS A 1 102 ? 1.679   -10.109 17.025  1.00 16.30 ? 161  LYS A CG  1 
ATOM   734  C CD  . LYS A 1 102 ? 0.341   -10.322 17.716  1.00 16.99 ? 161  LYS A CD  1 
ATOM   735  C CE  . LYS A 1 102 ? -0.593  -11.098 16.814  1.00 17.46 ? 161  LYS A CE  1 
ATOM   736  N NZ  . LYS A 1 102 ? -1.819  -11.557 17.522  1.00 18.20 ? 161  LYS A NZ  1 
ATOM   737  N N   . SER A 1 103 ? 5.100   -7.510  18.780  1.00 13.84 ? 162  SER A N   1 
ATOM   738  C CA  . SER A 1 103 ? 5.739   -6.268  19.234  1.00 13.71 ? 162  SER A CA  1 
ATOM   739  C C   . SER A 1 103 ? 6.905   -5.849  18.343  1.00 13.22 ? 162  SER A C   1 
ATOM   740  O O   . SER A 1 103 ? 7.044   -4.661  18.037  1.00 12.17 ? 162  SER A O   1 
ATOM   741  C CB  . SER A 1 103 ? 6.196   -6.363  20.689  1.00 14.10 ? 162  SER A CB  1 
ATOM   742  O OG  . SER A 1 103 ? 5.064   -6.476  21.525  1.00 14.21 ? 162  SER A OG  1 
ATOM   743  N N   . GLN A 1 104 ? 7.724   -6.813  17.934  1.00 12.55 ? 163  GLN A N   1 
ATOM   744  C CA  . GLN A 1 104 ? 8.855   -6.535  17.058  1.00 12.95 ? 163  GLN A CA  1 
ATOM   745  C C   . GLN A 1 104 ? 8.370   -6.028  15.705  1.00 13.13 ? 163  GLN A C   1 
ATOM   746  O O   . GLN A 1 104 ? 8.983   -5.144  15.107  1.00 12.55 ? 163  GLN A O   1 
ATOM   747  C CB  . GLN A 1 104 ? 9.712   -7.789  16.875  1.00 12.56 ? 163  GLN A CB  1 
ATOM   748  C CG  . GLN A 1 104 ? 10.603  -8.110  18.063  1.00 12.41 ? 163  GLN A CG  1 
ATOM   749  C CD  . GLN A 1 104 ? 11.241  -9.482  17.959  1.00 12.77 ? 163  GLN A CD  1 
ATOM   750  O OE1 . GLN A 1 104 ? 10.735  -10.364 17.265  1.00 12.39 ? 163  GLN A OE1 1 
ATOM   751  N NE2 . GLN A 1 104 ? 12.360  -9.669  18.650  1.00 12.61 ? 163  GLN A NE2 1 
ATOM   752  N N   . MET A 1 105 ? 7.265   -6.593  15.230  1.00 14.08 ? 164  MET A N   1 
ATOM   753  C CA  . MET A 1 105 ? 6.679   -6.182  13.960  1.00 14.81 ? 164  MET A CA  1 
ATOM   754  C C   . MET A 1 105 ? 6.044   -4.802  14.083  1.00 14.33 ? 164  MET A C   1 
ATOM   755  O O   . MET A 1 105 ? 6.189   -3.959  13.199  1.00 13.56 ? 164  MET A O   1 
ATOM   756  C CB  . MET A 1 105 ? 5.639   -7.202  13.494  1.00 16.11 ? 164  MET A CB  1 
ATOM   757  C CG  . MET A 1 105 ? 6.226   -8.532  13.053  1.00 18.07 ? 164  MET A CG  1 
ATOM   758  S SD  . MET A 1 105 ? 5.014   -9.597  12.251  1.00 21.25 ? 164  MET A SD  1 
ATOM   759  C CE  . MET A 1 105 ? 5.104   -9.003  10.565  1.00 21.02 ? 164  MET A CE  1 
ATOM   760  N N   . LYS A 1 106 ? 5.341   -4.579  15.190  1.00 13.94 ? 165  LYS A N   1 
ATOM   761  C CA  . LYS A 1 106 ? 4.702   -3.294  15.443  1.00 14.19 ? 165  LYS A CA  1 
ATOM   762  C C   . LYS A 1 106 ? 5.737   -2.175  15.462  1.00 14.00 ? 165  LYS A C   1 
ATOM   763  O O   . LYS A 1 106 ? 5.520   -1.105  14.893  1.00 13.37 ? 165  LYS A O   1 
ATOM   764  C CB  . LYS A 1 106 ? 3.938   -3.327  16.768  1.00 14.72 ? 165  LYS A CB  1 
ATOM   765  C CG  . LYS A 1 106 ? 3.124   -2.074  17.046  1.00 14.92 ? 165  LYS A CG  1 
ATOM   766  C CD  . LYS A 1 106 ? 2.603   -2.059  18.474  1.00 15.47 ? 165  LYS A CD  1 
ATOM   767  N N   . ASN A 1 107 ? 6.863   -2.431  16.119  1.00 13.93 ? 166  ASN A N   1 
ATOM   768  C CA  . ASN A 1 107 ? 7.951   -1.450  16.193  1.00 13.81 ? 166  ASN A CA  1 
ATOM   769  C C   . ASN A 1 107 ? 8.502   -1.062  14.819  1.00 13.86 ? 166  ASN A C   1 
ATOM   770  O O   . ASN A 1 107 ? 8.683   0.124   14.512  1.00 14.54 ? 166  ASN A O   1 
ATOM   771  C CB  . ASN A 1 107 ? 9.101   -1.970  17.063  1.00 14.29 ? 166  ASN A CB  1 
ATOM   772  C CG  . ASN A 1 107 ? 8.767   -1.983  18.540  1.00 14.94 ? 166  ASN A CG  1 
ATOM   773  O OD1 . ASN A 1 107 ? 7.798   -1.373  18.979  1.00 15.08 ? 166  ASN A OD1 1 
ATOM   774  N ND2 . ASN A 1 107 ? 9.595   -2.666  19.322  1.00 15.99 ? 166  ASN A ND2 1 
ATOM   775  N N   . ILE A 1 108 ? 8.766   -2.065  13.993  1.00 13.16 ? 167  ILE A N   1 
ATOM   776  C CA  . ILE A 1 108 ? 9.292   -1.830  12.648  1.00 12.92 ? 167  ILE A CA  1 
ATOM   777  C C   . ILE A 1 108 ? 8.305   -0.986  11.833  1.00 12.80 ? 167  ILE A C   1 
ATOM   778  O O   . ILE A 1 108 ? 8.679   0.033   11.238  1.00 13.75 ? 167  ILE A O   1 
ATOM   779  C CB  . ILE A 1 108 ? 9.546   -3.167  11.939  1.00 12.77 ? 167  ILE A CB  1 
ATOM   780  C CG1 . ILE A 1 108 ? 10.713  -3.921  12.631  1.00 12.79 ? 167  ILE A CG1 1 
ATOM   781  C CG2 . ILE A 1 108 ? 9.844   -2.954  10.455  1.00 12.90 ? 167  ILE A CG2 1 
ATOM   782  C CD1 . ILE A 1 108 ? 10.655  -5.421  12.409  1.00 12.65 ? 167  ILE A CD1 1 
ATOM   783  N N   . LEU A 1 109 ? 7.050   -1.407  11.839  1.00 12.50 ? 168  LEU A N   1 
ATOM   784  C CA  . LEU A 1 109 ? 6.031   -0.829  10.969  1.00 12.58 ? 168  LEU A CA  1 
ATOM   785  C C   . LEU A 1 109 ? 5.600   0.591   11.386  1.00 12.41 ? 168  LEU A C   1 
ATOM   786  O O   . LEU A 1 109 ? 5.069   1.344   10.559  1.00 11.93 ? 168  LEU A O   1 
ATOM   787  C CB  . LEU A 1 109 ? 4.810   -1.745  10.936  1.00 12.55 ? 168  LEU A CB  1 
ATOM   788  C CG  . LEU A 1 109 ? 4.963   -3.081  10.207  1.00 12.86 ? 168  LEU A CG  1 
ATOM   789  C CD1 . LEU A 1 109 ? 3.718   -3.916  10.433  1.00 13.37 ? 168  LEU A CD1 1 
ATOM   790  C CD2 . LEU A 1 109 ? 5.202   -2.872  8.717   1.00 13.05 ? 168  LEU A CD2 1 
ATOM   791  N N   . THR A 1 110 ? 5.805   0.934   12.658  1.00 12.34 ? 169  THR A N   1 
ATOM   792  C CA  . THR A 1 110 ? 5.338   2.208   13.225  1.00 12.65 ? 169  THR A CA  1 
ATOM   793  C C   . THR A 1 110 ? 6.440   3.227   13.421  1.00 12.83 ? 169  THR A C   1 
ATOM   794  O O   . THR A 1 110 ? 6.152   4.403   13.659  1.00 12.87 ? 169  THR A O   1 
ATOM   795  C CB  . THR A 1 110 ? 4.633   2.002   14.595  1.00 12.76 ? 169  THR A CB  1 
ATOM   796  O OG1 . THR A 1 110 ? 5.523   1.360   15.510  1.00 13.03 ? 169  THR A OG1 1 
ATOM   797  C CG2 . THR A 1 110 ? 3.389   1.156   14.450  1.00 12.73 ? 169  THR A CG2 1 
ATOM   798  N N   . THR A 1 111 ? 7.696   2.796   13.330  1.00 12.94 ? 170  THR A N   1 
ATOM   799  C CA  . THR A 1 111 ? 8.837   3.666   13.615  1.00 13.34 ? 170  THR A CA  1 
ATOM   800  C C   . THR A 1 111 ? 9.442   4.281   12.366  1.00 13.51 ? 170  THR A C   1 
ATOM   801  O O   . THR A 1 111 ? 9.895   5.418   12.398  1.00 14.14 ? 170  THR A O   1 
ATOM   802  C CB  . THR A 1 111 ? 9.937   2.893   14.373  1.00 13.40 ? 170  THR A CB  1 
ATOM   803  O OG1 . THR A 1 111 ? 9.361   2.276   15.543  1.00 13.20 ? 170  THR A OG1 1 
ATOM   804  C CG2 . THR A 1 111 ? 11.085  3.838   14.770  1.00 13.29 ? 170  THR A CG2 1 
ATOM   805  N N   . TRP A 1 112 ? 9.458   3.540   11.265  1.00 13.85 ? 171  TRP A N   1 
ATOM   806  C CA  . TRP A 1 112 ? 10.159  3.978   10.062  1.00 14.03 ? 171  TRP A CA  1 
ATOM   807  C C   . TRP A 1 112 ? 9.232   3.995   8.836   1.00 13.85 ? 171  TRP A C   1 
ATOM   808  O O   . TRP A 1 112 ? 8.081   3.575   8.925   1.00 13.76 ? 171  TRP A O   1 
ATOM   809  C CB  . TRP A 1 112 ? 11.357  3.067   9.829   1.00 14.30 ? 171  TRP A CB  1 
ATOM   810  C CG  . TRP A 1 112 ? 12.391  3.143   10.925  1.00 14.69 ? 171  TRP A CG  1 
ATOM   811  C CD1 . TRP A 1 112 ? 13.154  4.236   11.272  1.00 14.66 ? 171  TRP A CD1 1 
ATOM   812  C CD2 . TRP A 1 112 ? 12.775  2.092   11.820  1.00 14.53 ? 171  TRP A CD2 1 
ATOM   813  N NE1 . TRP A 1 112 ? 14.005  3.907   12.307  1.00 14.36 ? 171  TRP A NE1 1 
ATOM   814  C CE2 . TRP A 1 112 ? 13.784  2.604   12.666  1.00 14.52 ? 171  TRP A CE2 1 
ATOM   815  C CE3 . TRP A 1 112 ? 12.374  0.758   11.981  1.00 14.47 ? 171  TRP A CE3 1 
ATOM   816  C CZ2 . TRP A 1 112 ? 14.390  1.827   13.658  1.00 14.23 ? 171  TRP A CZ2 1 
ATOM   817  C CZ3 . TRP A 1 112 ? 12.980  0.000   12.947  1.00 14.18 ? 171  TRP A CZ3 1 
ATOM   818  C CH2 . TRP A 1 112 ? 13.976  0.530   13.775  1.00 14.08 ? 171  TRP A CH2 1 
ATOM   819  N N   . GLY A 1 113 ? 9.724   4.535   7.719   1.00 14.02 ? 172  GLY A N   1 
ATOM   820  C CA  . GLY A 1 113 ? 8.982   4.526   6.443   1.00 13.99 ? 172  GLY A CA  1 
ATOM   821  C C   . GLY A 1 113 ? 7.692   5.328   6.479   1.00 13.85 ? 172  GLY A C   1 
ATOM   822  O O   . GLY A 1 113 ? 7.649   6.405   7.075   1.00 13.67 ? 172  GLY A O   1 
ATOM   823  N N   . ASP A 1 114 ? 6.648   4.812   5.830   1.00 13.80 ? 173  ASP A N   1 
ATOM   824  C CA  . ASP A 1 114 ? 5.310   5.417   5.862   1.00 14.00 ? 173  ASP A CA  1 
ATOM   825  C C   . ASP A 1 114 ? 4.596   4.860   7.083   1.00 14.39 ? 173  ASP A C   1 
ATOM   826  O O   . ASP A 1 114 ? 3.663   4.076   6.968   1.00 13.75 ? 173  ASP A O   1 
ATOM   827  C CB  . ASP A 1 114 ? 4.523   5.106   4.577   1.00 14.03 ? 173  ASP A CB  1 
ATOM   828  C CG  . ASP A 1 114 ? 5.107   5.783   3.347   1.00 14.08 ? 173  ASP A CG  1 
ATOM   829  O OD1 . ASP A 1 114 ? 5.849   6.782   3.509   1.00 13.66 ? 173  ASP A OD1 1 
ATOM   830  O OD2 . ASP A 1 114 ? 4.835   5.314   2.208   1.00 14.12 ? 173  ASP A OD2 1 
ATOM   831  N N   . ALA A 1 115 ? 5.064   5.286   8.254   1.00 14.88 ? 174  ALA A N   1 
ATOM   832  C CA  . ALA A 1 115 ? 4.717   4.654   9.529   1.00 15.39 ? 174  ALA A CA  1 
ATOM   833  C C   . ALA A 1 115 ? 3.226   4.454   9.709   1.00 15.18 ? 174  ALA A C   1 
ATOM   834  O O   . ALA A 1 115 ? 2.441   5.383   9.520   1.00 14.96 ? 174  ALA A O   1 
ATOM   835  C CB  . ALA A 1 115 ? 5.265   5.483   10.686  1.00 15.59 ? 174  ALA A CB  1 
ATOM   836  N N   . LEU A 1 116 ? 2.835   3.240   10.070  1.00 14.91 ? 175  LEU A N   1 
ATOM   837  C CA  . LEU A 1 116 ? 1.469   2.987   10.499  1.00 15.76 ? 175  LEU A CA  1 
ATOM   838  C C   . LEU A 1 116 ? 1.290   3.571   11.905  1.00 16.12 ? 175  LEU A C   1 
ATOM   839  O O   . LEU A 1 116 ? 2.271   3.770   12.632  1.00 15.71 ? 175  LEU A O   1 
ATOM   840  C CB  . LEU A 1 116 ? 1.170   1.482   10.516  1.00 16.20 ? 175  LEU A CB  1 
ATOM   841  C CG  . LEU A 1 116 ? 1.360   0.697   9.206   1.00 17.30 ? 175  LEU A CG  1 
ATOM   842  C CD1 . LEU A 1 116 ? 0.985   -0.761  9.411   1.00 17.53 ? 175  LEU A CD1 1 
ATOM   843  C CD2 . LEU A 1 116 ? 0.523   1.291   8.088   1.00 17.98 ? 175  LEU A CD2 1 
ATOM   844  N N   . THR A 1 117 ? 0.048   3.855   12.284  1.00 16.81 ? 176  THR A N   1 
ATOM   845  C CA  . THR A 1 117 ? -0.242  4.138   13.692  1.00 17.36 ? 176  THR A CA  1 
ATOM   846  C C   . THR A 1 117 ? -0.141  2.827   14.458  1.00 17.85 ? 176  THR A C   1 
ATOM   847  O O   . THR A 1 117 ? -0.221  1.748   13.864  1.00 16.36 ? 176  THR A O   1 
ATOM   848  C CB  . THR A 1 117 ? -1.651  4.738   13.907  1.00 17.56 ? 176  THR A CB  1 
ATOM   849  O OG1 . THR A 1 117 ? -2.641  3.748   13.605  1.00 17.23 ? 176  THR A OG1 1 
ATOM   850  C CG2 . THR A 1 117 ? -1.872  5.993   13.022  1.00 18.05 ? 176  THR A CG2 1 
ATOM   851  N N   . ASP A 1 118 ? 0.052   2.922   15.772  1.00 19.00 ? 177  ASP A N   1 
ATOM   852  C CA  . ASP A 1 118 ? 0.086   1.730   16.640  1.00 21.27 ? 177  ASP A CA  1 
ATOM   853  C C   . ASP A 1 118 ? -1.134  0.847   16.408  1.00 20.55 ? 177  ASP A C   1 
ATOM   854  O O   . ASP A 1 118 ? -0.998  -0.364  16.265  1.00 20.53 ? 177  ASP A O   1 
ATOM   855  C CB  . ASP A 1 118 ? 0.151   2.125   18.125  1.00 23.26 ? 177  ASP A CB  1 
ATOM   856  C CG  . ASP A 1 118 ? 1.539   2.485   18.577  1.00 25.27 ? 177  ASP A CG  1 
ATOM   857  O OD1 . ASP A 1 118 ? 2.447   2.648   17.729  1.00 28.30 ? 177  ASP A OD1 1 
ATOM   858  O OD2 . ASP A 1 118 ? 1.735   2.607   19.806  1.00 28.77 ? 177  ASP A OD2 1 
ATOM   859  N N   . GLN A 1 119 ? -2.318  1.461   16.339  1.00 21.05 ? 178  GLN A N   1 
ATOM   860  C CA  . GLN A 1 119 ? -3.569  0.713   16.153  1.00 21.61 ? 178  GLN A CA  1 
ATOM   861  C C   . GLN A 1 119 ? -3.674  0.029   14.792  1.00 20.03 ? 178  GLN A C   1 
ATOM   862  O O   . GLN A 1 119 ? -4.183  -1.084  14.699  1.00 18.88 ? 178  GLN A O   1 
ATOM   863  C CB  . GLN A 1 119 ? -4.791  1.612   16.385  1.00 23.58 ? 178  GLN A CB  1 
ATOM   864  C CG  . GLN A 1 119 ? -6.127  0.876   16.428  1.00 25.88 ? 178  GLN A CG  1 
ATOM   865  C CD  . GLN A 1 119 ? -6.206  -0.160  17.538  1.00 28.79 ? 178  GLN A CD  1 
ATOM   866  O OE1 . GLN A 1 119 ? -6.470  -1.340  17.289  1.00 32.00 ? 178  GLN A OE1 1 
ATOM   867  N NE2 . GLN A 1 119 ? -5.968  0.271   18.769  1.00 29.43 ? 178  GLN A NE2 1 
ATOM   868  N N   . GLU A 1 120 ? -3.195  0.687   13.741  1.00 19.18 ? 179  GLU A N   1 
ATOM   869  C CA  . GLU A 1 120 ? -3.201  0.075   12.410  1.00 18.47 ? 179  GLU A CA  1 
ATOM   870  C C   . GLU A 1 120 ? -2.299  -1.146  12.372  1.00 17.23 ? 179  GLU A C   1 
ATOM   871  O O   . GLU A 1 120 ? -2.693  -2.206  11.875  1.00 15.93 ? 179  GLU A O   1 
ATOM   872  C CB  . GLU A 1 120 ? -2.729  1.080   11.362  1.00 19.21 ? 179  GLU A CB  1 
ATOM   873  C CG  . GLU A 1 120 ? -3.707  2.203   11.104  1.00 19.60 ? 179  GLU A CG  1 
ATOM   874  C CD  . GLU A 1 120 ? -3.166  3.202   10.117  1.00 20.62 ? 179  GLU A CD  1 
ATOM   875  O OE1 . GLU A 1 120 ? -1.964  3.549   10.187  1.00 18.63 ? 179  GLU A OE1 1 
ATOM   876  O OE2 . GLU A 1 120 ? -3.953  3.623   9.246   1.00 23.60 ? 179  GLU A OE2 1 
ATOM   877  N N   . ALA A 1 121 ? -1.089  -1.000  12.908  1.00 16.59 ? 180  ALA A N   1 
ATOM   878  C CA  . ALA A 1 121 ? -0.132  -2.105  12.932  1.00 16.73 ? 180  ALA A CA  1 
ATOM   879  C C   . ALA A 1 121 ? -0.687  -3.269  13.728  1.00 17.04 ? 180  ALA A C   1 
ATOM   880  O O   . ALA A 1 121 ? -0.637  -4.405  13.287  1.00 15.90 ? 180  ALA A O   1 
ATOM   881  C CB  . ALA A 1 121 ? 1.189   -1.669  13.526  1.00 16.57 ? 180  ALA A CB  1 
ATOM   882  N N   . ILE A 1 122 ? -1.209  -2.962  14.909  1.00 18.79 ? 181  ILE A N   1 
ATOM   883  C CA  . ILE A 1 122 ? -1.725  -3.974  15.827  1.00 20.49 ? 181  ILE A CA  1 
ATOM   884  C C   . ILE A 1 122 ? -2.919  -4.709  15.198  1.00 20.14 ? 181  ILE A C   1 
ATOM   885  O O   . ILE A 1 122 ? -3.005  -5.943  15.260  1.00 18.87 ? 181  ILE A O   1 
ATOM   886  C CB  . ILE A 1 122 ? -2.071  -3.318  17.194  1.00 22.12 ? 181  ILE A CB  1 
ATOM   887  C CG1 . ILE A 1 122 ? -0.768  -3.055  17.972  1.00 23.39 ? 181  ILE A CG1 1 
ATOM   888  C CG2 . ILE A 1 122 ? -3.031  -4.180  18.004  1.00 23.83 ? 181  ILE A CG2 1 
ATOM   889  C CD1 . ILE A 1 122 ? -0.876  -2.015  19.072  1.00 23.87 ? 181  ILE A CD1 1 
ATOM   890  N N   . ASP A 1 123 ? -3.824  -3.956  14.574  1.00 20.16 ? 182  ASP A N   1 
ATOM   891  C CA  . ASP A 1 123 ? -4.994  -4.562  13.916  1.00 20.80 ? 182  ASP A CA  1 
ATOM   892  C C   . ASP A 1 123 ? -4.595  -5.452  12.748  1.00 19.65 ? 182  ASP A C   1 
ATOM   893  O O   . ASP A 1 123 ? -5.193  -6.510  12.531  1.00 18.92 ? 182  ASP A O   1 
ATOM   894  C CB  . ASP A 1 123 ? -5.978  -3.487  13.422  1.00 22.65 ? 182  ASP A CB  1 
ATOM   895  C CG  . ASP A 1 123 ? -6.706  -2.770  14.569  1.00 25.00 ? 182  ASP A CG  1 
ATOM   896  O OD1 . ASP A 1 123 ? -6.709  -3.302  15.694  1.00 26.54 ? 182  ASP A OD1 1 
ATOM   897  O OD2 . ASP A 1 123 ? -7.264  -1.662  14.346  1.00 27.29 ? 182  ASP A OD2 1 
ATOM   898  N N   . ALA A 1 124 ? -3.592  -5.018  11.988  1.00 17.92 ? 183  ALA A N   1 
ATOM   899  C CA  . ALA A 1 124 ? -3.115  -5.781  10.838  1.00 17.96 ? 183  ALA A CA  1 
ATOM   900  C C   . ALA A 1 124 ? -2.486  -7.100  11.294  1.00 17.23 ? 183  ALA A C   1 
ATOM   901  O O   . ALA A 1 124 ? -2.738  -8.167  10.715  1.00 16.83 ? 183  ALA A O   1 
ATOM   902  C CB  . ALA A 1 124 ? -2.122  -4.944  10.026  1.00 17.82 ? 183  ALA A CB  1 
ATOM   903  N N   . LEU A 1 125 ? -1.683  -7.028  12.351  1.00 16.83 ? 184  LEU A N   1 
ATOM   904  C CA  . LEU A 1 125 ? -1.013  -8.219  12.888  1.00 17.13 ? 184  LEU A CA  1 
ATOM   905  C C   . LEU A 1 125 ? -2.007  -9.176  13.552  1.00 17.43 ? 184  LEU A C   1 
ATOM   906  O O   . LEU A 1 125 ? -1.924  -10.398 13.372  1.00 16.64 ? 184  LEU A O   1 
ATOM   907  C CB  . LEU A 1 125 ? 0.105   -7.808  13.855  1.00 17.08 ? 184  LEU A CB  1 
ATOM   908  C CG  . LEU A 1 125 ? 1.235   -7.030  13.170  1.00 16.37 ? 184  LEU A CG  1 
ATOM   909  C CD1 . LEU A 1 125 ? 2.088   -6.304  14.213  1.00 16.82 ? 184  LEU A CD1 1 
ATOM   910  C CD2 . LEU A 1 125 ? 2.091   -7.953  12.307  1.00 16.36 ? 184  LEU A CD2 1 
ATOM   911  N N   . ASN A 1 126 ? -2.966  -8.619  14.291  1.00 18.52 ? 185  ASN A N   1 
ATOM   912  C CA  . ASN A 1 126 ? -4.037  -9.426  14.882  1.00 18.96 ? 185  ASN A CA  1 
ATOM   913  C C   . ASN A 1 126 ? -4.974  -10.083 13.858  1.00 19.91 ? 185  ASN A C   1 
ATOM   914  O O   . ASN A 1 126 ? -5.435  -11.205 14.081  1.00 19.79 ? 185  ASN A O   1 
ATOM   915  C CB  . ASN A 1 126 ? -4.822  -8.611  15.914  1.00 19.21 ? 185  ASN A CB  1 
ATOM   916  C CG  . ASN A 1 126 ? -4.023  -8.362  17.187  1.00 18.90 ? 185  ASN A CG  1 
ATOM   917  O OD1 . ASN A 1 126 ? -3.066  -9.072  17.490  1.00 19.71 ? 185  ASN A OD1 1 
ATOM   918  N ND2 . ASN A 1 126 ? -4.414  -7.355  17.934  1.00 18.94 ? 185  ASN A ND2 1 
ATOM   919  N N   . ALA A 1 127 ? -5.221  -9.411  12.729  1.00 20.74 ? 186  ALA A N   1 
ATOM   920  C CA  . ALA A 1 127 ? -6.010  -10.000 11.646  1.00 21.23 ? 186  ALA A CA  1 
ATOM   921  C C   . ALA A 1 127 ? -5.304  -11.203 11.027  1.00 21.23 ? 186  ALA A C   1 
ATOM   922  O O   . ALA A 1 127 ? -5.952  -12.148 10.584  1.00 20.55 ? 186  ALA A O   1 
ATOM   923  C CB  . ALA A 1 127 ? -6.319  -8.961  10.575  1.00 21.98 ? 186  ALA A CB  1 
ATOM   924  N N   . PHE A 1 128 ? -3.971  -11.170 11.004  1.00 21.70 ? 187  PHE A N   1 
ATOM   925  C CA  . PHE A 1 128 ? -3.189  -12.237 10.398  1.00 21.09 ? 187  PHE A CA  1 
ATOM   926  C C   . PHE A 1 128 ? -3.066  -13.457 11.323  1.00 21.45 ? 187  PHE A C   1 
ATOM   927  O O   . PHE A 1 128 ? -3.175  -14.591 10.853  1.00 20.62 ? 187  PHE A O   1 
ATOM   928  C CB  . PHE A 1 128 ? -1.794  -11.738 9.996   1.00 21.19 ? 187  PHE A CB  1 
ATOM   929  C CG  . PHE A 1 128 ? -0.928  -12.810 9.418   1.00 21.41 ? 187  PHE A CG  1 
ATOM   930  C CD1 . PHE A 1 128 ? -1.199  -13.324 8.155   1.00 21.16 ? 187  PHE A CD1 1 
ATOM   931  C CD2 . PHE A 1 128 ? 0.138   -13.337 10.141  1.00 21.61 ? 187  PHE A CD2 1 
ATOM   932  C CE1 . PHE A 1 128 ? -0.416  -14.326 7.617   1.00 21.16 ? 187  PHE A CE1 1 
ATOM   933  C CE2 . PHE A 1 128 ? 0.917   -14.354 9.609   1.00 21.35 ? 187  PHE A CE2 1 
ATOM   934  C CZ  . PHE A 1 128 ? 0.643   -14.841 8.348   1.00 21.17 ? 187  PHE A CZ  1 
ATOM   935  N N   . SER A 1 129 ? -2.824  -13.221 12.614  1.00 20.76 ? 188  SER A N   1 
ATOM   936  C CA  . SER A 1 129 ? -2.533  -14.300 13.559  1.00 21.29 ? 188  SER A CA  1 
ATOM   937  C C   . SER A 1 129 ? -2.994  -14.008 14.979  1.00 20.51 ? 188  SER A C   1 
ATOM   938  O O   . SER A 1 129 ? -2.884  -12.886 15.461  1.00 20.07 ? 188  SER A O   1 
ATOM   939  C CB  . SER A 1 129 ? -1.023  -14.579 13.594  1.00 21.67 ? 188  SER A CB  1 
ATOM   940  O OG  . SER A 1 129 ? -0.703  -15.588 14.546  1.00 21.68 ? 188  SER A OG  1 
ATOM   941  N N   . SER A 1 130 ? -3.468  -15.050 15.660  1.00 20.98 ? 189  SER A N   1 
ATOM   942  C CA  . SER A 1 130 ? -3.789  -14.964 17.085  1.00 20.80 ? 189  SER A CA  1 
ATOM   943  C C   . SER A 1 130 ? -2.578  -15.250 17.992  1.00 20.87 ? 189  SER A C   1 
ATOM   944  O O   . SER A 1 130 ? -2.678  -15.134 19.216  1.00 20.31 ? 189  SER A O   1 
ATOM   945  C CB  . SER A 1 130 ? -4.914  -15.941 17.423  1.00 21.74 ? 189  SER A CB  1 
ATOM   946  O OG  . SER A 1 130 ? -4.519  -17.260 17.099  1.00 22.44 ? 189  SER A OG  1 
ATOM   947  N N   . GLU A 1 131 ? -1.440  -15.615 17.404  1.00 20.37 ? 190  GLU A N   1 
ATOM   948  C CA  . GLU A 1 131 ? -0.244  -15.976 18.178  1.00 20.62 ? 190  GLU A CA  1 
ATOM   949  C C   . GLU A 1 131 ? 0.790   -14.849 18.156  1.00 20.68 ? 190  GLU A C   1 
ATOM   950  O O   . GLU A 1 131 ? 0.851   -14.071 17.210  1.00 20.81 ? 190  GLU A O   1 
ATOM   951  C CB  . GLU A 1 131 ? 0.374   -17.258 17.610  1.00 20.29 ? 190  GLU A CB  1 
ATOM   952  N N   . ASP A 1 132 ? 1.594   -14.775 19.214  1.00 21.05 ? 191  ASP A N   1 
ATOM   953  C CA  . ASP A 1 132 ? 2.600   -13.729 19.391  1.00 20.47 ? 191  ASP A CA  1 
ATOM   954  C C   . ASP A 1 132 ? 3.691   -13.809 18.326  1.00 19.31 ? 191  ASP A C   1 
ATOM   955  O O   . ASP A 1 132 ? 4.121   -12.787 17.796  1.00 18.17 ? 191  ASP A O   1 
ATOM   956  C CB  . ASP A 1 132 ? 3.221   -13.802 20.792  1.00 21.40 ? 191  ASP A CB  1 
ATOM   957  C CG  . ASP A 1 132 ? 2.300   -13.234 21.885  1.00 23.40 ? 191  ASP A CG  1 
ATOM   958  O OD1 . ASP A 1 132 ? 1.311   -12.542 21.550  1.00 23.82 ? 191  ASP A OD1 1 
ATOM   959  O OD2 . ASP A 1 132 ? 2.564   -13.486 23.080  1.00 24.40 ? 191  ASP A OD2 1 
ATOM   960  N N   . ASN A 1 133 ? 4.121   -15.030 18.012  1.00 17.78 ? 192  ASN A N   1 
ATOM   961  C CA  . ASN A 1 133 ? 5.137   -15.237 16.999  1.00 17.05 ? 192  ASN A CA  1 
ATOM   962  C C   . ASN A 1 133 ? 4.508   -15.197 15.633  1.00 16.25 ? 192  ASN A C   1 
ATOM   963  O O   . ASN A 1 133 ? 3.553   -15.927 15.376  1.00 16.12 ? 192  ASN A O   1 
ATOM   964  C CB  . ASN A 1 133 ? 5.826   -16.584 17.178  1.00 17.04 ? 192  ASN A CB  1 
ATOM   965  C CG  . ASN A 1 133 ? 6.733   -16.610 18.383  1.00 17.43 ? 192  ASN A CG  1 
ATOM   966  O OD1 . ASN A 1 133 ? 7.326   -15.600 18.751  1.00 17.53 ? 192  ASN A OD1 1 
ATOM   967  N ND2 . ASN A 1 133 ? 6.843   -17.773 19.007  1.00 17.45 ? 192  ASN A ND2 1 
ATOM   968  N N   . ILE A 1 134 ? 5.060   -14.361 14.761  1.00 15.31 ? 193  ILE A N   1 
ATOM   969  C CA  . ILE A 1 134 ? 4.577   -14.233 13.406  1.00 15.64 ? 193  ILE A CA  1 
ATOM   970  C C   . ILE A 1 134 ? 5.620   -14.793 12.453  1.00 15.04 ? 193  ILE A C   1 
ATOM   971  O O   . ILE A 1 134 ? 6.764   -14.343 12.458  1.00 14.92 ? 193  ILE A O   1 
ATOM   972  C CB  . ILE A 1 134 ? 4.351   -12.759 13.018  1.00 16.08 ? 193  ILE A CB  1 
ATOM   973  C CG1 . ILE A 1 134 ? 3.350   -12.083 13.960  1.00 16.66 ? 193  ILE A CG1 1 
ATOM   974  C CG2 . ILE A 1 134 ? 3.925   -12.651 11.545  1.00 16.24 ? 193  ILE A CG2 1 
ATOM   975  C CD1 . ILE A 1 134 ? 1.946   -12.644 13.917  1.00 17.10 ? 193  ILE A CD1 1 
ATOM   976  N N   . ASP A 1 135 ? 5.215   -15.744 11.616  1.00 14.63 ? 194  ASP A N   1 
ATOM   977  C CA  . ASP A 1 135 ? 6.045   -16.193 10.494  1.00 14.73 ? 194  ASP A CA  1 
ATOM   978  C C   . ASP A 1 135 ? 6.007   -15.077 9.448   1.00 14.16 ? 194  ASP A C   1 
ATOM   979  O O   . ASP A 1 135 ? 4.999   -14.903 8.750   1.00 13.96 ? 194  ASP A O   1 
ATOM   980  C CB  . ASP A 1 135 ? 5.489   -17.506 9.921   1.00 15.51 ? 194  ASP A CB  1 
ATOM   981  C CG  . ASP A 1 135 ? 6.293   -18.037 8.746   1.00 16.16 ? 194  ASP A CG  1 
ATOM   982  O OD1 . ASP A 1 135 ? 6.826   -17.253 7.948   1.00 16.45 ? 194  ASP A OD1 1 
ATOM   983  O OD2 . ASP A 1 135 ? 6.391   -19.272 8.611   1.00 18.22 ? 194  ASP A OD2 1 
ATOM   984  N N   . TYR A 1 136 ? 7.083   -14.300 9.363   1.00 13.50 ? 195  TYR A N   1 
ATOM   985  C CA  . TYR A 1 136 ? 7.045   -13.088 8.553   1.00 12.97 ? 195  TYR A CA  1 
ATOM   986  C C   . TYR A 1 136 ? 7.065   -13.386 7.061   1.00 13.36 ? 195  TYR A C   1 
ATOM   987  O O   . TYR A 1 136 ? 6.607   -12.564 6.265   1.00 13.26 ? 195  TYR A O   1 
ATOM   988  C CB  . TYR A 1 136 ? 8.129   -12.083 8.957   1.00 12.71 ? 195  TYR A CB  1 
ATOM   989  C CG  . TYR A 1 136 ? 9.558   -12.580 8.942   1.00 12.42 ? 195  TYR A CG  1 
ATOM   990  C CD1 . TYR A 1 136 ? 10.290  -12.616 7.761   1.00 12.21 ? 195  TYR A CD1 1 
ATOM   991  C CD2 . TYR A 1 136 ? 10.175  -13.002 10.117  1.00 12.40 ? 195  TYR A CD2 1 
ATOM   992  C CE1 . TYR A 1 136 ? 11.595  -13.054 7.750   1.00 12.60 ? 195  TYR A CE1 1 
ATOM   993  C CE2 . TYR A 1 136 ? 11.489  -13.434 10.123  1.00 12.54 ? 195  TYR A CE2 1 
ATOM   994  C CZ  . TYR A 1 136 ? 12.196  -13.460 8.932   1.00 12.55 ? 195  TYR A CZ  1 
ATOM   995  O OH  . TYR A 1 136 ? 13.497  -13.886 8.926   1.00 12.55 ? 195  TYR A OH  1 
ATOM   996  N N   . LYS A 1 137 ? 7.556   -14.567 6.680   1.00 13.09 ? 196  LYS A N   1 
ATOM   997  C CA  . LYS A 1 137 ? 7.486   -15.010 5.285   1.00 13.48 ? 196  LYS A CA  1 
ATOM   998  C C   . LYS A 1 137 ? 6.052   -15.218 4.866   1.00 13.70 ? 196  LYS A C   1 
ATOM   999  O O   . LYS A 1 137 ? 5.625   -14.707 3.825   1.00 14.00 ? 196  LYS A O   1 
ATOM   1000 C CB  . LYS A 1 137 ? 8.294   -16.305 5.062   1.00 13.20 ? 196  LYS A CB  1 
ATOM   1001 N N   . LEU A 1 138 ? 5.303   -15.952 5.681   1.00 13.79 ? 197  LEU A N   1 
ATOM   1002 C CA  . LEU A 1 138 ? 3.882   -16.131 5.435   1.00 13.76 ? 197  LEU A CA  1 
ATOM   1003 C C   . LEU A 1 138 ? 3.118   -14.801 5.485   1.00 13.42 ? 197  LEU A C   1 
ATOM   1004 O O   . LEU A 1 138 ? 2.220   -14.592 4.681   1.00 13.07 ? 197  LEU A O   1 
ATOM   1005 C CB  . LEU A 1 138 ? 3.266   -17.144 6.417   1.00 14.36 ? 197  LEU A CB  1 
ATOM   1006 C CG  . LEU A 1 138 ? 3.761   -18.588 6.299   1.00 15.00 ? 197  LEU A CG  1 
ATOM   1007 C CD1 . LEU A 1 138 ? 3.131   -19.453 7.376   1.00 15.62 ? 197  LEU A CD1 1 
ATOM   1008 C CD2 . LEU A 1 138 ? 3.492   -19.158 4.905   1.00 15.53 ? 197  LEU A CD2 1 
ATOM   1009 N N   . PHE A 1 139 ? 3.478   -13.911 6.412   1.00 13.11 ? 198  PHE A N   1 
ATOM   1010 C CA  . PHE A 1 139 ? 2.847   -12.576 6.495   1.00 12.98 ? 198  PHE A CA  1 
ATOM   1011 C C   . PHE A 1 139 ? 3.039   -11.784 5.189   1.00 12.80 ? 198  PHE A C   1 
ATOM   1012 O O   . PHE A 1 139 ? 2.082   -11.234 4.641   1.00 13.10 ? 198  PHE A O   1 
ATOM   1013 C CB  . PHE A 1 139 ? 3.394   -11.791 7.701   1.00 12.95 ? 198  PHE A CB  1 
ATOM   1014 C CG  . PHE A 1 139 ? 2.826   -10.399 7.845   1.00 12.84 ? 198  PHE A CG  1 
ATOM   1015 C CD1 . PHE A 1 139 ? 1.555   -10.198 8.374   1.00 12.94 ? 198  PHE A CD1 1 
ATOM   1016 C CD2 . PHE A 1 139 ? 3.583   -9.287  7.494   1.00 13.13 ? 198  PHE A CD2 1 
ATOM   1017 C CE1 . PHE A 1 139 ? 1.042   -8.916  8.520   1.00 13.52 ? 198  PHE A CE1 1 
ATOM   1018 C CE2 . PHE A 1 139 ? 3.072   -7.999  7.624   1.00 13.33 ? 198  PHE A CE2 1 
ATOM   1019 C CZ  . PHE A 1 139 ? 1.800   -7.810  8.135   1.00 13.12 ? 198  PHE A CZ  1 
ATOM   1020 N N   . CYS A 1 140 ? 4.268   -11.738 4.689   1.00 12.65 ? 199  CYS A N   1 
ATOM   1021 C CA  . CYS A 1 140 ? 4.563   -11.040 3.437   1.00 12.85 ? 199  CYS A CA  1 
ATOM   1022 C C   . CYS A 1 140 ? 3.830   -11.667 2.237   1.00 13.79 ? 199  CYS A C   1 
ATOM   1023 O O   . CYS A 1 140 ? 3.404   -10.961 1.319   1.00 13.68 ? 199  CYS A O   1 
ATOM   1024 C CB  . CYS A 1 140 ? 6.058   -11.039 3.160   1.00 12.68 ? 199  CYS A CB  1 
ATOM   1025 S SG  . CYS A 1 140 ? 7.057   -10.064 4.313   1.00 11.51 ? 199  CYS A SG  1 
ATOM   1026 N N   . GLU A 1 141 ? 3.705   -12.992 2.239   1.00 15.21 ? 200  GLU A N   1 
ATOM   1027 C CA  . GLU A 1 141 ? 2.954   -13.691 1.191   1.00 16.76 ? 200  GLU A CA  1 
ATOM   1028 C C   . GLU A 1 141 ? 1.488   -13.254 1.232   1.00 16.55 ? 200  GLU A C   1 
ATOM   1029 O O   . GLU A 1 141 ? 0.891   -12.968 0.196   1.00 16.58 ? 200  GLU A O   1 
ATOM   1030 C CB  . GLU A 1 141 ? 3.135   -15.223 1.315   1.00 18.24 ? 200  GLU A CB  1 
ATOM   1031 C CG  . GLU A 1 141 ? 4.561   -15.653 0.982   1.00 19.86 ? 200  GLU A CG  1 
ATOM   1032 C CD  . GLU A 1 141 ? 4.954   -17.044 1.474   1.00 22.09 ? 200  GLU A CD  1 
ATOM   1033 O OE1 . GLU A 1 141 ? 4.073   -17.833 1.890   1.00 22.85 ? 200  GLU A OE1 1 
ATOM   1034 O OE2 . GLU A 1 141 ? 6.171   -17.344 1.425   1.00 24.21 ? 200  GLU A OE2 1 
ATOM   1035 N N   . ASP A 1 142 ? 0.951   -13.125 2.443   1.00 16.85 ? 201  ASP A N   1 
ATOM   1036 C CA  . ASP A 1 142 ? -0.447  -12.774 2.675   1.00 17.93 ? 201  ASP A CA  1 
ATOM   1037 C C   . ASP A 1 142 ? -0.778  -11.352 2.197   1.00 17.31 ? 201  ASP A C   1 
ATOM   1038 O O   . ASP A 1 142 ? -1.771  -11.141 1.502   1.00 15.39 ? 201  ASP A O   1 
ATOM   1039 C CB  . ASP A 1 142 ? -0.739  -12.890 4.177   1.00 19.51 ? 201  ASP A CB  1 
ATOM   1040 C CG  . ASP A 1 142 ? -2.214  -12.807 4.506   1.00 21.55 ? 201  ASP A CG  1 
ATOM   1041 O OD1 . ASP A 1 142 ? -2.961  -13.720 4.106   1.00 22.95 ? 201  ASP A OD1 1 
ATOM   1042 O OD2 . ASP A 1 142 ? -2.626  -11.847 5.194   1.00 22.18 ? 201  ASP A OD2 1 
ATOM   1043 N N   . ILE A 1 143 ? 0.058   -10.382 2.575   1.00 16.23 ? 202  ILE A N   1 
ATOM   1044 C CA  . ILE A 1 143 ? -0.225  -8.982  2.261   1.00 16.55 ? 202  ILE A CA  1 
ATOM   1045 C C   . ILE A 1 143 ? -0.094  -8.665  0.764   1.00 17.20 ? 202  ILE A C   1 
ATOM   1046 O O   . ILE A 1 143 ? -0.776  -7.787  0.256   1.00 15.96 ? 202  ILE A O   1 
ATOM   1047 C CB  . ILE A 1 143 ? 0.632   -8.002  3.092   1.00 16.17 ? 202  ILE A CB  1 
ATOM   1048 C CG1 . ILE A 1 143 ? 2.130   -8.139  2.793   1.00 15.91 ? 202  ILE A CG1 1 
ATOM   1049 C CG2 . ILE A 1 143 ? 0.380   -8.197  4.581   1.00 16.38 ? 202  ILE A CG2 1 
ATOM   1050 C CD1 . ILE A 1 143 ? 2.974   -7.137  3.559   1.00 15.94 ? 202  ILE A CD1 1 
ATOM   1051 N N   . LEU A 1 144 ? 0.760   -9.406  0.067   1.00 19.49 ? 203  LEU A N   1 
ATOM   1052 C CA  . LEU A 1 144 ? 1.028   -9.154  -1.350  1.00 21.99 ? 203  LEU A CA  1 
ATOM   1053 C C   . LEU A 1 144 ? -0.150  -9.543  -2.245  1.00 24.53 ? 203  LEU A C   1 
ATOM   1054 O O   . LEU A 1 144 ? -0.297  -9.022  -3.349  1.00 25.82 ? 203  LEU A O   1 
ATOM   1055 C CB  . LEU A 1 144 ? 2.286   -9.906  -1.790  1.00 22.63 ? 203  LEU A CB  1 
ATOM   1056 C CG  . LEU A 1 144 ? 2.817   -9.567  -3.178  1.00 24.32 ? 203  LEU A CG  1 
ATOM   1057 C CD1 . LEU A 1 144 ? 3.171   -8.083  -3.257  1.00 24.39 ? 203  LEU A CD1 1 
ATOM   1058 C CD2 . LEU A 1 144 ? 4.001   -10.448 -3.535  1.00 25.15 ? 203  LEU A CD2 1 
ATOM   1059 N N   . GLN A 1 145 ? -0.989  -10.454 -1.775  1.00 26.73 ? 204  GLN A N   1 
ATOM   1060 C CA  . GLN A 1 145 ? -2.088  -10.943 -2.592  1.00 29.25 ? 204  GLN A CA  1 
ATOM   1061 C C   . GLN A 1 145 ? -3.346  -10.090 -2.491  1.00 30.45 ? 204  GLN A C   1 
ATOM   1062 O O   . GLN A 1 145 ? -3.432  -9.145  -1.707  1.00 29.36 ? 204  GLN A O   1 
ATOM   1063 C CB  . GLN A 1 145 ? -2.399  -12.362 -2.204  1.00 30.10 ? 204  GLN A CB  1 
ATOM   1064 C CG  . GLN A 1 145 ? -1.214  -13.281 -2.453  1.00 30.38 ? 204  GLN A CG  1 
ATOM   1065 C CD  . GLN A 1 145 ? -1.535  -14.690 -2.069  1.00 29.94 ? 204  GLN A CD  1 
ATOM   1066 O OE1 . GLN A 1 145 ? -2.638  -15.161 -2.316  1.00 27.80 ? 204  GLN A OE1 1 
ATOM   1067 N NE2 . GLN A 1 145 ? -0.578  -15.377 -1.451  1.00 30.76 ? 204  GLN A NE2 1 
ATOM   1068 O OXT . GLN A 1 145 ? -4.303  -10.345 -3.218  1.00 32.89 ? 204  GLN A OXT 1 
ATOM   1069 N N   . GLY B 2 1   ? 12.221  2.314   1.043   1.00 22.06 ? 802  GLY B N   1 
ATOM   1070 C CA  . GLY B 2 1   ? 12.348  1.243   0.071   1.00 20.55 ? 802  GLY B CA  1 
ATOM   1071 C C   . GLY B 2 1   ? 11.377  0.108   0.331   1.00 19.09 ? 802  GLY B C   1 
ATOM   1072 O O   . GLY B 2 1   ? 10.165  0.317   0.393   1.00 18.75 ? 802  GLY B O   1 
ATOM   1073 N N   . SER B 2 2   ? 11.911  -1.099  0.481   1.00 16.59 ? 803  SER B N   1 
ATOM   1074 C CA  . SER B 2 2   ? 11.088  -2.275  0.735   1.00 15.54 ? 803  SER B CA  1 
ATOM   1075 C C   . SER B 2 2   ? 10.036  -1.993  1.802   1.00 13.64 ? 803  SER B C   1 
ATOM   1076 O O   . SER B 2 2   ? 8.857   -2.298  1.623   1.00 12.55 ? 803  SER B O   1 
ATOM   1077 C CB  . SER B 2 2   ? 11.961  -3.459  1.157   1.00 15.77 ? 803  SER B CB  1 
ATOM   1078 O OG  . SER B 2 2   ? 12.959  -3.054  2.079   1.00 17.80 ? 803  SER B OG  1 
ATOM   1079 N N   . LEU B 2 3   ? 10.471  -1.409  2.915   1.00 12.15 ? 804  LEU B N   1 
ATOM   1080 C CA  . LEU B 2 3   ? 9.568   -1.085  4.013   1.00 11.77 ? 804  LEU B CA  1 
ATOM   1081 C C   . LEU B 2 3   ? 8.287   -0.436  3.501   1.00 10.97 ? 804  LEU B C   1 
ATOM   1082 O O   . LEU B 2 3   ? 7.185   -0.852  3.856   1.00 10.03 ? 804  LEU B O   1 
ATOM   1083 C CB  . LEU B 2 3   ? 10.259  -0.162  5.019   1.00 11.90 ? 804  LEU B CB  1 
ATOM   1084 C CG  . LEU B 2 3   ? 9.447   0.218   6.259   1.00 11.99 ? 804  LEU B CG  1 
ATOM   1085 C CD1 . LEU B 2 3   ? 8.758   -1.006  6.845   1.00 12.26 ? 804  LEU B CD1 1 
ATOM   1086 C CD2 . LEU B 2 3   ? 10.333  0.887   7.299   1.00 12.16 ? 804  LEU B CD2 1 
ATOM   1087 N N   . LEU B 2 4   ? 8.439   0.584   2.663   1.00 10.97 ? 805  LEU B N   1 
ATOM   1088 C CA  . LEU B 2 4   ? 7.280   1.302   2.094   1.00 11.38 ? 805  LEU B CA  1 
ATOM   1089 C C   . LEU B 2 4   ? 6.342   0.378   1.336   1.00 11.09 ? 805  LEU B C   1 
ATOM   1090 O O   . LEU B 2 4   ? 5.126   0.544   1.406   1.00 11.33 ? 805  LEU B O   1 
ATOM   1091 C CB  . LEU B 2 4   ? 7.699   2.420   1.148   1.00 11.60 ? 805  LEU B CB  1 
ATOM   1092 C CG  . LEU B 2 4   ? 8.650   3.497   1.676   1.00 12.14 ? 805  LEU B CG  1 
ATOM   1093 C CD1 . LEU B 2 4   ? 8.676   4.656   0.687   1.00 12.04 ? 805  LEU B CD1 1 
ATOM   1094 C CD2 . LEU B 2 4   ? 8.279   3.990   3.061   1.00 12.35 ? 805  LEU B CD2 1 
ATOM   1095 N N   . ARG B 2 5   ? 6.903   -0.588  0.620   1.00 10.91 ? 806  ARG B N   1 
ATOM   1096 C CA  . ARG B 2 5   ? 6.094   -1.569  -0.097  1.00 10.85 ? 806  ARG B CA  1 
ATOM   1097 C C   . ARG B 2 5   ? 5.312   -2.452  0.876   1.00 10.53 ? 806  ARG B C   1 
ATOM   1098 O O   . ARG B 2 5   ? 4.122   -2.706  0.664   1.00 10.55 ? 806  ARG B O   1 
ATOM   1099 C CB  . ARG B 2 5   ? 6.949   -2.404  -1.066  1.00 11.05 ? 806  ARG B CB  1 
ATOM   1100 C CG  . ARG B 2 5   ? 7.791   -1.603  -2.081  1.00 11.22 ? 806  ARG B CG  1 
ATOM   1101 C CD  . ARG B 2 5   ? 7.006   -0.544  -2.872  1.00 11.12 ? 806  ARG B CD  1 
ATOM   1102 N NE  . ARG B 2 5   ? 5.791   -1.099  -3.459  1.00 11.21 ? 806  ARG B NE  1 
ATOM   1103 C CZ  . ARG B 2 5   ? 4.573   -0.553  -3.423  1.00 11.28 ? 806  ARG B CZ  1 
ATOM   1104 N NH1 . ARG B 2 5   ? 4.351   0.645   -2.867  1.00 11.24 ? 806  ARG B NH1 1 
ATOM   1105 N NH2 . ARG B 2 5   ? 3.560   -1.199  -3.983  1.00 11.01 ? 806  ARG B NH2 1 
ATOM   1106 N N   . VAL B 2 6   ? 5.955   -2.864  1.966   1.00 10.15 ? 807  VAL B N   1 
ATOM   1107 C CA  . VAL B 2 6   ? 5.275   -3.613  3.022   1.00 10.40 ? 807  VAL B CA  1 
ATOM   1108 C C   . VAL B 2 6   ? 4.101   -2.794  3.588   1.00 10.24 ? 807  VAL B C   1 
ATOM   1109 O O   . VAL B 2 6   ? 2.977   -3.283  3.649   1.00 9.85  ? 807  VAL B O   1 
ATOM   1110 C CB  . VAL B 2 6   ? 6.240   -4.040  4.159   1.00 10.45 ? 807  VAL B CB  1 
ATOM   1111 C CG1 . VAL B 2 6   ? 5.476   -4.579  5.356   1.00 10.95 ? 807  VAL B CG1 1 
ATOM   1112 C CG2 . VAL B 2 6   ? 7.216   -5.101  3.677   1.00 10.45 ? 807  VAL B CG2 1 
ATOM   1113 N N   . GLN B 2 7   ? 4.362   -1.544  3.968   1.00 10.32 ? 808  GLN B N   1 
ATOM   1114 C CA  . GLN B 2 7   ? 3.313   -0.693  4.553   1.00 10.34 ? 808  GLN B CA  1 
ATOM   1115 C C   . GLN B 2 7   ? 2.193   -0.447  3.541   1.00 10.12 ? 808  GLN B C   1 
ATOM   1116 O O   . GLN B 2 7   ? 1.027   -0.436  3.898   1.00 10.18 ? 808  GLN B O   1 
ATOM   1117 C CB  . GLN B 2 7   ? 3.913   0.619   5.079   1.00 10.57 ? 808  GLN B CB  1 
ATOM   1118 C CG  . GLN B 2 7   ? 4.856   0.413   6.269   1.00 10.66 ? 808  GLN B CG  1 
ATOM   1119 C CD  . GLN B 2 7   ? 5.882   1.523   6.475   1.00 10.80 ? 808  GLN B CD  1 
ATOM   1120 O OE1 . GLN B 2 7   ? 6.413   2.100   5.522   1.00 10.92 ? 808  GLN B OE1 1 
ATOM   1121 N NE2 . GLN B 2 7   ? 6.194   1.798   7.731   1.00 10.79 ? 808  GLN B NE2 1 
ATOM   1122 N N   . ALA B 2 8   ? 2.559   -0.290  2.274   1.00 9.90  ? 809  ALA B N   1 
ATOM   1123 C CA  . ALA B 2 8   ? 1.599   -0.049  1.216   1.00 9.96  ? 809  ALA B CA  1 
ATOM   1124 C C   . ALA B 2 8   ? 0.648   -1.228  1.059   1.00 10.37 ? 809  ALA B C   1 
ATOM   1125 O O   . ALA B 2 8   ? -0.567  -1.040  0.984   1.00 10.52 ? 809  ALA B O   1 
ATOM   1126 C CB  . ALA B 2 8   ? 2.320   0.254   -0.098  1.00 9.76  ? 809  ALA B CB  1 
ATOM   1127 N N   . HIS B 2 9   ? 1.179   -2.448  1.058   1.00 10.60 ? 810  HIS B N   1 
ATOM   1128 C CA  . HIS B 2 9   ? 0.313   -3.614  0.945   1.00 11.08 ? 810  HIS B CA  1 
ATOM   1129 C C   . HIS B 2 9   ? -0.546  -3.851  2.203   1.00 11.42 ? 810  HIS B C   1 
ATOM   1130 O O   . HIS B 2 9   ? -1.667  -4.333  2.096   1.00 11.61 ? 810  HIS B O   1 
ATOM   1131 C CB  . HIS B 2 9   ? 1.107   -4.850  0.525   1.00 11.19 ? 810  HIS B CB  1 
ATOM   1132 C CG  . HIS B 2 9   ? 1.502   -4.826  -0.926  1.00 11.41 ? 810  HIS B CG  1 
ATOM   1133 N ND1 . HIS B 2 9   ? 0.633   -5.171  -1.933  1.00 11.59 ? 810  HIS B ND1 1 
ATOM   1134 C CD2 . HIS B 2 9   ? 2.654   -4.472  -1.536  1.00 11.61 ? 810  HIS B CD2 1 
ATOM   1135 C CE1 . HIS B 2 9   ? 1.224   -5.028  -3.102  1.00 11.70 ? 810  HIS B CE1 1 
ATOM   1136 N NE2 . HIS B 2 9   ? 2.457   -4.610  -2.890  1.00 11.72 ? 810  HIS B NE2 1 
ATOM   1137 N N   . ILE B 2 10  ? -0.044  -3.489  3.380   1.00 11.88 ? 811  ILE B N   1 
ATOM   1138 C CA  . ILE B 2 10  ? -0.874  -3.572  4.580   1.00 12.14 ? 811  ILE B CA  1 
ATOM   1139 C C   . ILE B 2 10  ? -2.051  -2.588  4.483   1.00 12.26 ? 811  ILE B C   1 
ATOM   1140 O O   . ILE B 2 10  ? -3.188  -2.966  4.741   1.00 12.17 ? 811  ILE B O   1 
ATOM   1141 C CB  . ILE B 2 10  ? -0.080  -3.360  5.874   1.00 11.97 ? 811  ILE B CB  1 
ATOM   1142 C CG1 . ILE B 2 10  ? 0.930   -4.497  6.060   1.00 12.06 ? 811  ILE B CG1 1 
ATOM   1143 C CG2 . ILE B 2 10  ? -1.034  -3.288  7.064   1.00 11.92 ? 811  ILE B CG2 1 
ATOM   1144 C CD1 . ILE B 2 10  ? 1.936   -4.260  7.167   1.00 11.72 ? 811  ILE B CD1 1 
ATOM   1145 N N   . ARG B 2 11  ? -1.786  -1.351  4.073   1.00 12.90 ? 812  ARG B N   1 
ATOM   1146 C CA  . ARG B 2 11  ? -2.864  -0.376  3.890   1.00 13.35 ? 812  ARG B CA  1 
ATOM   1147 C C   . ARG B 2 11  ? -3.888  -0.848  2.856   1.00 13.78 ? 812  ARG B C   1 
ATOM   1148 O O   . ARG B 2 11  ? -5.097  -0.714  3.070   1.00 13.95 ? 812  ARG B O   1 
ATOM   1149 C CB  . ARG B 2 11  ? -2.309  1.005   3.538   1.00 13.34 ? 812  ARG B CB  1 
ATOM   1150 C CG  . ARG B 2 11  ? -1.614  1.692   4.699   1.00 13.51 ? 812  ARG B CG  1 
ATOM   1151 C CD  . ARG B 2 11  ? -1.462  3.199   4.475   1.00 13.81 ? 812  ARG B CD  1 
ATOM   1152 N NE  . ARG B 2 11  ? -0.963  3.852   5.674   1.00 14.35 ? 812  ARG B NE  1 
ATOM   1153 C CZ  . ARG B 2 11  ? 0.326   4.000   5.998   1.00 15.03 ? 812  ARG B CZ  1 
ATOM   1154 N NH1 . ARG B 2 11  ? 1.300   3.564   5.203   1.00 15.04 ? 812  ARG B NH1 1 
ATOM   1155 N NH2 . ARG B 2 11  ? 0.646   4.591   7.142   1.00 15.49 ? 812  ARG B NH2 1 
ATOM   1156 N N   . LYS B 2 12  ? -3.411  -1.445  1.767   1.00 14.08 ? 813  LYS B N   1 
ATOM   1157 C CA  . LYS B 2 12  ? -4.296  -2.037  0.759   1.00 14.83 ? 813  LYS B CA  1 
ATOM   1158 C C   . LYS B 2 12  ? -5.178  -3.131  1.355   1.00 16.34 ? 813  LYS B C   1 
ATOM   1159 O O   . LYS B 2 12  ? -6.410  -3.129  1.161   1.00 16.15 ? 813  LYS B O   1 
ATOM   1160 C CB  . LYS B 2 12  ? -3.473  -2.600  -0.405  1.00 14.17 ? 813  LYS B CB  1 
ATOM   1161 C CG  . LYS B 2 12  ? -4.242  -3.491  -1.384  1.00 13.54 ? 813  LYS B CG  1 
ATOM   1162 C CD  . LYS B 2 12  ? -3.307  -4.405  -2.158  1.00 12.91 ? 813  LYS B CD  1 
ATOM   1163 C CE  . LYS B 2 12  ? -2.953  -5.644  -1.348  1.00 12.53 ? 813  LYS B CE  1 
ATOM   1164 N NZ  . LYS B 2 12  ? -2.043  -6.563  -2.077  1.00 11.95 ? 813  LYS B NZ  1 
ATOM   1165 N N   . LYS B 2 13  ? -4.559  -4.068  2.073   1.00 18.13 ? 814  LYS B N   1 
ATOM   1166 C CA  . LYS B 2 13  ? -5.313  -5.172  2.702   1.00 20.31 ? 814  LYS B CA  1 
ATOM   1167 C C   . LYS B 2 13  ? -6.356  -4.688  3.689   1.00 21.27 ? 814  LYS B C   1 
ATOM   1168 O O   . LYS B 2 13  ? -7.445  -5.249  3.750   1.00 20.78 ? 814  LYS B O   1 
ATOM   1169 C CB  . LYS B 2 13  ? -4.394  -6.171  3.436   1.00 21.10 ? 814  LYS B CB  1 
ATOM   1170 C CG  . LYS B 2 13  ? -3.437  -6.958  2.554   1.00 22.43 ? 814  LYS B CG  1 
ATOM   1171 C CD  . LYS B 2 13  ? -4.128  -7.758  1.450   1.00 24.09 ? 814  LYS B CD  1 
ATOM   1172 C CE  . LYS B 2 13  ? -4.751  -9.050  1.947   1.00 25.32 ? 814  LYS B CE  1 
ATOM   1173 N NZ  . LYS B 2 13  ? -5.001  -9.943  0.786   1.00 26.68 ? 814  LYS B NZ  1 
ATOM   1174 N N   A MET B 2 14  ? -6.045  -3.662  4.471   0.50 22.15 ? 815  MET B N   1 
ATOM   1175 N N   B MET B 2 14  ? -6.012  -3.650  4.455   0.50 22.06 ? 815  MET B N   1 
ATOM   1176 C CA  A MET B 2 14  ? -6.977  -3.243  5.509   0.50 23.74 ? 815  MET B CA  1 
ATOM   1177 C CA  B MET B 2 14  ? -6.889  -3.123  5.504   0.50 23.55 ? 815  MET B CA  1 
ATOM   1178 C C   A MET B 2 14  ? -8.128  -2.368  4.968   0.50 24.08 ? 815  MET B C   1 
ATOM   1179 C C   B MET B 2 14  ? -8.137  -2.427  4.939   0.50 23.96 ? 815  MET B C   1 
ATOM   1180 O O   A MET B 2 14  ? -9.089  -2.108  5.689   0.50 24.32 ? 815  MET B O   1 
ATOM   1181 O O   B MET B 2 14  ? -9.170  -2.363  5.603   0.50 23.93 ? 815  MET B O   1 
ATOM   1182 C CB  A MET B 2 14  ? -6.227  -2.575  6.669   0.50 24.75 ? 815  MET B CB  1 
ATOM   1183 C CB  B MET B 2 14  ? -6.103  -2.180  6.436   0.50 24.65 ? 815  MET B CB  1 
ATOM   1184 C CG  A MET B 2 14  ? -5.252  -3.501  7.407   0.50 25.57 ? 815  MET B CG  1 
ATOM   1185 C CG  B MET B 2 14  ? -5.108  -2.903  7.344   0.50 25.49 ? 815  MET B CG  1 
ATOM   1186 S SD  A MET B 2 14  ? -5.977  -4.878  8.347   0.50 26.80 ? 815  MET B SD  1 
ATOM   1187 S SD  B MET B 2 14  ? -4.405  -1.911  8.683   0.50 27.07 ? 815  MET B SD  1 
ATOM   1188 C CE  A MET B 2 14  ? -5.679  -6.247  7.242   0.50 25.93 ? 815  MET B CE  1 
ATOM   1189 C CE  B MET B 2 14  ? -3.936  -0.428  7.784   0.50 26.12 ? 815  MET B CE  1 
ATOM   1190 N N   . VAL B 2 15  ? -8.047  -1.990  3.692   1.00 24.43 ? 816  VAL B N   1 
ATOM   1191 C CA  . VAL B 2 15  ? -9.168  -1.374  2.990   1.00 26.12 ? 816  VAL B CA  1 
ATOM   1192 C C   . VAL B 2 15  ? -10.122 -2.430  2.441   1.00 28.10 ? 816  VAL B C   1 
ATOM   1193 O O   . VAL B 2 15  ? -9.730  -3.575  2.212   1.00 32.36 ? 816  VAL B O   1 
ATOM   1194 C CB  . VAL B 2 15  ? -8.687  -0.480  1.833   1.00 25.73 ? 816  VAL B CB  1 
ATOM   1195 C CG1 . VAL B 2 15  ? -9.875  0.090   1.074   1.00 26.22 ? 816  VAL B CG1 1 
ATOM   1196 C CG2 . VAL B 2 15  ? -7.798  0.636   2.361   1.00 25.56 ? 816  VAL B CG2 1 
HETATM 1197 O OAI . 3EC C 3 .   ? 12.016  0.969   2.835   1.00 27.16 ? 901  3EC B OAI 1 
HETATM 1198 C CAL . 3EC C 3 .   ? 12.086  2.089   2.333   1.00 26.96 ? 901  3EC B CAL 1 
HETATM 1199 C CAK . 3EC C 3 .   ? 12.018  3.183   3.086   1.00 29.66 ? 901  3EC B CAK 1 
HETATM 1200 O OAJ . 3EC C 3 .   ? 12.024  4.438   2.607   1.00 30.92 ? 901  3EC B OAJ 1 
HETATM 1201 C CAH . 3EC C 3 .   ? 11.937  3.190   4.415   1.00 29.84 ? 901  3EC B CAH 1 
HETATM 1202 C CAG . 3EC C 3 .   ? 11.888  4.466   4.801   1.00 31.85 ? 901  3EC B CAG 1 
HETATM 1203 C CAF . 3EC C 3 .   ? 11.943  5.213   3.701   1.00 33.88 ? 901  3EC B CAF 1 
HETATM 1204 C CAE . 3EC C 3 .   ? 11.915  6.743   3.677   1.00 37.13 ? 901  3EC B CAE 1 
HETATM 1205 S SAD . 3EC C 3 .   ? 11.307  7.423   2.092   1.00 41.39 ? 901  3EC B SAD 1 
HETATM 1206 C CAC . 3EC C 3 .   ? 9.766   8.229   2.661   1.00 39.76 ? 901  3EC B CAC 1 
HETATM 1207 C CAB . 3EC C 3 .   ? 9.148   7.541   3.880   1.00 39.33 ? 901  3EC B CAB 1 
HETATM 1208 N NAA . 3EC C 3 .   ? 8.242   8.451   4.595   1.00 40.32 ? 901  3EC B NAA 1 
HETATM 1209 O O   . HOH D 4 .   ? 3.729   2.856   2.227   1.00 11.51 ? 301  HOH A O   1 
HETATM 1210 O O   . HOH D 4 .   ? 1.839   -4.270  -6.707  1.00 21.06 ? 302  HOH A O   1 
HETATM 1211 O O   . HOH D 4 .   ? -7.091  0.655   12.869  1.00 39.18 ? 303  HOH A O   1 
HETATM 1212 O O   . HOH D 4 .   ? 8.791   -8.958  21.497  1.00 23.60 ? 304  HOH A O   1 
HETATM 1213 O O   . HOH D 4 .   ? 6.816   2.721   -3.044  1.00 13.89 ? 305  HOH A O   1 
HETATM 1214 O O   . HOH D 4 .   ? 14.462  -10.984 16.451  1.00 22.58 ? 306  HOH A O   1 
HETATM 1215 O O   . HOH D 4 .   ? -1.190  5.758   8.817   1.00 18.76 ? 307  HOH A O   1 
HETATM 1216 O O   . HOH D 4 .   ? 9.319   7.704   9.407   1.00 34.07 ? 308  HOH A O   1 
HETATM 1217 O O   . HOH D 4 .   ? 11.697  -16.150 17.190  1.00 21.41 ? 309  HOH A O   1 
HETATM 1218 O O   . HOH D 4 .   ? -0.991  -12.658 20.067  1.00 21.64 ? 310  HOH A O   1 
HETATM 1219 O O   . HOH D 4 .   ? -12.129 13.750  -3.074  1.00 14.05 ? 311  HOH A O   1 
HETATM 1220 O O   . HOH D 4 .   ? 0.535   -16.712 3.802   1.00 27.32 ? 312  HOH A O   1 
HETATM 1221 O O   . HOH D 4 .   ? 9.605   -17.271 8.260   1.00 22.70 ? 313  HOH A O   1 
HETATM 1222 O O   . HOH D 4 .   ? 11.488  -13.001 17.676  1.00 22.90 ? 314  HOH A O   1 
HETATM 1223 O O   . HOH D 4 .   ? -7.939  -4.243  -1.558  1.00 34.27 ? 315  HOH A O   1 
HETATM 1224 O O   . HOH D 4 .   ? -3.505  4.436   6.832   1.00 30.97 ? 316  HOH A O   1 
HETATM 1225 O O   . HOH D 4 .   ? 14.410  -5.666  0.799   1.00 18.68 ? 317  HOH A O   1 
HETATM 1226 O O   . HOH D 4 .   ? -5.711  14.538  -0.041  1.00 19.12 ? 318  HOH A O   1 
HETATM 1227 O O   . HOH D 4 .   ? -12.459 15.507  -13.833 1.00 23.10 ? 319  HOH A O   1 
HETATM 1228 O O   . HOH D 4 .   ? -6.964  4.374   2.151   1.00 17.49 ? 320  HOH A O   1 
HETATM 1229 O O   . HOH D 4 .   ? -5.957  -12.199 16.741  1.00 24.89 ? 321  HOH A O   1 
HETATM 1230 O O   . HOH D 4 .   ? -14.649 4.920   -3.375  1.00 21.99 ? 322  HOH A O   1 
HETATM 1231 O O   . HOH D 4 .   ? -5.829  19.401  -10.651 1.00 25.12 ? 323  HOH A O   1 
HETATM 1232 O O   . HOH D 4 .   ? 7.397   -13.043 -5.526  1.00 20.93 ? 324  HOH A O   1 
HETATM 1233 O O   . HOH D 4 .   ? -3.823  -17.675 13.875  1.00 34.63 ? 325  HOH A O   1 
HETATM 1234 O O   . HOH D 4 .   ? 0.668   5.445   16.745  1.00 29.36 ? 326  HOH A O   1 
HETATM 1235 O O   . HOH D 4 .   ? -5.216  4.126   13.722  1.00 32.33 ? 327  HOH A O   1 
HETATM 1236 O O   . HOH D 4 .   ? 13.617  -13.426 15.659  1.00 19.61 ? 328  HOH A O   1 
HETATM 1237 O O   . HOH D 4 .   ? 1.642   -16.594 13.801  1.00 25.80 ? 329  HOH A O   1 
HETATM 1238 O O   . HOH D 4 .   ? 12.403  5.706   8.251   1.00 27.45 ? 330  HOH A O   1 
HETATM 1239 O O   . HOH D 4 .   ? -2.790  16.877  -16.898 1.00 27.54 ? 331  HOH A O   1 
HETATM 1240 O O   . HOH D 4 .   ? 5.026   -20.961 10.134  1.00 30.42 ? 332  HOH A O   1 
HETATM 1241 O O   . HOH D 4 .   ? 9.575   -23.200 14.185  1.00 35.97 ? 333  HOH A O   1 
HETATM 1242 O O   . HOH D 4 .   ? 3.247   -17.676 19.473  1.00 26.14 ? 334  HOH A O   1 
HETATM 1243 O O   . HOH D 4 .   ? 17.221  -6.593  4.440   1.00 25.35 ? 335  HOH A O   1 
HETATM 1244 O O   . HOH D 4 .   ? -9.846  -4.228  -9.349  1.00 24.63 ? 336  HOH A O   1 
HETATM 1245 O O   . HOH D 4 .   ? -4.866  20.271  -7.272  1.00 30.09 ? 337  HOH A O   1 
HETATM 1246 O O   . HOH D 4 .   ? -2.663  4.197   17.454  1.00 23.76 ? 338  HOH A O   1 
HETATM 1247 O O   . HOH D 4 .   ? -18.335 7.170   -0.556  1.00 38.30 ? 339  HOH A O   1 
HETATM 1248 O O   . HOH D 4 .   ? -10.215 14.707  -16.769 1.00 22.15 ? 340  HOH A O   1 
HETATM 1249 O O   . HOH D 4 .   ? -10.054 13.868  1.211   1.00 22.57 ? 341  HOH A O   1 
HETATM 1250 O O   . HOH D 4 .   ? -6.733  7.239   1.945   1.00 25.50 ? 342  HOH A O   1 
HETATM 1251 O O   . HOH D 4 .   ? 2.760   7.749   8.172   1.00 27.67 ? 343  HOH A O   1 
HETATM 1252 O O   . HOH D 4 .   ? 5.639   2.044   18.135  1.00 32.62 ? 344  HOH A O   1 
HETATM 1253 O O   . HOH D 4 .   ? -15.943 5.366   1.959   1.00 25.13 ? 345  HOH A O   1 
HETATM 1254 O O   . HOH D 4 .   ? 4.604   -9.514  20.943  1.00 26.70 ? 346  HOH A O   1 
HETATM 1255 O O   . HOH D 4 .   ? -2.898  -7.057  20.531  1.00 34.90 ? 347  HOH A O   1 
HETATM 1256 O O   . HOH D 4 .   ? -4.355  -15.190 8.364   1.00 34.84 ? 348  HOH A O   1 
HETATM 1257 O O   . HOH D 4 .   ? 6.520   6.140   -8.130  1.00 26.57 ? 349  HOH A O   1 
HETATM 1258 O O   . HOH D 4 .   ? -19.307 12.622  -6.000  1.00 30.40 ? 350  HOH A O   1 
HETATM 1259 O O   . HOH D 4 .   ? -6.584  -5.721  16.946  1.00 28.40 ? 351  HOH A O   1 
HETATM 1260 O O   . HOH D 4 .   ? 7.254   -20.191 6.015   1.00 35.24 ? 352  HOH A O   1 
HETATM 1261 O O   . HOH D 4 .   ? 9.287   -14.453 17.247  1.00 29.27 ? 353  HOH A O   1 
HETATM 1262 O O   . HOH D 4 .   ? -20.721 7.259   -14.932 1.00 38.98 ? 354  HOH A O   1 
HETATM 1263 O O   . HOH D 4 .   ? -3.130  15.033  0.831   1.00 44.55 ? 355  HOH A O   1 
HETATM 1264 O O   . HOH D 4 .   ? -6.691  -4.394  19.746  1.00 29.94 ? 356  HOH A O   1 
HETATM 1265 O O   . HOH D 4 .   ? 0.623   -1.724  -6.265  1.00 18.63 ? 357  HOH A O   1 
HETATM 1266 O O   . HOH D 4 .   ? 13.918  -8.174  15.979  1.00 22.47 ? 358  HOH A O   1 
HETATM 1267 O O   . HOH D 4 .   ? 5.447   21.142  -7.413  1.00 26.19 ? 359  HOH A O   1 
HETATM 1268 O O   . HOH D 4 .   ? 7.457   -0.356  -10.772 1.00 29.20 ? 360  HOH A O   1 
HETATM 1269 O O   . HOH D 4 .   ? 0.750   6.900   2.989   1.00 38.64 ? 361  HOH A O   1 
HETATM 1270 O O   . HOH D 4 .   ? 5.454   -0.420  -12.120 1.00 28.40 ? 362  HOH A O   1 
HETATM 1271 O O   . HOH D 4 .   ? 7.855   -0.737  -7.883  1.00 32.91 ? 363  HOH A O   1 
HETATM 1272 O O   . HOH E 4 .   ? -1.292  1.315   -0.206  1.00 10.09 ? 1001 HOH B O   1 
HETATM 1273 O O   . HOH E 4 .   ? 9.331   1.770   -2.158  1.00 19.97 ? 1002 HOH B O   1 
HETATM 1274 O O   . HOH E 4 .   ? 12.662  4.718   -0.813  1.00 31.29 ? 1003 HOH B O   1 
HETATM 1275 O O   . HOH E 4 .   ? 1.153   3.144   2.232   1.00 16.78 ? 1004 HOH B O   1 
# 
